data_4X9L
# 
_entry.id   4X9L 
# 
_audit_conform.dict_name       mmcif_pdbx.dic 
_audit_conform.dict_version    5.380 
_audit_conform.dict_location   http://mmcif.pdb.org/dictionaries/ascii/mmcif_pdbx.dic 
# 
loop_
_database_2.database_id 
_database_2.database_code 
_database_2.pdbx_database_accession 
_database_2.pdbx_DOI 
PDB   4X9L         pdb_00004x9l 10.2210/pdb4x9l/pdb 
WWPDB D_1000205283 ?            ?                   
# 
_pdbx_database_status.status_code                     REL 
_pdbx_database_status.status_code_sf                  REL 
_pdbx_database_status.status_code_mr                  ? 
_pdbx_database_status.entry_id                        4X9L 
_pdbx_database_status.recvd_initial_deposition_date   2014-12-11 
_pdbx_database_status.SG_entry                        N 
_pdbx_database_status.deposit_site                    RCSB 
_pdbx_database_status.process_site                    PDBJ 
_pdbx_database_status.status_code_cs                  ? 
_pdbx_database_status.methods_development_category    ? 
_pdbx_database_status.pdb_format_compatible           Y 
_pdbx_database_status.status_code_nmr_data            ? 
# 
loop_
_audit_author.name 
_audit_author.pdbx_ordinal 
'Raman, S.'  1 
'Suguna, K.' 2 
# 
_citation.abstract                  ? 
_citation.abstract_id_CAS           ? 
_citation.book_id_ISBN              ? 
_citation.book_publisher            ? 
_citation.book_publisher_city       ? 
_citation.book_title                ? 
_citation.coordinate_linkage        ? 
_citation.country                   US 
_citation.database_id_Medline       ? 
_citation.details                   ? 
_citation.id                        primary 
_citation.journal_abbrev            'Acta Crystallogr.,Sect.F' 
_citation.journal_id_ASTM           ACSFEN 
_citation.journal_id_CSD            ? 
_citation.journal_id_ISSN           2053-230X 
_citation.journal_full              ? 
_citation.journal_issue             ? 
_citation.journal_volume            71 
_citation.language                  ? 
_citation.page_first                688 
_citation.page_last                 696 
_citation.title                     
'Functional characterization of heat-shock protein 90 from Oryza sativa and crystal structure of its N-terminal domain.' 
_citation.year                      2015 
_citation.database_id_CSD           ? 
_citation.pdbx_database_id_DOI      10.1107/S2053230X15006639 
_citation.pdbx_database_id_PubMed   26057797 
_citation.unpublished_flag          ? 
# 
loop_
_citation_author.citation_id 
_citation_author.name 
_citation_author.ordinal 
_citation_author.identifier_ORCID 
primary 'Raman, S.'  1 ? 
primary 'Suguna, K.' 2 ? 
# 
_cell.angle_alpha                  90.00 
_cell.angle_alpha_esd              ? 
_cell.angle_beta                   90.00 
_cell.angle_beta_esd               ? 
_cell.angle_gamma                  90.00 
_cell.angle_gamma_esd              ? 
_cell.entry_id                     4X9L 
_cell.details                      ? 
_cell.formula_units_Z              ? 
_cell.length_a                     116.870 
_cell.length_a_esd                 ? 
_cell.length_b                     116.870 
_cell.length_b_esd                 ? 
_cell.length_c                     105.340 
_cell.length_c_esd                 ? 
_cell.volume                       ? 
_cell.volume_esd                   ? 
_cell.Z_PDB                        16 
_cell.reciprocal_angle_alpha       ? 
_cell.reciprocal_angle_beta        ? 
_cell.reciprocal_angle_gamma       ? 
_cell.reciprocal_angle_alpha_esd   ? 
_cell.reciprocal_angle_beta_esd    ? 
_cell.reciprocal_angle_gamma_esd   ? 
_cell.reciprocal_length_a          ? 
_cell.reciprocal_length_b          ? 
_cell.reciprocal_length_c          ? 
_cell.reciprocal_length_a_esd      ? 
_cell.reciprocal_length_b_esd      ? 
_cell.reciprocal_length_c_esd      ? 
_cell.pdbx_unique_axis             ? 
# 
_symmetry.entry_id                         4X9L 
_symmetry.cell_setting                     ? 
_symmetry.Int_Tables_number                97 
_symmetry.space_group_name_Hall            ? 
_symmetry.space_group_name_H-M             'I 4 2 2' 
_symmetry.pdbx_full_space_group_name_H-M   ? 
# 
loop_
_entity.id 
_entity.type 
_entity.src_method 
_entity.pdbx_description 
_entity.formula_weight 
_entity.pdbx_number_of_molecules 
_entity.pdbx_ec 
_entity.pdbx_mutation 
_entity.pdbx_fragment 
_entity.details 
1 polymer     man 'Heat shock protein'                           27765.096 1  ? ? 'N-terminal domain, UNP residues 1-216' ? 
2 non-polymer syn 'PHOSPHOMETHYLPHOSPHONIC ACID ADENYLATE ESTER' 505.208   1  ? ? ?                                       ? 
3 non-polymer syn 'TETRAETHYLENE GLYCOL'                         194.226   1  ? ? ?                                       ? 
4 water       nat water                                          18.015    20 ? ? ?                                       ? 
# 
_entity_poly.entity_id                      1 
_entity_poly.type                           'polypeptide(L)' 
_entity_poly.nstd_linkage                   no 
_entity_poly.nstd_monomer                   no 
_entity_poly.pdbx_seq_one_letter_code       
;MGSSHHHHHHSSGLVPRGSHMASMTGGQQMGRGSMASETETFAFQAEINQLLSLIINTFYSNKEIFLRELISNSSDALDK
IRFESLTDKSKLDAQPELFIHIVPDKASNTLSIIDSGVGMTKSDLVNNLGTIARSGTKEFMEALAAGADVSMIGQFGVGF
YSAYLVAERVVVTTKHNDDEQYVWESQAGGSFTVTRDTSGEQLGRGTKITLYLKDDQLEYLEERRLKDLVKKHSEFISYP
ISLWTEKTTE
;
_entity_poly.pdbx_seq_one_letter_code_can   
;MGSSHHHHHHSSGLVPRGSHMASMTGGQQMGRGSMASETETFAFQAEINQLLSLIINTFYSNKEIFLRELISNSSDALDK
IRFESLTDKSKLDAQPELFIHIVPDKASNTLSIIDSGVGMTKSDLVNNLGTIARSGTKEFMEALAAGADVSMIGQFGVGF
YSAYLVAERVVVTTKHNDDEQYVWESQAGGSFTVTRDTSGEQLGRGTKITLYLKDDQLEYLEERRLKDLVKKHSEFISYP
ISLWTEKTTE
;
_entity_poly.pdbx_strand_id                 A 
_entity_poly.pdbx_target_identifier         ? 
# 
loop_
_entity_poly_seq.entity_id 
_entity_poly_seq.num 
_entity_poly_seq.mon_id 
_entity_poly_seq.hetero 
1 1   MET n 
1 2   GLY n 
1 3   SER n 
1 4   SER n 
1 5   HIS n 
1 6   HIS n 
1 7   HIS n 
1 8   HIS n 
1 9   HIS n 
1 10  HIS n 
1 11  SER n 
1 12  SER n 
1 13  GLY n 
1 14  LEU n 
1 15  VAL n 
1 16  PRO n 
1 17  ARG n 
1 18  GLY n 
1 19  SER n 
1 20  HIS n 
1 21  MET n 
1 22  ALA n 
1 23  SER n 
1 24  MET n 
1 25  THR n 
1 26  GLY n 
1 27  GLY n 
1 28  GLN n 
1 29  GLN n 
1 30  MET n 
1 31  GLY n 
1 32  ARG n 
1 33  GLY n 
1 34  SER n 
1 35  MET n 
1 36  ALA n 
1 37  SER n 
1 38  GLU n 
1 39  THR n 
1 40  GLU n 
1 41  THR n 
1 42  PHE n 
1 43  ALA n 
1 44  PHE n 
1 45  GLN n 
1 46  ALA n 
1 47  GLU n 
1 48  ILE n 
1 49  ASN n 
1 50  GLN n 
1 51  LEU n 
1 52  LEU n 
1 53  SER n 
1 54  LEU n 
1 55  ILE n 
1 56  ILE n 
1 57  ASN n 
1 58  THR n 
1 59  PHE n 
1 60  TYR n 
1 61  SER n 
1 62  ASN n 
1 63  LYS n 
1 64  GLU n 
1 65  ILE n 
1 66  PHE n 
1 67  LEU n 
1 68  ARG n 
1 69  GLU n 
1 70  LEU n 
1 71  ILE n 
1 72  SER n 
1 73  ASN n 
1 74  SER n 
1 75  SER n 
1 76  ASP n 
1 77  ALA n 
1 78  LEU n 
1 79  ASP n 
1 80  LYS n 
1 81  ILE n 
1 82  ARG n 
1 83  PHE n 
1 84  GLU n 
1 85  SER n 
1 86  LEU n 
1 87  THR n 
1 88  ASP n 
1 89  LYS n 
1 90  SER n 
1 91  LYS n 
1 92  LEU n 
1 93  ASP n 
1 94  ALA n 
1 95  GLN n 
1 96  PRO n 
1 97  GLU n 
1 98  LEU n 
1 99  PHE n 
1 100 ILE n 
1 101 HIS n 
1 102 ILE n 
1 103 VAL n 
1 104 PRO n 
1 105 ASP n 
1 106 LYS n 
1 107 ALA n 
1 108 SER n 
1 109 ASN n 
1 110 THR n 
1 111 LEU n 
1 112 SER n 
1 113 ILE n 
1 114 ILE n 
1 115 ASP n 
1 116 SER n 
1 117 GLY n 
1 118 VAL n 
1 119 GLY n 
1 120 MET n 
1 121 THR n 
1 122 LYS n 
1 123 SER n 
1 124 ASP n 
1 125 LEU n 
1 126 VAL n 
1 127 ASN n 
1 128 ASN n 
1 129 LEU n 
1 130 GLY n 
1 131 THR n 
1 132 ILE n 
1 133 ALA n 
1 134 ARG n 
1 135 SER n 
1 136 GLY n 
1 137 THR n 
1 138 LYS n 
1 139 GLU n 
1 140 PHE n 
1 141 MET n 
1 142 GLU n 
1 143 ALA n 
1 144 LEU n 
1 145 ALA n 
1 146 ALA n 
1 147 GLY n 
1 148 ALA n 
1 149 ASP n 
1 150 VAL n 
1 151 SER n 
1 152 MET n 
1 153 ILE n 
1 154 GLY n 
1 155 GLN n 
1 156 PHE n 
1 157 GLY n 
1 158 VAL n 
1 159 GLY n 
1 160 PHE n 
1 161 TYR n 
1 162 SER n 
1 163 ALA n 
1 164 TYR n 
1 165 LEU n 
1 166 VAL n 
1 167 ALA n 
1 168 GLU n 
1 169 ARG n 
1 170 VAL n 
1 171 VAL n 
1 172 VAL n 
1 173 THR n 
1 174 THR n 
1 175 LYS n 
1 176 HIS n 
1 177 ASN n 
1 178 ASP n 
1 179 ASP n 
1 180 GLU n 
1 181 GLN n 
1 182 TYR n 
1 183 VAL n 
1 184 TRP n 
1 185 GLU n 
1 186 SER n 
1 187 GLN n 
1 188 ALA n 
1 189 GLY n 
1 190 GLY n 
1 191 SER n 
1 192 PHE n 
1 193 THR n 
1 194 VAL n 
1 195 THR n 
1 196 ARG n 
1 197 ASP n 
1 198 THR n 
1 199 SER n 
1 200 GLY n 
1 201 GLU n 
1 202 GLN n 
1 203 LEU n 
1 204 GLY n 
1 205 ARG n 
1 206 GLY n 
1 207 THR n 
1 208 LYS n 
1 209 ILE n 
1 210 THR n 
1 211 LEU n 
1 212 TYR n 
1 213 LEU n 
1 214 LYS n 
1 215 ASP n 
1 216 ASP n 
1 217 GLN n 
1 218 LEU n 
1 219 GLU n 
1 220 TYR n 
1 221 LEU n 
1 222 GLU n 
1 223 GLU n 
1 224 ARG n 
1 225 ARG n 
1 226 LEU n 
1 227 LYS n 
1 228 ASP n 
1 229 LEU n 
1 230 VAL n 
1 231 LYS n 
1 232 LYS n 
1 233 HIS n 
1 234 SER n 
1 235 GLU n 
1 236 PHE n 
1 237 ILE n 
1 238 SER n 
1 239 TYR n 
1 240 PRO n 
1 241 ILE n 
1 242 SER n 
1 243 LEU n 
1 244 TRP n 
1 245 THR n 
1 246 GLU n 
1 247 LYS n 
1 248 THR n 
1 249 THR n 
1 250 GLU n 
# 
_entity_src_gen.entity_id                          1 
_entity_src_gen.pdbx_src_id                        1 
_entity_src_gen.pdbx_alt_source_flag               sample 
_entity_src_gen.pdbx_seq_type                      'Biological sequence' 
_entity_src_gen.pdbx_beg_seq_num                   1 
_entity_src_gen.pdbx_end_seq_num                   250 
_entity_src_gen.gene_src_common_name               Rice 
_entity_src_gen.gene_src_genus                     ? 
_entity_src_gen.pdbx_gene_src_gene                 'Hsp90, Os09g0482400, Os09g0482610' 
_entity_src_gen.gene_src_species                   ? 
_entity_src_gen.gene_src_strain                    ? 
_entity_src_gen.gene_src_tissue                    ? 
_entity_src_gen.gene_src_tissue_fraction           ? 
_entity_src_gen.gene_src_details                   ? 
_entity_src_gen.pdbx_gene_src_fragment             ? 
_entity_src_gen.pdbx_gene_src_scientific_name      'Oryza sativa subsp. japonica' 
_entity_src_gen.pdbx_gene_src_ncbi_taxonomy_id     39947 
_entity_src_gen.pdbx_gene_src_variant              ? 
_entity_src_gen.pdbx_gene_src_cell_line            ? 
_entity_src_gen.pdbx_gene_src_atcc                 ? 
_entity_src_gen.pdbx_gene_src_organ                ? 
_entity_src_gen.pdbx_gene_src_organelle            ? 
_entity_src_gen.pdbx_gene_src_cell                 ? 
_entity_src_gen.pdbx_gene_src_cellular_location    ? 
_entity_src_gen.host_org_common_name               ? 
_entity_src_gen.pdbx_host_org_scientific_name      'Escherichia coli BL21(DE3)' 
_entity_src_gen.pdbx_host_org_ncbi_taxonomy_id     469008 
_entity_src_gen.host_org_genus                     ? 
_entity_src_gen.pdbx_host_org_gene                 ? 
_entity_src_gen.pdbx_host_org_organ                ? 
_entity_src_gen.host_org_species                   ? 
_entity_src_gen.pdbx_host_org_tissue               ? 
_entity_src_gen.pdbx_host_org_tissue_fraction      ? 
_entity_src_gen.pdbx_host_org_strain               ? 
_entity_src_gen.pdbx_host_org_variant              ? 
_entity_src_gen.pdbx_host_org_cell_line            ? 
_entity_src_gen.pdbx_host_org_atcc                 ? 
_entity_src_gen.pdbx_host_org_culture_collection   ? 
_entity_src_gen.pdbx_host_org_cell                 ? 
_entity_src_gen.pdbx_host_org_organelle            ? 
_entity_src_gen.pdbx_host_org_cellular_location    ? 
_entity_src_gen.pdbx_host_org_vector_type          ? 
_entity_src_gen.pdbx_host_org_vector               ? 
_entity_src_gen.host_org_details                   ? 
_entity_src_gen.expression_system_id               ? 
_entity_src_gen.plasmid_name                       ? 
_entity_src_gen.plasmid_details                    ? 
_entity_src_gen.pdbx_description                   ? 
# 
_struct_ref.id                         1 
_struct_ref.db_name                    UNP 
_struct_ref.db_code                    Q0J0U8_ORYSJ 
_struct_ref.pdbx_db_accession          Q0J0U8 
_struct_ref.pdbx_db_isoform            ? 
_struct_ref.entity_id                  1 
_struct_ref.pdbx_seq_one_letter_code   
;MASETETFAFQAEINQLLSLIINTFYSNKEIFLRELISNSSDALDKIRFESLTDKSKLDAQPELFIHIVPDKASNTLSII
DSGVGMTKSDLVNNLGTIARSGTKEFMEALAAGADVSMIGQFGVGFYSAYLVAERVVVTTKHNDDEQYVWESQAGGSFTV
TRDTSGEQLGRGTKITLYLKDDQLEYLEERRLKDLVKKHSEFISYPISLWTEKTTE
;
_struct_ref.pdbx_align_begin           1 
# 
_struct_ref_seq.align_id                      1 
_struct_ref_seq.ref_id                        1 
_struct_ref_seq.pdbx_PDB_id_code              4X9L 
_struct_ref_seq.pdbx_strand_id                A 
_struct_ref_seq.seq_align_beg                 35 
_struct_ref_seq.pdbx_seq_align_beg_ins_code   ? 
_struct_ref_seq.seq_align_end                 250 
_struct_ref_seq.pdbx_seq_align_end_ins_code   ? 
_struct_ref_seq.pdbx_db_accession             Q0J0U8 
_struct_ref_seq.db_align_beg                  1 
_struct_ref_seq.pdbx_db_align_beg_ins_code    ? 
_struct_ref_seq.db_align_end                  216 
_struct_ref_seq.pdbx_db_align_end_ins_code    ? 
_struct_ref_seq.pdbx_auth_seq_align_beg       1 
_struct_ref_seq.pdbx_auth_seq_align_end       216 
# 
loop_
_struct_ref_seq_dif.align_id 
_struct_ref_seq_dif.pdbx_pdb_id_code 
_struct_ref_seq_dif.mon_id 
_struct_ref_seq_dif.pdbx_pdb_strand_id 
_struct_ref_seq_dif.seq_num 
_struct_ref_seq_dif.pdbx_pdb_ins_code 
_struct_ref_seq_dif.pdbx_seq_db_name 
_struct_ref_seq_dif.pdbx_seq_db_accession_code 
_struct_ref_seq_dif.db_mon_id 
_struct_ref_seq_dif.pdbx_seq_db_seq_num 
_struct_ref_seq_dif.details 
_struct_ref_seq_dif.pdbx_auth_seq_num 
_struct_ref_seq_dif.pdbx_ordinal 
1 4X9L MET A 1  ? UNP Q0J0U8 ? ? 'expression tag' -33 1  
1 4X9L GLY A 2  ? UNP Q0J0U8 ? ? 'expression tag' -32 2  
1 4X9L SER A 3  ? UNP Q0J0U8 ? ? 'expression tag' -31 3  
1 4X9L SER A 4  ? UNP Q0J0U8 ? ? 'expression tag' -30 4  
1 4X9L HIS A 5  ? UNP Q0J0U8 ? ? 'expression tag' -29 5  
1 4X9L HIS A 6  ? UNP Q0J0U8 ? ? 'expression tag' -28 6  
1 4X9L HIS A 7  ? UNP Q0J0U8 ? ? 'expression tag' -27 7  
1 4X9L HIS A 8  ? UNP Q0J0U8 ? ? 'expression tag' -26 8  
1 4X9L HIS A 9  ? UNP Q0J0U8 ? ? 'expression tag' -25 9  
1 4X9L HIS A 10 ? UNP Q0J0U8 ? ? 'expression tag' -24 10 
1 4X9L SER A 11 ? UNP Q0J0U8 ? ? 'expression tag' -23 11 
1 4X9L SER A 12 ? UNP Q0J0U8 ? ? 'expression tag' -22 12 
1 4X9L GLY A 13 ? UNP Q0J0U8 ? ? 'expression tag' -21 13 
1 4X9L LEU A 14 ? UNP Q0J0U8 ? ? 'expression tag' -20 14 
1 4X9L VAL A 15 ? UNP Q0J0U8 ? ? 'expression tag' -19 15 
1 4X9L PRO A 16 ? UNP Q0J0U8 ? ? 'expression tag' -18 16 
1 4X9L ARG A 17 ? UNP Q0J0U8 ? ? 'expression tag' -17 17 
1 4X9L GLY A 18 ? UNP Q0J0U8 ? ? 'expression tag' -16 18 
1 4X9L SER A 19 ? UNP Q0J0U8 ? ? 'expression tag' -15 19 
1 4X9L HIS A 20 ? UNP Q0J0U8 ? ? 'expression tag' -14 20 
1 4X9L MET A 21 ? UNP Q0J0U8 ? ? 'expression tag' -13 21 
1 4X9L ALA A 22 ? UNP Q0J0U8 ? ? 'expression tag' -12 22 
1 4X9L SER A 23 ? UNP Q0J0U8 ? ? 'expression tag' -11 23 
1 4X9L MET A 24 ? UNP Q0J0U8 ? ? 'expression tag' -10 24 
1 4X9L THR A 25 ? UNP Q0J0U8 ? ? 'expression tag' -9  25 
1 4X9L GLY A 26 ? UNP Q0J0U8 ? ? 'expression tag' -8  26 
1 4X9L GLY A 27 ? UNP Q0J0U8 ? ? 'expression tag' -7  27 
1 4X9L GLN A 28 ? UNP Q0J0U8 ? ? 'expression tag' -6  28 
1 4X9L GLN A 29 ? UNP Q0J0U8 ? ? 'expression tag' -5  29 
1 4X9L MET A 30 ? UNP Q0J0U8 ? ? 'expression tag' -4  30 
1 4X9L GLY A 31 ? UNP Q0J0U8 ? ? 'expression tag' -3  31 
1 4X9L ARG A 32 ? UNP Q0J0U8 ? ? 'expression tag' -2  32 
1 4X9L GLY A 33 ? UNP Q0J0U8 ? ? 'expression tag' -1  33 
1 4X9L SER A 34 ? UNP Q0J0U8 ? ? 'expression tag' 0   34 
# 
loop_
_chem_comp.id 
_chem_comp.type 
_chem_comp.mon_nstd_flag 
_chem_comp.name 
_chem_comp.pdbx_synonyms 
_chem_comp.formula 
_chem_comp.formula_weight 
ACP non-polymer         . 'PHOSPHOMETHYLPHOSPHONIC ACID ADENYLATE ESTER' 
;ADENOSINE-5'-[BETA, GAMMA-METHYLENE]TRIPHOSPHATE
;
'C11 H18 N5 O12 P3' 505.208 
ALA 'L-peptide linking' y ALANINE                                        ?                                                  
'C3 H7 N O2'        89.093  
ARG 'L-peptide linking' y ARGININE                                       ?                                                  
'C6 H15 N4 O2 1'    175.209 
ASN 'L-peptide linking' y ASPARAGINE                                     ?                                                  
'C4 H8 N2 O3'       132.118 
ASP 'L-peptide linking' y 'ASPARTIC ACID'                                ?                                                  
'C4 H7 N O4'        133.103 
GLN 'L-peptide linking' y GLUTAMINE                                      ?                                                  
'C5 H10 N2 O3'      146.144 
GLU 'L-peptide linking' y 'GLUTAMIC ACID'                                ?                                                  
'C5 H9 N O4'        147.129 
GLY 'peptide linking'   y GLYCINE                                        ?                                                  
'C2 H5 N O2'        75.067  
HIS 'L-peptide linking' y HISTIDINE                                      ?                                                  
'C6 H10 N3 O2 1'    156.162 
HOH non-polymer         . WATER                                          ?                                                  'H2 O' 
18.015  
ILE 'L-peptide linking' y ISOLEUCINE                                     ?                                                  
'C6 H13 N O2'       131.173 
LEU 'L-peptide linking' y LEUCINE                                        ?                                                  
'C6 H13 N O2'       131.173 
LYS 'L-peptide linking' y LYSINE                                         ?                                                  
'C6 H15 N2 O2 1'    147.195 
MET 'L-peptide linking' y METHIONINE                                     ?                                                  
'C5 H11 N O2 S'     149.211 
PG4 non-polymer         . 'TETRAETHYLENE GLYCOL'                         ?                                                  
'C8 H18 O5'         194.226 
PHE 'L-peptide linking' y PHENYLALANINE                                  ?                                                  
'C9 H11 N O2'       165.189 
PRO 'L-peptide linking' y PROLINE                                        ?                                                  
'C5 H9 N O2'        115.130 
SER 'L-peptide linking' y SERINE                                         ?                                                  
'C3 H7 N O3'        105.093 
THR 'L-peptide linking' y THREONINE                                      ?                                                  
'C4 H9 N O3'        119.119 
TRP 'L-peptide linking' y TRYPTOPHAN                                     ?                                                  
'C11 H12 N2 O2'     204.225 
TYR 'L-peptide linking' y TYROSINE                                       ?                                                  
'C9 H11 N O3'       181.189 
VAL 'L-peptide linking' y VALINE                                         ?                                                  
'C5 H11 N O2'       117.146 
# 
_exptl.absorpt_coefficient_mu     ? 
_exptl.absorpt_correction_T_max   ? 
_exptl.absorpt_correction_T_min   ? 
_exptl.absorpt_correction_type    ? 
_exptl.absorpt_process_details    ? 
_exptl.entry_id                   4X9L 
_exptl.crystals_number            ? 
_exptl.details                    ? 
_exptl.method                     'X-RAY DIFFRACTION' 
_exptl.method_details             ? 
# 
_exptl_crystal.colour                      ? 
_exptl_crystal.density_diffrn              ? 
_exptl_crystal.density_Matthews            3.40 
_exptl_crystal.density_method              ? 
_exptl_crystal.density_percent_sol         62 
_exptl_crystal.description                 ? 
_exptl_crystal.F_000                       ? 
_exptl_crystal.id                          1 
_exptl_crystal.preparation                 ? 
_exptl_crystal.size_max                    ? 
_exptl_crystal.size_mid                    ? 
_exptl_crystal.size_min                    ? 
_exptl_crystal.size_rad                    ? 
_exptl_crystal.colour_lustre               ? 
_exptl_crystal.colour_modifier             ? 
_exptl_crystal.colour_primary              ? 
_exptl_crystal.density_meas                ? 
_exptl_crystal.density_meas_esd            ? 
_exptl_crystal.density_meas_gt             ? 
_exptl_crystal.density_meas_lt             ? 
_exptl_crystal.density_meas_temp           ? 
_exptl_crystal.density_meas_temp_esd       ? 
_exptl_crystal.density_meas_temp_gt        ? 
_exptl_crystal.density_meas_temp_lt        ? 
_exptl_crystal.pdbx_crystal_image_url      ? 
_exptl_crystal.pdbx_crystal_image_format   ? 
_exptl_crystal.pdbx_mosaicity              ? 
_exptl_crystal.pdbx_mosaicity_esd          ? 
# 
_exptl_crystal_grow.apparatus       ? 
_exptl_crystal_grow.atmosphere      ? 
_exptl_crystal_grow.crystal_id      1 
_exptl_crystal_grow.details         ? 
_exptl_crystal_grow.method          'VAPOR DIFFUSION, HANGING DROP' 
_exptl_crystal_grow.method_ref      ? 
_exptl_crystal_grow.pH              8 
_exptl_crystal_grow.pressure        ? 
_exptl_crystal_grow.pressure_esd    ? 
_exptl_crystal_grow.seeding         ? 
_exptl_crystal_grow.seeding_ref     ? 
_exptl_crystal_grow.temp            290 
_exptl_crystal_grow.temp_details    ? 
_exptl_crystal_grow.temp_esd        ? 
_exptl_crystal_grow.time            ? 
_exptl_crystal_grow.pdbx_details    '0.1M Tris, PEG 400, Ammonium sulphate' 
_exptl_crystal_grow.pdbx_pH_range   '7 - 8.5' 
# 
_diffrn.ambient_environment    ? 
_diffrn.ambient_temp           100 
_diffrn.ambient_temp_details   ? 
_diffrn.ambient_temp_esd       ? 
_diffrn.crystal_id             1 
_diffrn.crystal_support        ? 
_diffrn.crystal_treatment      ? 
_diffrn.details                ? 
_diffrn.id                     1 
_diffrn.ambient_pressure       ? 
_diffrn.ambient_pressure_esd   ? 
_diffrn.ambient_pressure_gt    ? 
_diffrn.ambient_pressure_lt    ? 
_diffrn.ambient_temp_gt        ? 
_diffrn.ambient_temp_lt        ? 
# 
_diffrn_detector.details                      ? 
_diffrn_detector.detector                     CCD 
_diffrn_detector.diffrn_id                    1 
_diffrn_detector.type                         'MARMOSAIC 225 mm CCD' 
_diffrn_detector.area_resol_mean              ? 
_diffrn_detector.dtime                        ? 
_diffrn_detector.pdbx_frames_total            ? 
_diffrn_detector.pdbx_collection_time_total   ? 
_diffrn_detector.pdbx_collection_date         2012-11-25 
# 
_diffrn_radiation.collimation                      ? 
_diffrn_radiation.diffrn_id                        1 
_diffrn_radiation.filter_edge                      ? 
_diffrn_radiation.inhomogeneity                    ? 
_diffrn_radiation.monochromator                    'Si(111)' 
_diffrn_radiation.polarisn_norm                    ? 
_diffrn_radiation.polarisn_ratio                   ? 
_diffrn_radiation.probe                            ? 
_diffrn_radiation.type                             ? 
_diffrn_radiation.xray_symbol                      ? 
_diffrn_radiation.wavelength_id                    1 
_diffrn_radiation.pdbx_monochromatic_or_laue_m_l   M 
_diffrn_radiation.pdbx_wavelength_list             ? 
_diffrn_radiation.pdbx_wavelength                  ? 
_diffrn_radiation.pdbx_diffrn_protocol             'SINGLE WAVELENGTH' 
_diffrn_radiation.pdbx_analyzer                    ? 
_diffrn_radiation.pdbx_scattering_type             x-ray 
# 
_diffrn_radiation_wavelength.id           1 
_diffrn_radiation_wavelength.wavelength   0.953725 
_diffrn_radiation_wavelength.wt           1.0 
# 
_diffrn_source.current                     ? 
_diffrn_source.details                     ? 
_diffrn_source.diffrn_id                   1 
_diffrn_source.power                       ? 
_diffrn_source.size                        ? 
_diffrn_source.source                      SYNCHROTRON 
_diffrn_source.target                      ? 
_diffrn_source.type                        'ESRF BEAMLINE BM14' 
_diffrn_source.voltage                     ? 
_diffrn_source.take-off_angle              ? 
_diffrn_source.pdbx_wavelength_list        0.953725 
_diffrn_source.pdbx_wavelength             ? 
_diffrn_source.pdbx_synchrotron_beamline   BM14 
_diffrn_source.pdbx_synchrotron_site       ESRF 
# 
_reflns.B_iso_Wilson_estimate            ? 
_reflns.entry_id                         4X9L 
_reflns.data_reduction_details           ? 
_reflns.data_reduction_method            ? 
_reflns.d_resolution_high                3.1 
_reflns.d_resolution_low                 58.44 
_reflns.details                          ? 
_reflns.limit_h_max                      ? 
_reflns.limit_h_min                      ? 
_reflns.limit_k_max                      ? 
_reflns.limit_k_min                      ? 
_reflns.limit_l_max                      ? 
_reflns.limit_l_min                      ? 
_reflns.number_all                       ? 
_reflns.number_obs                       6890 
_reflns.observed_criterion               ? 
_reflns.observed_criterion_F_max         ? 
_reflns.observed_criterion_F_min         ? 
_reflns.observed_criterion_I_max         ? 
_reflns.observed_criterion_I_min         ? 
_reflns.observed_criterion_sigma_F       ? 
_reflns.observed_criterion_sigma_I       ? 
_reflns.percent_possible_obs             100 
_reflns.R_free_details                   ? 
_reflns.Rmerge_F_all                     ? 
_reflns.Rmerge_F_obs                     ? 
_reflns.Friedel_coverage                 ? 
_reflns.number_gt                        ? 
_reflns.threshold_expression             ? 
_reflns.pdbx_redundancy                  11 
_reflns.pdbx_Rmerge_I_obs                0.133 
_reflns.pdbx_Rmerge_I_all                ? 
_reflns.pdbx_Rsym_value                  ? 
_reflns.pdbx_netI_over_av_sigmaI         ? 
_reflns.pdbx_netI_over_sigmaI            12.8 
_reflns.pdbx_res_netI_over_av_sigmaI_2   ? 
_reflns.pdbx_res_netI_over_sigmaI_2      ? 
_reflns.pdbx_chi_squared                 ? 
_reflns.pdbx_scaling_rejects             ? 
_reflns.pdbx_d_res_high_opt              ? 
_reflns.pdbx_d_res_low_opt               ? 
_reflns.pdbx_d_res_opt_method            ? 
_reflns.phase_calculation_details        ? 
_reflns.pdbx_Rrim_I_all                  ? 
_reflns.pdbx_Rpim_I_all                  ? 
_reflns.pdbx_d_opt                       ? 
_reflns.pdbx_number_measured_all         ? 
_reflns.pdbx_diffrn_id                   1 
_reflns.pdbx_ordinal                     1 
_reflns.pdbx_CC_half                     ? 
_reflns.pdbx_R_split                     ? 
# 
_reflns_shell.d_res_high                  3.10 
_reflns_shell.d_res_low                   3.27 
_reflns_shell.meanI_over_sigI_all         ? 
_reflns_shell.meanI_over_sigI_obs         3.0 
_reflns_shell.number_measured_all         ? 
_reflns_shell.number_measured_obs         ? 
_reflns_shell.number_possible             ? 
_reflns_shell.number_unique_all           ? 
_reflns_shell.number_unique_obs           ? 
_reflns_shell.percent_possible_all        100 
_reflns_shell.percent_possible_obs        ? 
_reflns_shell.Rmerge_F_all                ? 
_reflns_shell.Rmerge_F_obs                ? 
_reflns_shell.Rmerge_I_all                ? 
_reflns_shell.Rmerge_I_obs                0.836 
_reflns_shell.meanI_over_sigI_gt          ? 
_reflns_shell.meanI_over_uI_all           ? 
_reflns_shell.meanI_over_uI_gt            ? 
_reflns_shell.number_measured_gt          ? 
_reflns_shell.number_unique_gt            ? 
_reflns_shell.percent_possible_gt         ? 
_reflns_shell.Rmerge_F_gt                 ? 
_reflns_shell.Rmerge_I_gt                 ? 
_reflns_shell.pdbx_redundancy             11.3 
_reflns_shell.pdbx_Rsym_value             ? 
_reflns_shell.pdbx_chi_squared            ? 
_reflns_shell.pdbx_netI_over_sigmaI_all   ? 
_reflns_shell.pdbx_netI_over_sigmaI_obs   ? 
_reflns_shell.pdbx_Rrim_I_all             ? 
_reflns_shell.pdbx_Rpim_I_all             ? 
_reflns_shell.pdbx_rejects                ? 
_reflns_shell.pdbx_ordinal                1 
_reflns_shell.pdbx_diffrn_id              1 
_reflns_shell.pdbx_CC_half                ? 
_reflns_shell.pdbx_R_split                ? 
# 
_refine.aniso_B[1][1]                            2.3704 
_refine.aniso_B[1][2]                            -0.0000 
_refine.aniso_B[1][3]                            -0.0000 
_refine.aniso_B[2][2]                            2.3704 
_refine.aniso_B[2][3]                            -0.0000 
_refine.aniso_B[3][3]                            -4.7408 
_refine.B_iso_max                                ? 
_refine.B_iso_mean                               ? 
_refine.B_iso_min                                ? 
_refine.correlation_coeff_Fo_to_Fc               ? 
_refine.correlation_coeff_Fo_to_Fc_free          ? 
_refine.details                                  ? 
_refine.diff_density_max                         ? 
_refine.diff_density_max_esd                     ? 
_refine.diff_density_min                         ? 
_refine.diff_density_min_esd                     ? 
_refine.diff_density_rms                         ? 
_refine.diff_density_rms_esd                     ? 
_refine.entry_id                                 4X9L 
_refine.pdbx_refine_id                           'X-RAY DIFFRACTION' 
_refine.ls_abs_structure_details                 ? 
_refine.ls_abs_structure_Flack                   ? 
_refine.ls_abs_structure_Flack_esd               ? 
_refine.ls_abs_structure_Rogers                  ? 
_refine.ls_abs_structure_Rogers_esd              ? 
_refine.ls_d_res_high                            3.100 
_refine.ls_d_res_low                             44.416 
_refine.ls_extinction_coef                       ? 
_refine.ls_extinction_coef_esd                   ? 
_refine.ls_extinction_expression                 ? 
_refine.ls_extinction_method                     ? 
_refine.ls_goodness_of_fit_all                   ? 
_refine.ls_goodness_of_fit_all_esd               ? 
_refine.ls_goodness_of_fit_obs                   ? 
_refine.ls_goodness_of_fit_obs_esd               ? 
_refine.ls_hydrogen_treatment                    ? 
_refine.ls_matrix_type                           ? 
_refine.ls_number_constraints                    ? 
_refine.ls_number_parameters                     ? 
_refine.ls_number_reflns_all                     ? 
_refine.ls_number_reflns_obs                     6886 
_refine.ls_number_reflns_R_free                  329 
_refine.ls_number_reflns_R_work                  ? 
_refine.ls_number_restraints                     ? 
_refine.ls_percent_reflns_obs                    99.85 
_refine.ls_percent_reflns_R_free                 4.78 
_refine.ls_R_factor_all                          ? 
_refine.ls_R_factor_obs                          0.2475 
_refine.ls_R_factor_R_free                       0.2917 
_refine.ls_R_factor_R_free_error                 ? 
_refine.ls_R_factor_R_free_error_details         ? 
_refine.ls_R_factor_R_work                       0.2451 
_refine.ls_R_Fsqd_factor_obs                     ? 
_refine.ls_R_I_factor_obs                        ? 
_refine.ls_redundancy_reflns_all                 ? 
_refine.ls_redundancy_reflns_obs                 ? 
_refine.ls_restrained_S_all                      ? 
_refine.ls_restrained_S_obs                      ? 
_refine.ls_shift_over_esd_max                    ? 
_refine.ls_shift_over_esd_mean                   ? 
_refine.ls_structure_factor_coef                 ? 
_refine.ls_weighting_details                     ? 
_refine.ls_weighting_scheme                      ? 
_refine.ls_wR_factor_all                         ? 
_refine.ls_wR_factor_obs                         ? 
_refine.ls_wR_factor_R_free                      ? 
_refine.ls_wR_factor_R_work                      ? 
_refine.occupancy_max                            ? 
_refine.occupancy_min                            ? 
_refine.solvent_model_details                    'FLAT BULK SOLVENT MODEL' 
_refine.solvent_model_param_bsol                 71.831 
_refine.solvent_model_param_ksol                 0.317 
_refine.ls_R_factor_gt                           ? 
_refine.ls_goodness_of_fit_gt                    ? 
_refine.ls_goodness_of_fit_ref                   ? 
_refine.ls_shift_over_su_max                     ? 
_refine.ls_shift_over_su_max_lt                  ? 
_refine.ls_shift_over_su_mean                    ? 
_refine.ls_shift_over_su_mean_lt                 ? 
_refine.pdbx_ls_sigma_I                          ? 
_refine.pdbx_ls_sigma_F                          1.34 
_refine.pdbx_ls_sigma_Fsqd                       ? 
_refine.pdbx_data_cutoff_high_absF               ? 
_refine.pdbx_data_cutoff_high_rms_absF           ? 
_refine.pdbx_data_cutoff_low_absF                ? 
_refine.pdbx_isotropic_thermal_model             ? 
_refine.pdbx_ls_cross_valid_method               'FREE R-VALUE' 
_refine.pdbx_method_to_determine_struct          'MOLECULAR REPLACEMENT' 
_refine.pdbx_starting_model                      2JKI 
_refine.pdbx_stereochemistry_target_values       ML 
_refine.pdbx_R_Free_selection_details            ? 
_refine.pdbx_stereochem_target_val_spec_case     ? 
_refine.pdbx_overall_ESU_R                       ? 
_refine.pdbx_overall_ESU_R_Free                  ? 
_refine.pdbx_solvent_vdw_probe_radii             1.30 
_refine.pdbx_solvent_ion_probe_radii             ? 
_refine.pdbx_solvent_shrinkage_radii             1.11 
_refine.pdbx_real_space_R                        ? 
_refine.pdbx_density_correlation                 ? 
_refine.pdbx_pd_number_of_powder_patterns        ? 
_refine.pdbx_pd_number_of_points                 ? 
_refine.pdbx_pd_meas_number_of_points            ? 
_refine.pdbx_pd_proc_ls_prof_R_factor            ? 
_refine.pdbx_pd_proc_ls_prof_wR_factor           ? 
_refine.pdbx_pd_Marquardt_correlation_coeff      ? 
_refine.pdbx_pd_Fsqrd_R_factor                   ? 
_refine.pdbx_pd_ls_matrix_band_width             ? 
_refine.pdbx_overall_phase_error                 34.14 
_refine.pdbx_overall_SU_R_free_Cruickshank_DPI   ? 
_refine.pdbx_overall_SU_R_free_Blow_DPI          ? 
_refine.pdbx_overall_SU_R_Blow_DPI               ? 
_refine.pdbx_TLS_residual_ADP_flag               ? 
_refine.pdbx_diffrn_id                           1 
_refine.overall_SU_B                             ? 
_refine.overall_SU_ML                            0.36 
_refine.overall_SU_R_Cruickshank_DPI             ? 
_refine.overall_SU_R_free                        ? 
_refine.overall_FOM_free_R_set                   ? 
_refine.overall_FOM_work_R_set                   ? 
_refine.pdbx_average_fsc_overall                 ? 
_refine.pdbx_average_fsc_work                    ? 
_refine.pdbx_average_fsc_free                    ? 
# 
_refine_hist.pdbx_refine_id                   'X-RAY DIFFRACTION' 
_refine_hist.cycle_id                         LAST 
_refine_hist.pdbx_number_atoms_protein        1577 
_refine_hist.pdbx_number_atoms_nucleic_acid   0 
_refine_hist.pdbx_number_atoms_ligand         44 
_refine_hist.number_atoms_solvent             20 
_refine_hist.number_atoms_total               1641 
_refine_hist.d_res_high                       3.100 
_refine_hist.d_res_low                        44.416 
# 
loop_
_refine_ls_restr.pdbx_refine_id 
_refine_ls_restr.criterion 
_refine_ls_restr.dev_ideal 
_refine_ls_restr.dev_ideal_target 
_refine_ls_restr.number 
_refine_ls_restr.rejects 
_refine_ls_restr.type 
_refine_ls_restr.weight 
_refine_ls_restr.pdbx_restraint_function 
'X-RAY DIFFRACTION' ? 0.009  ? 1647 ? f_bond_d           ? ? 
'X-RAY DIFFRACTION' ? 1.453  ? 2237 ? f_angle_d          ? ? 
'X-RAY DIFFRACTION' ? 19.251 ? 586  ? f_dihedral_angle_d ? ? 
'X-RAY DIFFRACTION' ? 0.088  ? 260  ? f_chiral_restr     ? ? 
'X-RAY DIFFRACTION' ? 0.005  ? 281  ? f_plane_restr      ? ? 
# 
loop_
_refine_ls_shell.pdbx_refine_id 
_refine_ls_shell.d_res_high 
_refine_ls_shell.d_res_low 
_refine_ls_shell.number_reflns_all 
_refine_ls_shell.number_reflns_obs 
_refine_ls_shell.number_reflns_R_free 
_refine_ls_shell.number_reflns_R_work 
_refine_ls_shell.percent_reflns_obs 
_refine_ls_shell.percent_reflns_R_free 
_refine_ls_shell.R_factor_all 
_refine_ls_shell.R_factor_obs 
_refine_ls_shell.R_factor_R_free 
_refine_ls_shell.R_factor_R_free_error 
_refine_ls_shell.R_factor_R_work 
_refine_ls_shell.redundancy_reflns_all 
_refine_ls_shell.redundancy_reflns_obs 
_refine_ls_shell.wR_factor_all 
_refine_ls_shell.wR_factor_obs 
_refine_ls_shell.wR_factor_R_free 
_refine_ls_shell.wR_factor_R_work 
_refine_ls_shell.pdbx_total_number_of_bins_used 
_refine_ls_shell.pdbx_phase_error 
_refine_ls_shell.pdbx_fsc_work 
_refine_ls_shell.pdbx_fsc_free 
'X-RAY DIFFRACTION' 3.1003 3.9057  . . 160 3208 100.00 . . . 0.3590 . 0.2844 . . . . . . . . . . 
'X-RAY DIFFRACTION' 3.9057 44.4204 . . 169 3349 100.00 . . . 0.2675 . 0.2290 . . . . . . . . . . 
# 
_struct.entry_id                     4X9L 
_struct.title                        'N-terminal domain of Heat shock protein 90 from Oryza sativa' 
_struct.pdbx_model_details           ? 
_struct.pdbx_formula_weight          ? 
_struct.pdbx_formula_weight_method   ? 
_struct.pdbx_model_type_details      ? 
_struct.pdbx_CASP_flag               ? 
# 
_struct_keywords.entry_id        4X9L 
_struct_keywords.text            'Hsp90, CHAPERONE' 
_struct_keywords.pdbx_keywords   CHAPERONE 
# 
loop_
_struct_asym.id 
_struct_asym.pdbx_blank_PDB_chainid_flag 
_struct_asym.pdbx_modified 
_struct_asym.entity_id 
_struct_asym.details 
A N N 1 ? 
B N N 2 ? 
C N N 3 ? 
D N N 4 ? 
# 
loop_
_struct_conf.conf_type_id 
_struct_conf.id 
_struct_conf.pdbx_PDB_helix_id 
_struct_conf.beg_label_comp_id 
_struct_conf.beg_label_asym_id 
_struct_conf.beg_label_seq_id 
_struct_conf.pdbx_beg_PDB_ins_code 
_struct_conf.end_label_comp_id 
_struct_conf.end_label_asym_id 
_struct_conf.end_label_seq_id 
_struct_conf.pdbx_end_PDB_ins_code 
_struct_conf.beg_auth_comp_id 
_struct_conf.beg_auth_asym_id 
_struct_conf.beg_auth_seq_id 
_struct_conf.end_auth_comp_id 
_struct_conf.end_auth_asym_id 
_struct_conf.end_auth_seq_id 
_struct_conf.pdbx_PDB_helix_class 
_struct_conf.details 
_struct_conf.pdbx_PDB_helix_length 
HELX_P HELX_P1 AA1 GLN A 45  ? ASN A 57  ? GLN A 11  ASN A 23  1 ? 13 
HELX_P HELX_P2 AA2 GLU A 64  ? ASP A 88  ? GLU A 30  ASP A 54  1 ? 25 
HELX_P HELX_P3 AA3 THR A 121 ? LEU A 129 ? THR A 87  LEU A 95  1 ? 9  
HELX_P HELX_P4 AA4 LYS A 138 ? ALA A 143 ? LYS A 104 ALA A 109 1 ? 6  
HELX_P HELX_P5 AA5 GLY A 159 ? LEU A 165 ? GLY A 125 LEU A 131 5 ? 7  
HELX_P HELX_P6 AA6 GLN A 217 ? LEU A 221 ? GLN A 183 LEU A 187 5 ? 5  
HELX_P HELX_P7 AA7 GLU A 222 ? LYS A 232 ? GLU A 188 LYS A 198 1 ? 11 
# 
_struct_conf_type.id          HELX_P 
_struct_conf_type.criteria    ? 
_struct_conf_type.reference   ? 
# 
_struct_sheet.id               AA1 
_struct_sheet.type             ? 
_struct_sheet.number_strands   8 
_struct_sheet.details          ? 
# 
loop_
_struct_sheet_order.sheet_id 
_struct_sheet_order.range_id_1 
_struct_sheet_order.range_id_2 
_struct_sheet_order.offset 
_struct_sheet_order.sense 
AA1 1 2 ? anti-parallel 
AA1 2 3 ? anti-parallel 
AA1 3 4 ? anti-parallel 
AA1 4 5 ? anti-parallel 
AA1 5 6 ? anti-parallel 
AA1 6 7 ? anti-parallel 
AA1 7 8 ? parallel      
# 
loop_
_struct_sheet_range.sheet_id 
_struct_sheet_range.id 
_struct_sheet_range.beg_label_comp_id 
_struct_sheet_range.beg_label_asym_id 
_struct_sheet_range.beg_label_seq_id 
_struct_sheet_range.pdbx_beg_PDB_ins_code 
_struct_sheet_range.end_label_comp_id 
_struct_sheet_range.end_label_asym_id 
_struct_sheet_range.end_label_seq_id 
_struct_sheet_range.pdbx_end_PDB_ins_code 
_struct_sheet_range.beg_auth_comp_id 
_struct_sheet_range.beg_auth_asym_id 
_struct_sheet_range.beg_auth_seq_id 
_struct_sheet_range.end_auth_comp_id 
_struct_sheet_range.end_auth_asym_id 
_struct_sheet_range.end_auth_seq_id 
AA1 1 THR A 39  ? ALA A 43  ? THR A 5   ALA A 9   
AA1 2 SER A 191 ? ARG A 196 ? SER A 157 ARG A 162 
AA1 3 GLN A 181 ? SER A 186 ? GLN A 147 SER A 152 
AA1 4 ALA A 167 ? LYS A 175 ? ALA A 133 LYS A 141 
AA1 5 GLY A 206 ? LEU A 213 ? GLY A 172 LEU A 179 
AA1 6 THR A 110 ? ASP A 115 ? THR A 76  ASP A 81  
AA1 7 ILE A 100 ? ASP A 105 ? ILE A 66  ASP A 71  
AA1 8 ILE A 241 ? LEU A 243 ? ILE A 207 LEU A 209 
# 
loop_
_pdbx_struct_sheet_hbond.sheet_id 
_pdbx_struct_sheet_hbond.range_id_1 
_pdbx_struct_sheet_hbond.range_id_2 
_pdbx_struct_sheet_hbond.range_1_label_atom_id 
_pdbx_struct_sheet_hbond.range_1_label_comp_id 
_pdbx_struct_sheet_hbond.range_1_label_asym_id 
_pdbx_struct_sheet_hbond.range_1_label_seq_id 
_pdbx_struct_sheet_hbond.range_1_PDB_ins_code 
_pdbx_struct_sheet_hbond.range_1_auth_atom_id 
_pdbx_struct_sheet_hbond.range_1_auth_comp_id 
_pdbx_struct_sheet_hbond.range_1_auth_asym_id 
_pdbx_struct_sheet_hbond.range_1_auth_seq_id 
_pdbx_struct_sheet_hbond.range_2_label_atom_id 
_pdbx_struct_sheet_hbond.range_2_label_comp_id 
_pdbx_struct_sheet_hbond.range_2_label_asym_id 
_pdbx_struct_sheet_hbond.range_2_label_seq_id 
_pdbx_struct_sheet_hbond.range_2_PDB_ins_code 
_pdbx_struct_sheet_hbond.range_2_auth_atom_id 
_pdbx_struct_sheet_hbond.range_2_auth_comp_id 
_pdbx_struct_sheet_hbond.range_2_auth_asym_id 
_pdbx_struct_sheet_hbond.range_2_auth_seq_id 
AA1 1 2 N GLU A 40  ? N GLU A 6   O VAL A 194 ? O VAL A 160 
AA1 2 3 O THR A 195 ? O THR A 161 N VAL A 183 ? N VAL A 149 
AA1 3 4 O TRP A 184 ? O TRP A 150 N VAL A 172 ? N VAL A 138 
AA1 4 5 N LYS A 175 ? N LYS A 141 O GLY A 206 ? O GLY A 172 
AA1 5 6 O ILE A 209 ? O ILE A 175 N ILE A 113 ? N ILE A 79  
AA1 6 7 O ILE A 114 ? O ILE A 80  N HIS A 101 ? N HIS A 67  
AA1 7 8 N ILE A 102 ? N ILE A 68  O SER A 242 ? O SER A 208 
# 
loop_
_struct_site.id 
_struct_site.pdbx_evidence_code 
_struct_site.pdbx_auth_asym_id 
_struct_site.pdbx_auth_comp_id 
_struct_site.pdbx_auth_seq_id 
_struct_site.pdbx_auth_ins_code 
_struct_site.pdbx_num_residues 
_struct_site.details 
AC1 Software A ACP 301 ? 13 'binding site for residue ACP A 301' 
AC2 Software A PG4 302 ? 3  'binding site for residue PG4 A 302' 
# 
loop_
_struct_site_gen.id 
_struct_site_gen.site_id 
_struct_site_gen.pdbx_num_res 
_struct_site_gen.label_comp_id 
_struct_site_gen.label_asym_id 
_struct_site_gen.label_seq_id 
_struct_site_gen.pdbx_auth_ins_code 
_struct_site_gen.auth_comp_id 
_struct_site_gen.auth_asym_id 
_struct_site_gen.auth_seq_id 
_struct_site_gen.label_atom_id 
_struct_site_gen.label_alt_id 
_struct_site_gen.symmetry 
_struct_site_gen.details 
1  AC1 13 ASN A 73  ? ASN A 39  . ? 1_555 ? 
2  AC1 13 ALA A 77  ? ALA A 43  . ? 1_555 ? 
3  AC1 13 ASP A 115 ? ASP A 81  . ? 1_555 ? 
4  AC1 13 MET A 120 ? MET A 86  . ? 1_555 ? 
5  AC1 13 ASN A 128 ? ASN A 94  . ? 1_555 ? 
6  AC1 13 LEU A 129 ? LEU A 95  . ? 1_555 ? 
7  AC1 13 ARG A 134 ? ARG A 100 . ? 1_555 ? 
8  AC1 13 GLY A 159 ? GLY A 125 . ? 1_555 ? 
9  AC1 13 PHE A 160 ? PHE A 126 . ? 1_555 ? 
10 AC1 13 THR A 207 ? THR A 173 . ? 1_555 ? 
11 AC1 13 HOH D .   ? HOH A 406 . ? 1_555 ? 
12 AC1 13 HOH D .   ? HOH A 417 . ? 1_555 ? 
13 AC1 13 HOH D .   ? HOH A 419 . ? 1_555 ? 
14 AC2 3  SER A 112 ? SER A 78  . ? 1_555 ? 
15 AC2 3  GLU A 201 ? GLU A 167 . ? 1_555 ? 
16 AC2 3  LYS A 208 ? LYS A 174 . ? 1_555 ? 
# 
_atom_sites.entry_id                    4X9L 
_atom_sites.fract_transf_matrix[1][1]   -0.00370274 
_atom_sites.fract_transf_matrix[1][2]   0.00587197 
_atom_sites.fract_transf_matrix[1][3]   -0.00500320 
_atom_sites.fract_transf_matrix[2][1]   -0.00200405 
_atom_sites.fract_transf_matrix[2][2]   -0.00609130 
_atom_sites.fract_transf_matrix[2][3]   -0.00566587 
_atom_sites.fract_transf_matrix[3][1]   -0.00826441 
_atom_sites.fract_transf_matrix[3][2]   -0.00141996 
_atom_sites.fract_transf_matrix[3][3]   0.00444975 
_atom_sites.fract_transf_vector[1]      0.206240 
_atom_sites.fract_transf_vector[2]      0.129241 
_atom_sites.fract_transf_vector[3]      0.158518 
# 
loop_
_atom_type.symbol 
C 
N 
O 
P 
S 
# 
loop_
_atom_site.group_PDB 
_atom_site.id 
_atom_site.type_symbol 
_atom_site.label_atom_id 
_atom_site.label_alt_id 
_atom_site.label_comp_id 
_atom_site.label_asym_id 
_atom_site.label_entity_id 
_atom_site.label_seq_id 
_atom_site.pdbx_PDB_ins_code 
_atom_site.Cartn_x 
_atom_site.Cartn_y 
_atom_site.Cartn_z 
_atom_site.occupancy 
_atom_site.B_iso_or_equiv 
_atom_site.pdbx_formal_charge 
_atom_site.auth_seq_id 
_atom_site.auth_comp_id 
_atom_site.auth_asym_id 
_atom_site.auth_atom_id 
_atom_site.pdbx_PDB_model_num 
ATOM   1    N N     . ALA A 1 36  ? -12.999 -21.643 8.460   1.00 104.95 ? 2   ALA A N     1 
ATOM   2    C CA    . ALA A 1 36  ? -11.877 -22.536 8.175   1.00 116.98 ? 2   ALA A CA    1 
ATOM   3    C C     . ALA A 1 36  ? -10.513 -22.021 8.690   1.00 130.58 ? 2   ALA A C     1 
ATOM   4    O O     . ALA A 1 36  ? -9.563  -22.796 8.822   1.00 123.56 ? 2   ALA A O     1 
ATOM   5    C CB    . ALA A 1 36  ? -11.816 -22.847 6.678   1.00 105.61 ? 2   ALA A CB    1 
ATOM   6    N N     . SER A 1 37  ? -10.435 -20.722 8.991   1.00 143.56 ? 3   SER A N     1 
ATOM   7    C CA    . SER A 1 37  ? -9.209  -20.059 9.491   1.00 136.59 ? 3   SER A CA    1 
ATOM   8    C C     . SER A 1 37  ? -7.973  -20.125 8.568   1.00 129.14 ? 3   SER A C     1 
ATOM   9    O O     . SER A 1 37  ? -6.979  -20.789 8.884   1.00 124.73 ? 3   SER A O     1 
ATOM   10   C CB    . SER A 1 37  ? -8.853  -20.520 10.915  1.00 130.22 ? 3   SER A CB    1 
ATOM   11   O OG    . SER A 1 37  ? -7.880  -19.667 11.507  1.00 121.58 ? 3   SER A OG    1 
ATOM   12   N N     . GLU A 1 38  ? -8.042  -19.418 7.439   1.00 123.48 ? 4   GLU A N     1 
ATOM   13   C CA    . GLU A 1 38  ? -6.923  -19.322 6.500   1.00 119.02 ? 4   GLU A CA    1 
ATOM   14   C C     . GLU A 1 38  ? -5.864  -18.344 7.005   1.00 113.57 ? 4   GLU A C     1 
ATOM   15   O O     . GLU A 1 38  ? -4.790  -18.193 6.403   1.00 100.33 ? 4   GLU A O     1 
ATOM   16   C CB    . GLU A 1 38  ? -7.417  -18.892 5.115   1.00 112.19 ? 4   GLU A CB    1 
ATOM   17   C CG    . GLU A 1 38  ? -8.653  -19.640 4.624   1.00 113.38 ? 4   GLU A CG    1 
ATOM   18   C CD    . GLU A 1 38  ? -8.452  -21.154 4.512   1.00 129.25 ? 4   GLU A CD    1 
ATOM   19   O OE1   . GLU A 1 38  ? -7.292  -21.631 4.563   1.00 133.66 ? 4   GLU A OE1   1 
ATOM   20   O OE2   . GLU A 1 38  ? -9.467  -21.871 4.361   1.00 123.84 ? 4   GLU A OE2   1 
ATOM   21   N N     . THR A 1 39  ? -6.189  -17.685 8.116   1.00 116.87 ? 5   THR A N     1 
ATOM   22   C CA    . THR A 1 39  ? -5.314  -16.695 8.725   1.00 109.60 ? 5   THR A CA    1 
ATOM   23   C C     . THR A 1 39  ? -4.092  -17.361 9.313   1.00 90.03  ? 5   THR A C     1 
ATOM   24   O O     . THR A 1 39  ? -4.193  -18.184 10.218  1.00 96.89  ? 5   THR A O     1 
ATOM   25   C CB    . THR A 1 39  ? -6.011  -16.003 9.922   1.00 110.82 ? 5   THR A CB    1 
ATOM   26   O OG1   . THR A 1 39  ? -7.411  -15.849 9.658   1.00 108.03 ? 5   THR A OG1   1 
ATOM   27   C CG2   . THR A 1 39  ? -5.367  -14.647 10.224  1.00 95.36  ? 5   THR A CG2   1 
ATOM   28   N N     . GLU A 1 40  ? -2.927  -16.973 8.832   1.00 90.00  ? 6   GLU A N     1 
ATOM   29   C CA    . GLU A 1 40  ? -1.705  -17.357 9.508   1.00 104.44 ? 6   GLU A CA    1 
ATOM   30   C C     . GLU A 1 40  ? -1.196  -16.082 10.157  1.00 98.26  ? 6   GLU A C     1 
ATOM   31   O O     . GLU A 1 40  ? -0.807  -15.132 9.477   1.00 90.56  ? 6   GLU A O     1 
ATOM   32   C CB    . GLU A 1 40  ? -0.675  -17.959 8.537   1.00 100.59 ? 6   GLU A CB    1 
ATOM   33   C CG    . GLU A 1 40  ? 0.422   -18.796 9.219   1.00 99.32  ? 6   GLU A CG    1 
ATOM   34   C CD    . GLU A 1 40  ? 1.431   -19.379 8.231   1.00 109.89 ? 6   GLU A CD    1 
ATOM   35   O OE1   . GLU A 1 40  ? 2.437   -19.980 8.682   1.00 114.46 ? 6   GLU A OE1   1 
ATOM   36   O OE2   . GLU A 1 40  ? 1.228   -19.224 7.004   1.00 99.22  ? 6   GLU A OE2   1 
ATOM   37   N N     . THR A 1 41  ? -1.244  -16.046 11.480  1.00 99.53  ? 7   THR A N     1 
ATOM   38   C CA    . THR A 1 41  ? -0.770  -14.883 12.210  1.00 100.57 ? 7   THR A CA    1 
ATOM   39   C C     . THR A 1 41  ? 0.744   -14.954 12.447  1.00 110.66 ? 7   THR A C     1 
ATOM   40   O O     . THR A 1 41  ? 1.265   -15.937 12.997  1.00 102.86 ? 7   THR A O     1 
ATOM   41   C CB    . THR A 1 41  ? -1.510  -14.731 13.538  1.00 98.87  ? 7   THR A CB    1 
ATOM   42   O OG1   . THR A 1 41  ? -2.924  -14.712 13.289  1.00 103.78 ? 7   THR A OG1   1 
ATOM   43   C CG2   . THR A 1 41  ? -1.073  -13.449 14.246  1.00 78.71  ? 7   THR A CG2   1 
ATOM   44   N N     . PHE A 1 42  ? 1.438   -13.905 12.010  1.00 100.53 ? 8   PHE A N     1 
ATOM   45   C CA    . PHE A 1 42  ? 2.886   -13.825 12.111  1.00 87.81  ? 8   PHE A CA    1 
ATOM   46   C C     . PHE A 1 42  ? 3.234   -12.713 13.076  1.00 95.75  ? 8   PHE A C     1 
ATOM   47   O O     . PHE A 1 42  ? 2.345   -12.022 13.577  1.00 90.42  ? 8   PHE A O     1 
ATOM   48   C CB    . PHE A 1 42  ? 3.496   -13.510 10.745  1.00 81.47  ? 8   PHE A CB    1 
ATOM   49   C CG    . PHE A 1 42  ? 3.265   -14.577 9.718   1.00 84.78  ? 8   PHE A CG    1 
ATOM   50   C CD1   . PHE A 1 42  ? 2.079   -14.640 9.021   1.00 80.65  ? 8   PHE A CD1   1 
ATOM   51   C CD2   . PHE A 1 42  ? 4.240   -15.523 9.451   1.00 104.20 ? 8   PHE A CD2   1 
ATOM   52   C CE1   . PHE A 1 42  ? 1.869   -15.626 8.084   1.00 93.31  ? 8   PHE A CE1   1 
ATOM   53   C CE2   . PHE A 1 42  ? 4.035   -16.520 8.506   1.00 96.97  ? 8   PHE A CE2   1 
ATOM   54   C CZ    . PHE A 1 42  ? 2.853   -16.564 7.821   1.00 94.39  ? 8   PHE A CZ    1 
ATOM   55   N N     . ALA A 1 43  ? 4.529   -12.535 13.320  1.00 97.79  ? 9   ALA A N     1 
ATOM   56   C CA    . ALA A 1 43  ? 5.018   -11.444 14.154  1.00 91.89  ? 9   ALA A CA    1 
ATOM   57   C C     . ALA A 1 43  ? 6.034   -10.644 13.347  1.00 87.95  ? 9   ALA A C     1 
ATOM   58   O O     . ALA A 1 43  ? 6.614   -11.166 12.398  1.00 93.97  ? 9   ALA A O     1 
ATOM   59   C CB    . ALA A 1 43  ? 5.636   -11.982 15.425  1.00 72.13  ? 9   ALA A CB    1 
ATOM   60   N N     . PHE A 1 44  ? 6.237   -9.382  13.717  1.00 90.94  ? 10  PHE A N     1 
ATOM   61   C CA    . PHE A 1 44  ? 7.068   -8.468  12.925  1.00 103.98 ? 10  PHE A CA    1 
ATOM   62   C C     . PHE A 1 44  ? 8.578   -8.706  13.024  1.00 97.84  ? 10  PHE A C     1 
ATOM   63   O O     . PHE A 1 44  ? 9.065   -9.285  14.000  1.00 97.17  ? 10  PHE A O     1 
ATOM   64   C CB    . PHE A 1 44  ? 6.756   -7.013  13.300  1.00 102.40 ? 10  PHE A CB    1 
ATOM   65   C CG    . PHE A 1 44  ? 5.644   -6.404  12.496  1.00 100.92 ? 10  PHE A CG    1 
ATOM   66   C CD1   . PHE A 1 44  ? 5.912   -5.753  11.296  1.00 85.57  ? 10  PHE A CD1   1 
ATOM   67   C CD2   . PHE A 1 44  ? 4.332   -6.490  12.928  1.00 95.43  ? 10  PHE A CD2   1 
ATOM   68   C CE1   . PHE A 1 44  ? 4.893   -5.188  10.544  1.00 84.23  ? 10  PHE A CE1   1 
ATOM   69   C CE2   . PHE A 1 44  ? 3.302   -5.933  12.187  1.00 98.51  ? 10  PHE A CE2   1 
ATOM   70   C CZ    . PHE A 1 44  ? 3.582   -5.276  10.988  1.00 92.70  ? 10  PHE A CZ    1 
ATOM   71   N N     . GLN A 1 45  ? 9.317   -8.251  12.015  1.00 84.64  ? 11  GLN A N     1 
ATOM   72   C CA    . GLN A 1 45  ? 10.769  -8.191  12.147  1.00 100.99 ? 11  GLN A CA    1 
ATOM   73   C C     . GLN A 1 45  ? 11.071  -7.301  13.351  1.00 95.69  ? 11  GLN A C     1 
ATOM   74   O O     . GLN A 1 45  ? 10.313  -6.372  13.640  1.00 93.97  ? 11  GLN A O     1 
ATOM   75   C CB    . GLN A 1 45  ? 11.434  -7.640  10.867  1.00 104.16 ? 11  GLN A CB    1 
ATOM   76   C CG    . GLN A 1 45  ? 12.960  -7.368  10.966  1.00 101.50 ? 11  GLN A CG    1 
ATOM   77   C CD    . GLN A 1 45  ? 13.629  -7.096  9.610   1.00 95.00  ? 11  GLN A CD    1 
ATOM   78   O OE1   . GLN A 1 45  ? 14.636  -6.383  9.525   1.00 87.83  ? 11  GLN A OE1   1 
ATOM   79   N NE2   . GLN A 1 45  ? 13.079  -7.679  8.550   1.00 90.34  ? 11  GLN A NE2   1 
ATOM   80   N N     . ALA A 1 46  ? 12.152  -7.607  14.066  1.00 97.03  ? 12  ALA A N     1 
ATOM   81   C CA    . ALA A 1 46  ? 12.619  -6.763  15.165  1.00 89.58  ? 12  ALA A CA    1 
ATOM   82   C C     . ALA A 1 46  ? 13.000  -5.360  14.674  1.00 89.50  ? 12  ALA A C     1 
ATOM   83   O O     . ALA A 1 46  ? 12.737  -4.353  15.348  1.00 85.92  ? 12  ALA A O     1 
ATOM   84   C CB    . ALA A 1 46  ? 13.801  -7.410  15.857  1.00 76.54  ? 12  ALA A CB    1 
ATOM   85   N N     . GLU A 1 47  ? 13.626  -5.300  13.502  1.00 64.70  ? 13  GLU A N     1 
ATOM   86   C CA    . GLU A 1 47  ? 14.065  -4.028  12.946  1.00 90.43  ? 13  GLU A CA    1 
ATOM   87   C C     . GLU A 1 47  ? 12.944  -3.269  12.253  1.00 87.15  ? 13  GLU A C     1 
ATOM   88   O O     . GLU A 1 47  ? 12.956  -2.030  12.192  1.00 84.80  ? 13  GLU A O     1 
ATOM   89   C CB    . GLU A 1 47  ? 15.221  -4.242  11.974  1.00 116.25 ? 13  GLU A CB    1 
ATOM   90   C CG    . GLU A 1 47  ? 15.823  -2.947  11.445  1.00 111.68 ? 13  GLU A CG    1 
ATOM   91   C CD    . GLU A 1 47  ? 16.595  -3.168  10.168  1.00 126.83 ? 13  GLU A CD    1 
ATOM   92   O OE1   . GLU A 1 47  ? 16.627  -4.332  9.702   1.00 133.29 ? 13  GLU A OE1   1 
ATOM   93   O OE2   . GLU A 1 47  ? 17.162  -2.189  9.627   1.00 137.95 ? 13  GLU A OE2   1 
ATOM   94   N N     . ILE A 1 48  ? 11.996  -4.015  11.700  1.00 79.77  ? 14  ILE A N     1 
ATOM   95   C CA    . ILE A 1 48  ? 10.822  -3.407  11.092  1.00 88.42  ? 14  ILE A CA    1 
ATOM   96   C C     . ILE A 1 48  ? 10.056  -2.632  12.155  1.00 77.01  ? 14  ILE A C     1 
ATOM   97   O O     . ILE A 1 48  ? 9.538   -1.538  11.900  1.00 68.66  ? 14  ILE A O     1 
ATOM   98   C CB    . ILE A 1 48  ? 9.914   -4.468  10.446  1.00 94.37  ? 14  ILE A CB    1 
ATOM   99   C CG1   . ILE A 1 48  ? 10.400  -4.788  9.018   1.00 95.22  ? 14  ILE A CG1   1 
ATOM   100  C CG2   . ILE A 1 48  ? 8.474   -4.013  10.455  1.00 76.14  ? 14  ILE A CG2   1 
ATOM   101  C CD1   . ILE A 1 48  ? 10.770  -3.570  8.182   1.00 80.67  ? 14  ILE A CD1   1 
ATOM   102  N N     . ASN A 1 49  ? 10.017  -3.206  13.352  1.00 59.26  ? 15  ASN A N     1 
ATOM   103  C CA    . ASN A 1 49  ? 9.462   -2.538  14.510  1.00 57.83  ? 15  ASN A CA    1 
ATOM   104  C C     . ASN A 1 49  ? 10.111  -1.189  14.768  1.00 67.90  ? 15  ASN A C     1 
ATOM   105  O O     . ASN A 1 49  ? 9.437   -0.197  15.058  1.00 66.00  ? 15  ASN A O     1 
ATOM   106  C CB    . ASN A 1 49  ? 9.643   -3.420  15.728  1.00 53.59  ? 15  ASN A CB    1 
ATOM   107  C CG    . ASN A 1 49  ? 8.678   -4.565  15.744  1.00 69.67  ? 15  ASN A CG    1 
ATOM   108  O OD1   . ASN A 1 49  ? 7.464   -4.375  15.596  1.00 88.67  ? 15  ASN A OD1   1 
ATOM   109  N ND2   . ASN A 1 49  ? 9.202   -5.771  15.910  1.00 83.64  ? 15  ASN A ND2   1 
ATOM   110  N N     . GLN A 1 50  ? 11.432  -1.164  14.684  1.00 70.82  ? 16  GLN A N     1 
ATOM   111  C CA    . GLN A 1 50  ? 12.164  0.067   14.873  1.00 57.17  ? 16  GLN A CA    1 
ATOM   112  C C     . GLN A 1 50  ? 11.713  1.013   13.803  1.00 54.41  ? 16  GLN A C     1 
ATOM   113  O O     . GLN A 1 50  ? 11.343  2.145   14.089  1.00 61.85  ? 16  GLN A O     1 
ATOM   114  C CB    . GLN A 1 50  ? 13.656  -0.197  14.768  1.00 58.26  ? 16  GLN A CB    1 
ATOM   115  C CG    . GLN A 1 50  ? 14.066  -1.389  15.615  1.00 86.91  ? 16  GLN A CG    1 
ATOM   116  C CD    . GLN A 1 50  ? 15.467  -1.869  15.318  1.00 97.11  ? 16  GLN A CD    1 
ATOM   117  O OE1   . GLN A 1 50  ? 16.276  -1.133  14.750  1.00 111.08 ? 16  GLN A OE1   1 
ATOM   118  N NE2   . GLN A 1 50  ? 15.768  -3.112  15.704  1.00 88.37  ? 16  GLN A NE2   1 
ATOM   119  N N     . LEU A 1 51  ? 11.700  0.524   12.570  1.00 54.62  ? 17  LEU A N     1 
ATOM   120  C CA    . LEU A 1 51  ? 11.343  1.347   11.425  1.00 56.69  ? 17  LEU A CA    1 
ATOM   121  C C     . LEU A 1 51  ? 9.991   2.024   11.607  1.00 64.46  ? 17  LEU A C     1 
ATOM   122  O O     . LEU A 1 51  ? 9.825   3.204   11.302  1.00 63.69  ? 17  LEU A O     1 
ATOM   123  C CB    . LEU A 1 51  ? 11.340  0.501   10.159  1.00 72.82  ? 17  LEU A CB    1 
ATOM   124  C CG    . LEU A 1 51  ? 10.890  1.235   8.887   1.00 89.20  ? 17  LEU A CG    1 
ATOM   125  C CD1   . LEU A 1 51  ? 11.595  2.598   8.697   1.00 71.77  ? 17  LEU A CD1   1 
ATOM   126  C CD2   . LEU A 1 51  ? 11.070  0.333   7.659   1.00 74.36  ? 17  LEU A CD2   1 
ATOM   127  N N     . LEU A 1 52  ? 9.030   1.265   12.115  1.00 73.06  ? 18  LEU A N     1 
ATOM   128  C CA    . LEU A 1 52  ? 7.709   1.799   12.432  1.00 67.75  ? 18  LEU A CA    1 
ATOM   129  C C     . LEU A 1 52  ? 7.780   2.861   13.524  1.00 63.42  ? 18  LEU A C     1 
ATOM   130  O O     . LEU A 1 52  ? 7.242   3.958   13.363  1.00 61.13  ? 18  LEU A O     1 
ATOM   131  C CB    . LEU A 1 52  ? 6.782   0.661   12.859  1.00 79.39  ? 18  LEU A CB    1 
ATOM   132  C CG    . LEU A 1 52  ? 6.601   -0.374  11.748  1.00 76.20  ? 18  LEU A CG    1 
ATOM   133  C CD1   . LEU A 1 52  ? 6.228   -1.746  12.316  1.00 73.13  ? 18  LEU A CD1   1 
ATOM   134  C CD2   . LEU A 1 52  ? 5.550   0.148   10.794  1.00 66.85  ? 18  LEU A CD2   1 
ATOM   135  N N     . SER A 1 53  ? 8.450   2.522   14.628  1.00 66.92  ? 19  SER A N     1 
ATOM   136  C CA    . SER A 1 53  ? 8.633   3.435   15.753  1.00 58.80  ? 19  SER A CA    1 
ATOM   137  C C     . SER A 1 53  ? 9.197   4.780   15.314  1.00 65.46  ? 19  SER A C     1 
ATOM   138  O O     . SER A 1 53  ? 8.790   5.823   15.824  1.00 63.91  ? 19  SER A O     1 
ATOM   139  C CB    . SER A 1 53  ? 9.549   2.820   16.806  1.00 59.69  ? 19  SER A CB    1 
ATOM   140  O OG    . SER A 1 53  ? 10.136  3.839   17.602  1.00 74.35  ? 19  SER A OG    1 
ATOM   141  N N     . LEU A 1 54  ? 10.146  4.751   14.381  1.00 68.11  ? 20  LEU A N     1 
ATOM   142  C CA    . LEU A 1 54  ? 10.698  5.981   13.822  1.00 62.39  ? 20  LEU A CA    1 
ATOM   143  C C     . LEU A 1 54  ? 9.561   6.772   13.217  1.00 72.72  ? 20  LEU A C     1 
ATOM   144  O O     . LEU A 1 54  ? 9.140   7.790   13.772  1.00 86.56  ? 20  LEU A O     1 
ATOM   145  C CB    . LEU A 1 54  ? 11.758  5.664   12.774  1.00 64.23  ? 20  LEU A CB    1 
ATOM   146  C CG    . LEU A 1 54  ? 12.917  4.828   13.347  1.00 79.56  ? 20  LEU A CG    1 
ATOM   147  C CD1   . LEU A 1 54  ? 13.744  4.069   12.274  1.00 75.98  ? 20  LEU A CD1   1 
ATOM   148  C CD2   . LEU A 1 54  ? 13.813  5.720   14.196  1.00 70.04  ? 20  LEU A CD2   1 
ATOM   149  N N     . ILE A 1 55  ? 9.018   6.245   12.126  1.00 67.79  ? 21  ILE A N     1 
ATOM   150  C CA    . ILE A 1 55  ? 7.918   6.872   11.403  1.00 69.24  ? 21  ILE A CA    1 
ATOM   151  C C     . ILE A 1 55  ? 6.795   7.407   12.314  1.00 83.81  ? 21  ILE A C     1 
ATOM   152  O O     . ILE A 1 55  ? 6.641   8.621   12.471  1.00 80.39  ? 21  ILE A O     1 
ATOM   153  C CB    . ILE A 1 55  ? 7.310   5.857   10.416  1.00 59.99  ? 21  ILE A CB    1 
ATOM   154  C CG1   . ILE A 1 55  ? 8.413   5.239   9.551   1.00 58.86  ? 21  ILE A CG1   1 
ATOM   155  C CG2   . ILE A 1 55  ? 6.203   6.505   9.584   1.00 67.72  ? 21  ILE A CG2   1 
ATOM   156  C CD1   . ILE A 1 55  ? 7.981   4.045   8.708   1.00 53.87  ? 21  ILE A CD1   1 
ATOM   157  N N     . ILE A 1 56  ? 6.047   6.497   12.936  1.00 83.20  ? 22  ILE A N     1 
ATOM   158  C CA    . ILE A 1 56  ? 4.890   6.857   13.756  1.00 89.14  ? 22  ILE A CA    1 
ATOM   159  C C     . ILE A 1 56  ? 5.194   7.914   14.821  1.00 102.92 ? 22  ILE A C     1 
ATOM   160  O O     . ILE A 1 56  ? 4.525   8.958   14.890  1.00 115.40 ? 22  ILE A O     1 
ATOM   161  C CB    . ILE A 1 56  ? 4.297   5.619   14.480  1.00 85.63  ? 22  ILE A CB    1 
ATOM   162  C CG1   . ILE A 1 56  ? 3.668   4.649   13.478  1.00 93.00  ? 22  ILE A CG1   1 
ATOM   163  C CG2   . ILE A 1 56  ? 3.263   6.050   15.521  1.00 88.60  ? 22  ILE A CG2   1 
ATOM   164  C CD1   . ILE A 1 56  ? 2.998   3.454   14.139  1.00 84.99  ? 22  ILE A CD1   1 
ATOM   165  N N     . ASN A 1 57  ? 6.234   7.648   15.613  1.00 104.80 ? 23  ASN A N     1 
ATOM   166  C CA    . ASN A 1 57  ? 6.488   8.340   16.885  1.00 105.39 ? 23  ASN A CA    1 
ATOM   167  C C     . ASN A 1 57  ? 7.304   9.606   16.722  1.00 105.21 ? 23  ASN A C     1 
ATOM   168  O O     . ASN A 1 57  ? 7.844   10.157  17.693  1.00 91.90  ? 23  ASN A O     1 
ATOM   169  C CB    . ASN A 1 57  ? 7.094   7.399   17.921  1.00 92.21  ? 23  ASN A CB    1 
ATOM   170  C CG    . ASN A 1 57  ? 6.170   6.249   18.246  1.00 90.13  ? 23  ASN A CG    1 
ATOM   171  O OD1   . ASN A 1 57  ? 4.951   6.427   18.348  1.00 86.82  ? 23  ASN A OD1   1 
ATOM   172  N ND2   . ASN A 1 57  ? 6.735   5.052   18.371  1.00 88.69  ? 23  ASN A ND2   1 
ATOM   173  N N     . THR A 1 58  ? 7.447   9.998   15.461  1.00 100.97 ? 24  THR A N     1 
ATOM   174  C CA    . THR A 1 58  ? 7.918   11.323  15.103  1.00 103.82 ? 24  THR A CA    1 
ATOM   175  C C     . THR A 1 58  ? 6.760   12.107  14.460  1.00 101.80 ? 24  THR A C     1 
ATOM   176  O O     . THR A 1 58  ? 6.211   11.698  13.432  1.00 104.90 ? 24  THR A O     1 
ATOM   177  C CB    . THR A 1 58  ? 9.090   11.184  14.147  1.00 73.46  ? 24  THR A CB    1 
ATOM   178  O OG1   . THR A 1 58  ? 9.647   9.886   14.338  1.00 73.88  ? 24  THR A OG1   1 
ATOM   179  C CG2   . THR A 1 58  ? 10.155  12.208  14.444  1.00 74.78  ? 24  THR A CG2   1 
ATOM   180  N N     . PHE A 1 59  ? 6.367   13.220  15.079  1.00 94.02  ? 25  PHE A N     1 
ATOM   181  C CA    . PHE A 1 59  ? 5.340   14.046  14.470  1.00 89.24  ? 25  PHE A CA    1 
ATOM   182  C C     . PHE A 1 59  ? 5.948   14.667  13.249  1.00 88.58  ? 25  PHE A C     1 
ATOM   183  O O     . PHE A 1 59  ? 7.005   15.302  13.304  1.00 89.57  ? 25  PHE A O     1 
ATOM   184  C CB    . PHE A 1 59  ? 4.802   15.151  15.387  1.00 85.79  ? 25  PHE A CB    1 
ATOM   185  C CG    . PHE A 1 59  ? 3.799   16.065  14.704  1.00 94.27  ? 25  PHE A CG    1 
ATOM   186  C CD1   . PHE A 1 59  ? 4.131   17.381  14.392  1.00 92.31  ? 25  PHE A CD1   1 
ATOM   187  C CD2   . PHE A 1 59  ? 2.529   15.596  14.349  1.00 97.85  ? 25  PHE A CD2   1 
ATOM   188  C CE1   . PHE A 1 59  ? 3.206   18.223  13.755  1.00 92.26  ? 25  PHE A CE1   1 
ATOM   189  C CE2   . PHE A 1 59  ? 1.604   16.428  13.712  1.00 89.94  ? 25  PHE A CE2   1 
ATOM   190  C CZ    . PHE A 1 59  ? 1.942   17.742  13.415  1.00 89.06  ? 25  PHE A CZ    1 
ATOM   191  N N     . TYR A 1 60  ? 5.266   14.455  12.142  1.00 83.25  ? 26  TYR A N     1 
ATOM   192  C CA    . TYR A 1 60  ? 5.646   15.045  10.891  1.00 83.33  ? 26  TYR A CA    1 
ATOM   193  C C     . TYR A 1 60  ? 4.571   16.053  10.582  1.00 90.49  ? 26  TYR A C     1 
ATOM   194  O O     . TYR A 1 60  ? 3.381   15.759  10.718  1.00 101.50 ? 26  TYR A O     1 
ATOM   195  C CB    . TYR A 1 60  ? 5.725   13.936  9.853   1.00 100.42 ? 26  TYR A CB    1 
ATOM   196  C CG    . TYR A 1 60  ? 6.853   12.979  10.175  1.00 98.99  ? 26  TYR A CG    1 
ATOM   197  C CD1   . TYR A 1 60  ? 8.091   13.468  10.591  1.00 111.30 ? 26  TYR A CD1   1 
ATOM   198  C CD2   . TYR A 1 60  ? 6.688   11.608  10.097  1.00 78.83  ? 26  TYR A CD2   1 
ATOM   199  C CE1   . TYR A 1 60  ? 9.144   12.622  10.898  1.00 101.21 ? 26  TYR A CE1   1 
ATOM   200  C CE2   . TYR A 1 60  ? 7.740   10.746  10.403  1.00 95.99  ? 26  TYR A CE2   1 
ATOM   201  C CZ    . TYR A 1 60  ? 8.969   11.262  10.807  1.00 103.21 ? 26  TYR A CZ    1 
ATOM   202  O OH    . TYR A 1 60  ? 10.039  10.439  11.124  1.00 98.29  ? 26  TYR A OH    1 
ATOM   203  N N     . SER A 1 61  ? 4.982   17.268  10.247  1.00 95.74  ? 27  SER A N     1 
ATOM   204  C CA    . SER A 1 61  ? 4.022   18.301  9.872   1.00 120.63 ? 27  SER A CA    1 
ATOM   205  C C     . SER A 1 61  ? 3.190   17.775  8.702   1.00 127.20 ? 27  SER A C     1 
ATOM   206  O O     . SER A 1 61  ? 1.973   17.553  8.822   1.00 106.49 ? 27  SER A O     1 
ATOM   207  C CB    . SER A 1 61  ? 4.740   19.603  9.495   1.00 132.21 ? 27  SER A CB    1 
ATOM   208  O OG    . SER A 1 61  ? 5.639   19.413  8.409   1.00 129.12 ? 27  SER A OG    1 
ATOM   209  N N     . ASN A 1 62  ? 3.878   17.549  7.584   1.00 134.28 ? 28  ASN A N     1 
ATOM   210  C CA    . ASN A 1 62  ? 3.289   16.895  6.425   1.00 119.34 ? 28  ASN A CA    1 
ATOM   211  C C     . ASN A 1 62  ? 3.471   15.380  6.560   1.00 114.37 ? 28  ASN A C     1 
ATOM   212  O O     . ASN A 1 62  ? 4.590   14.841  6.578   1.00 110.55 ? 28  ASN A O     1 
ATOM   213  C CB    . ASN A 1 62  ? 3.888   17.440  5.111   1.00 114.32 ? 28  ASN A CB    1 
ATOM   214  C CG    . ASN A 1 62  ? 5.141   16.687  4.654   1.00 117.59 ? 28  ASN A CG    1 
ATOM   215  O OD1   . ASN A 1 62  ? 6.175   16.701  5.330   1.00 129.65 ? 28  ASN A OD1   1 
ATOM   216  N ND2   . ASN A 1 62  ? 5.048   16.029  3.497   1.00 92.20  ? 28  ASN A ND2   1 
ATOM   217  N N     . LYS A 1 63  ? 2.356   14.689  6.724   1.00 96.01  ? 29  LYS A N     1 
ATOM   218  C CA    . LYS A 1 63  ? 2.404   13.248  6.739   1.00 87.69  ? 29  LYS A CA    1 
ATOM   219  C C     . LYS A 1 63  ? 2.051   12.810  5.320   1.00 87.97  ? 29  LYS A C     1 
ATOM   220  O O     . LYS A 1 63  ? 2.107   11.632  4.981   1.00 86.15  ? 29  LYS A O     1 
ATOM   221  C CB    . LYS A 1 63  ? 1.468   12.696  7.822   1.00 82.83  ? 29  LYS A CB    1 
ATOM   222  C CG    . LYS A 1 63  ? 1.897   13.113  9.229   1.00 69.99  ? 29  LYS A CG    1 
ATOM   223  C CD    . LYS A 1 63  ? 1.104   12.449  10.353  1.00 64.94  ? 29  LYS A CD    1 
ATOM   224  C CE    . LYS A 1 63  ? 1.684   12.843  11.725  1.00 78.47  ? 29  LYS A CE    1 
ATOM   225  N NZ    . LYS A 1 63  ? 0.743   12.675  12.873  1.00 79.26  ? 29  LYS A NZ    1 
ATOM   226  N N     . GLU A 1 64  ? 1.772   13.811  4.485   1.00 87.89  ? 30  GLU A N     1 
ATOM   227  C CA    . GLU A 1 64  ? 1.380   13.652  3.085   1.00 85.12  ? 30  GLU A CA    1 
ATOM   228  C C     . GLU A 1 64  ? 2.376   12.835  2.256   1.00 92.44  ? 30  GLU A C     1 
ATOM   229  O O     . GLU A 1 64  ? 2.052   12.386  1.149   1.00 83.23  ? 30  GLU A O     1 
ATOM   230  C CB    . GLU A 1 64  ? 1.234   15.039  2.448   1.00 92.72  ? 30  GLU A CB    1 
ATOM   231  C CG    . GLU A 1 64  ? 0.997   16.157  3.464   1.00 104.93 ? 30  GLU A CG    1 
ATOM   232  C CD    . GLU A 1 64  ? 1.274   17.550  2.900   1.00 106.45 ? 30  GLU A CD    1 
ATOM   233  O OE1   . GLU A 1 64  ? 1.346   18.509  3.709   1.00 98.31  ? 30  GLU A OE1   1 
ATOM   234  O OE2   . GLU A 1 64  ? 1.420   17.682  1.659   1.00 83.64  ? 30  GLU A OE2   1 
ATOM   235  N N     . ILE A 1 65  ? 3.593   12.681  2.782   1.00 97.29  ? 31  ILE A N     1 
ATOM   236  C CA    . ILE A 1 65  ? 4.641   11.907  2.133   1.00 76.84  ? 31  ILE A CA    1 
ATOM   237  C C     . ILE A 1 65  ? 4.088   10.565  1.674   1.00 76.47  ? 31  ILE A C     1 
ATOM   238  O O     . ILE A 1 65  ? 4.328   10.133  0.543   1.00 86.13  ? 31  ILE A O     1 
ATOM   239  C CB    . ILE A 1 65  ? 5.798   11.693  3.099   1.00 60.31  ? 31  ILE A CB    1 
ATOM   240  N N     . PHE A 1 66  ? 3.307   9.940   2.548   1.00 65.56  ? 32  PHE A N     1 
ATOM   241  C CA    . PHE A 1 66  ? 2.873   8.563   2.365   1.00 73.09  ? 32  PHE A CA    1 
ATOM   242  C C     . PHE A 1 66  ? 2.195   8.284   1.023   1.00 72.92  ? 32  PHE A C     1 
ATOM   243  O O     . PHE A 1 66  ? 2.342   7.197   0.470   1.00 81.04  ? 32  PHE A O     1 
ATOM   244  C CB    . PHE A 1 66  ? 1.935   8.161   3.494   1.00 74.28  ? 32  PHE A CB    1 
ATOM   245  C CG    . PHE A 1 66  ? 0.540   8.679   3.321   1.00 86.14  ? 32  PHE A CG    1 
ATOM   246  C CD1   . PHE A 1 66  ? -0.439  7.898   2.734   1.00 77.42  ? 32  PHE A CD1   1 
ATOM   247  C CD2   . PHE A 1 66  ? 0.208   9.957   3.730   1.00 91.35  ? 32  PHE A CD2   1 
ATOM   248  C CE1   . PHE A 1 66  ? -1.725  8.388   2.571   1.00 80.55  ? 32  PHE A CE1   1 
ATOM   249  C CE2   . PHE A 1 66  ? -1.073  10.450  3.570   1.00 82.60  ? 32  PHE A CE2   1 
ATOM   250  C CZ    . PHE A 1 66  ? -2.042  9.667   2.990   1.00 58.72  ? 32  PHE A CZ    1 
ATOM   251  N N     . LEU A 1 67  ? 1.446   9.250   0.508   1.00 71.28  ? 33  LEU A N     1 
ATOM   252  C CA    . LEU A 1 67  ? 0.692   9.030   -0.724  1.00 72.87  ? 33  LEU A CA    1 
ATOM   253  C C     . LEU A 1 67  ? 1.599   8.843   -1.945  1.00 74.66  ? 33  LEU A C     1 
ATOM   254  O O     . LEU A 1 67  ? 1.456   7.867   -2.686  1.00 76.32  ? 33  LEU A O     1 
ATOM   255  C CB    . LEU A 1 67  ? -0.311  10.156  -0.960  1.00 68.28  ? 33  LEU A CB    1 
ATOM   256  C CG    . LEU A 1 67  ? -1.302  9.844   -2.078  1.00 61.75  ? 33  LEU A CG    1 
ATOM   257  C CD1   . LEU A 1 67  ? -2.131  8.607   -1.712  1.00 51.54  ? 33  LEU A CD1   1 
ATOM   258  C CD2   . LEU A 1 67  ? -2.181  11.060  -2.392  1.00 38.50  ? 33  LEU A CD2   1 
ATOM   259  N N     . ARG A 1 68  ? 2.526   9.775   -2.144  1.00 78.57  ? 34  ARG A N     1 
ATOM   260  C CA    . ARG A 1 68  ? 3.563   9.631   -3.162  1.00 89.88  ? 34  ARG A CA    1 
ATOM   261  C C     . ARG A 1 68  ? 4.284   8.278   -3.006  1.00 79.65  ? 34  ARG A C     1 
ATOM   262  O O     . ARG A 1 68  ? 4.638   7.610   -3.990  1.00 66.71  ? 34  ARG A O     1 
ATOM   263  C CB    . ARG A 1 68  ? 4.536   10.815  -3.047  1.00 101.33 ? 34  ARG A CB    1 
ATOM   264  C CG    . ARG A 1 68  ? 5.758   10.780  -3.961  1.00 114.66 ? 34  ARG A CG    1 
ATOM   265  C CD    . ARG A 1 68  ? 6.982   10.209  -3.254  1.00 118.23 ? 34  ARG A CD    1 
ATOM   266  N NE    . ARG A 1 68  ? 7.087   10.684  -1.872  1.00 117.35 ? 34  ARG A NE    1 
ATOM   267  C CZ    . ARG A 1 68  ? 7.661   11.830  -1.515  1.00 124.36 ? 34  ARG A CZ    1 
ATOM   268  N NH1   . ARG A 1 68  ? 8.188   12.627  -2.441  1.00 125.04 ? 34  ARG A NH1   1 
ATOM   269  N NH2   . ARG A 1 68  ? 7.708   12.175  -0.230  1.00 103.28 ? 34  ARG A NH2   1 
ATOM   270  N N     . GLU A 1 69  ? 4.462   7.879   -1.749  1.00 79.90  ? 35  GLU A N     1 
ATOM   271  C CA    . GLU A 1 69  ? 5.148   6.641   -1.393  1.00 82.56  ? 35  GLU A CA    1 
ATOM   272  C C     . GLU A 1 69  ? 4.393   5.402   -1.842  1.00 74.33  ? 35  GLU A C     1 
ATOM   273  O O     . GLU A 1 69  ? 4.998   4.394   -2.214  1.00 74.09  ? 35  GLU A O     1 
ATOM   274  C CB    . GLU A 1 69  ? 5.391   6.578   0.125   1.00 76.56  ? 35  GLU A CB    1 
ATOM   275  C CG    . GLU A 1 69  ? 6.542   7.441   0.593   1.00 68.61  ? 35  GLU A CG    1 
ATOM   276  C CD    . GLU A 1 69  ? 7.800   7.169   -0.210  1.00 88.92  ? 35  GLU A CD    1 
ATOM   277  O OE1   . GLU A 1 69  ? 8.443   6.125   0.047   1.00 85.47  ? 35  GLU A OE1   1 
ATOM   278  O OE2   . GLU A 1 69  ? 8.139   7.980   -1.108  1.00 86.61  ? 35  GLU A OE2   1 
ATOM   279  N N     . LEU A 1 70  ? 3.071   5.469   -1.768  1.00 75.42  ? 36  LEU A N     1 
ATOM   280  C CA    . LEU A 1 70  ? 2.230   4.343   -2.158  1.00 71.15  ? 36  LEU A CA    1 
ATOM   281  C C     . LEU A 1 70  ? 2.036   4.291   -3.657  1.00 63.65  ? 36  LEU A C     1 
ATOM   282  O O     . LEU A 1 70  ? 2.128   3.228   -4.275  1.00 66.53  ? 36  LEU A O     1 
ATOM   283  C CB    . LEU A 1 70  ? 0.885   4.420   -1.448  1.00 61.47  ? 36  LEU A CB    1 
ATOM   284  C CG    . LEU A 1 70  ? 1.046   4.264   0.062   1.00 64.06  ? 36  LEU A CG    1 
ATOM   285  C CD1   . LEU A 1 70  ? -0.295  4.053   0.740   1.00 58.52  ? 36  LEU A CD1   1 
ATOM   286  C CD2   . LEU A 1 70  ? 1.988   3.114   0.357   1.00 73.53  ? 36  LEU A CD2   1 
ATOM   287  N N     . ILE A 1 71  ? 1.778   5.455   -4.235  1.00 57.12  ? 37  ILE A N     1 
ATOM   288  C CA    . ILE A 1 71  ? 1.646   5.576   -5.675  1.00 60.97  ? 37  ILE A CA    1 
ATOM   289  C C     . ILE A 1 71  ? 2.933   5.117   -6.361  1.00 69.62  ? 37  ILE A C     1 
ATOM   290  O O     . ILE A 1 71  ? 2.882   4.525   -7.436  1.00 82.00  ? 37  ILE A O     1 
ATOM   291  C CB    . ILE A 1 71  ? 1.316   7.025   -6.080  1.00 72.50  ? 37  ILE A CB    1 
ATOM   292  C CG1   . ILE A 1 71  ? 0.024   7.492   -5.415  1.00 61.86  ? 37  ILE A CG1   1 
ATOM   293  C CG2   . ILE A 1 71  ? 1.171   7.153   -7.575  1.00 77.98  ? 37  ILE A CG2   1 
ATOM   294  C CD1   . ILE A 1 71  ? -0.082  9.001   -5.362  1.00 70.76  ? 37  ILE A CD1   1 
ATOM   295  N N     . SER A 1 72  ? 4.083   5.383   -5.747  1.00 74.57  ? 38  SER A N     1 
ATOM   296  C CA    . SER A 1 72  ? 5.335   4.817   -6.245  1.00 76.77  ? 38  SER A CA    1 
ATOM   297  C C     . SER A 1 72  ? 5.184   3.312   -6.408  1.00 73.74  ? 38  SER A C     1 
ATOM   298  O O     . SER A 1 72  ? 5.114   2.811   -7.535  1.00 73.66  ? 38  SER A O     1 
ATOM   299  C CB    . SER A 1 72  ? 6.501   5.090   -5.287  1.00 89.31  ? 38  SER A CB    1 
ATOM   300  O OG    . SER A 1 72  ? 7.327   3.929   -5.131  1.00 77.06  ? 38  SER A OG    1 
ATOM   301  N N     . ASN A 1 73  ? 5.074   2.619   -5.272  1.00 70.14  ? 39  ASN A N     1 
ATOM   302  C CA    . ASN A 1 73  ? 5.121   1.162   -5.212  1.00 72.40  ? 39  ASN A CA    1 
ATOM   303  C C     . ASN A 1 73  ? 4.120   0.530   -6.147  1.00 70.54  ? 39  ASN A C     1 
ATOM   304  O O     . ASN A 1 73  ? 4.286   -0.617  -6.570  1.00 74.66  ? 39  ASN A O     1 
ATOM   305  C CB    . ASN A 1 73  ? 4.857   0.692   -3.788  1.00 75.55  ? 39  ASN A CB    1 
ATOM   306  C CG    . ASN A 1 73  ? 5.922   1.150   -2.827  1.00 79.24  ? 39  ASN A CG    1 
ATOM   307  O OD1   . ASN A 1 73  ? 6.781   1.968   -3.174  1.00 85.96  ? 39  ASN A OD1   1 
ATOM   308  N ND2   . ASN A 1 73  ? 5.885   0.618   -1.612  1.00 71.11  ? 39  ASN A ND2   1 
ATOM   309  N N     . SER A 1 74  ? 3.082   1.306   -6.453  1.00 72.44  ? 40  SER A N     1 
ATOM   310  C CA    . SER A 1 74  ? 2.050   0.931   -7.409  1.00 75.27  ? 40  SER A CA    1 
ATOM   311  C C     . SER A 1 74  ? 2.523   1.056   -8.861  1.00 68.98  ? 40  SER A C     1 
ATOM   312  O O     . SER A 1 74  ? 2.338   0.133   -9.659  1.00 72.19  ? 40  SER A O     1 
ATOM   313  C CB    . SER A 1 74  ? 0.777   1.762   -7.169  1.00 69.50  ? 40  SER A CB    1 
ATOM   314  O OG    . SER A 1 74  ? 0.036   1.258   -6.066  1.00 66.22  ? 40  SER A OG    1 
ATOM   315  N N     . SER A 1 75  ? 3.122   2.196   -9.196  1.00 67.39  ? 41  SER A N     1 
ATOM   316  C CA    . SER A 1 75  ? 3.722   2.379   -10.510 1.00 74.83  ? 41  SER A CA    1 
ATOM   317  C C     . SER A 1 75  ? 4.661   1.201   -10.779 1.00 73.32  ? 41  SER A C     1 
ATOM   318  O O     . SER A 1 75  ? 4.559   0.537   -11.815 1.00 66.41  ? 41  SER A O     1 
ATOM   319  C CB    . SER A 1 75  ? 4.480   3.708   -10.575 1.00 68.11  ? 41  SER A CB    1 
ATOM   320  O OG    . SER A 1 75  ? 5.109   3.868   -11.835 1.00 77.54  ? 41  SER A OG    1 
ATOM   321  N N     . ASP A 1 76  ? 5.528   0.931   -9.804  1.00 67.80  ? 42  ASP A N     1 
ATOM   322  C CA    . ASP A 1 76  ? 6.452   -0.205  -9.810  1.00 69.09  ? 42  ASP A CA    1 
ATOM   323  C C     . ASP A 1 76  ? 5.773   -1.547  -10.084 1.00 69.38  ? 42  ASP A C     1 
ATOM   324  O O     . ASP A 1 76  ? 6.319   -2.402  -10.793 1.00 60.58  ? 42  ASP A O     1 
ATOM   325  C CB    . ASP A 1 76  ? 7.171   -0.300  -8.456  1.00 83.03  ? 42  ASP A CB    1 
ATOM   326  C CG    . ASP A 1 76  ? 8.037   0.921   -8.151  1.00 89.05  ? 42  ASP A CG    1 
ATOM   327  O OD1   . ASP A 1 76  ? 8.694   0.914   -7.078  1.00 69.11  ? 42  ASP A OD1   1 
ATOM   328  O OD2   . ASP A 1 76  ? 8.063   1.874   -8.976  1.00 82.55  ? 42  ASP A OD2   1 
ATOM   329  N N     . ALA A 1 77  ? 4.595   -1.733  -9.492  1.00 77.37  ? 43  ALA A N     1 
ATOM   330  C CA    . ALA A 1 77  ? 3.813   -2.952  -9.670  1.00 67.45  ? 43  ALA A CA    1 
ATOM   331  C C     . ALA A 1 77  ? 3.194   -3.006  -11.066 1.00 60.17  ? 43  ALA A C     1 
ATOM   332  O O     . ALA A 1 77  ? 3.121   -4.058  -11.689 1.00 54.97  ? 43  ALA A O     1 
ATOM   333  C CB    . ALA A 1 77  ? 2.736   -3.044  -8.612  1.00 61.20  ? 43  ALA A CB    1 
ATOM   334  N N     . LEU A 1 78  ? 2.745   -1.866  -11.560 1.00 60.59  ? 44  LEU A N     1 
ATOM   335  C CA    . LEU A 1 78  ? 2.217   -1.821  -12.908 1.00 73.19  ? 44  LEU A CA    1 
ATOM   336  C C     . LEU A 1 78  ? 3.365   -2.016  -13.887 1.00 75.23  ? 44  LEU A C     1 
ATOM   337  O O     . LEU A 1 78  ? 3.206   -2.601  -14.962 1.00 78.13  ? 44  LEU A O     1 
ATOM   338  C CB    . LEU A 1 78  ? 1.511   -0.491  -13.151 1.00 78.70  ? 44  LEU A CB    1 
ATOM   339  C CG    . LEU A 1 78  ? 0.299   -0.256  -12.255 1.00 67.60  ? 44  LEU A CG    1 
ATOM   340  C CD1   . LEU A 1 78  ? 0.027   1.218   -12.130 1.00 56.11  ? 44  LEU A CD1   1 
ATOM   341  C CD2   . LEU A 1 78  ? -0.899  -0.993  -12.824 1.00 69.97  ? 44  LEU A CD2   1 
ATOM   342  N N     . ASP A 1 79  ? 4.534   -1.527  -13.499 1.00 82.18  ? 45  ASP A N     1 
ATOM   343  C CA    . ASP A 1 79  ? 5.712   -1.653  -14.345 1.00 82.69  ? 45  ASP A CA    1 
ATOM   344  C C     . ASP A 1 79  ? 6.161   -3.099  -14.439 1.00 74.94  ? 45  ASP A C     1 
ATOM   345  O O     . ASP A 1 79  ? 6.468   -3.588  -15.525 1.00 83.38  ? 45  ASP A O     1 
ATOM   346  C CB    . ASP A 1 79  ? 6.838   -0.747  -13.846 1.00 79.26  ? 45  ASP A CB    1 
ATOM   347  C CG    . ASP A 1 79  ? 6.543   0.725   -14.091 1.00 92.32  ? 45  ASP A CG    1 
ATOM   348  O OD1   . ASP A 1 79  ? 5.966   1.040   -15.157 1.00 82.24  ? 45  ASP A OD1   1 
ATOM   349  O OD2   . ASP A 1 79  ? 6.871   1.562   -13.214 1.00 102.59 ? 45  ASP A OD2   1 
ATOM   350  N N     . LYS A 1 80  ? 6.177   -3.793  -13.308 1.00 73.17  ? 46  LYS A N     1 
ATOM   351  C CA    . LYS A 1 80  ? 6.596   -5.188  -13.327 1.00 79.70  ? 46  LYS A CA    1 
ATOM   352  C C     . LYS A 1 80  ? 5.634   -6.073  -14.127 1.00 80.87  ? 46  LYS A C     1 
ATOM   353  O O     . LYS A 1 80  ? 6.083   -6.944  -14.863 1.00 98.67  ? 46  LYS A O     1 
ATOM   354  C CB    . LYS A 1 80  ? 6.829   -5.734  -11.900 1.00 62.62  ? 46  LYS A CB    1 
ATOM   355  N N     . ILE A 1 81  ? 4.326   -5.841  -14.024 1.00 82.02  ? 47  ILE A N     1 
ATOM   356  C CA    . ILE A 1 81  ? 3.371   -6.681  -14.761 1.00 87.74  ? 47  ILE A CA    1 
ATOM   357  C C     . ILE A 1 81  ? 3.425   -6.367  -16.243 1.00 86.76  ? 47  ILE A C     1 
ATOM   358  O O     . ILE A 1 81  ? 3.281   -7.257  -17.079 1.00 88.50  ? 47  ILE A O     1 
ATOM   359  C CB    . ILE A 1 81  ? 1.895   -6.603  -14.237 1.00 78.78  ? 47  ILE A CB    1 
ATOM   360  C CG1   . ILE A 1 81  ? 1.074   -7.786  -14.775 1.00 82.80  ? 47  ILE A CG1   1 
ATOM   361  C CG2   . ILE A 1 81  ? 1.222   -5.273  -14.588 1.00 68.85  ? 47  ILE A CG2   1 
ATOM   362  C CD1   . ILE A 1 81  ? 1.432   -9.157  -14.159 1.00 81.16  ? 47  ILE A CD1   1 
ATOM   363  N N     . ARG A 1 82  ? 3.666   -5.099  -16.560 1.00 77.87  ? 48  ARG A N     1 
ATOM   364  C CA    . ARG A 1 82  ? 3.798   -4.685  -17.937 1.00 76.16  ? 48  ARG A CA    1 
ATOM   365  C C     . ARG A 1 82  ? 4.988   -5.398  -18.594 1.00 91.62  ? 48  ARG A C     1 
ATOM   366  O O     . ARG A 1 82  ? 5.015   -5.600  -19.813 1.00 86.63  ? 48  ARG A O     1 
ATOM   367  C CB    . ARG A 1 82  ? 3.959   -3.175  -18.004 1.00 69.93  ? 48  ARG A CB    1 
ATOM   368  C CG    . ARG A 1 82  ? 3.849   -2.651  -19.398 1.00 83.75  ? 48  ARG A CG    1 
ATOM   369  C CD    . ARG A 1 82  ? 3.881   -1.151  -19.432 1.00 81.52  ? 48  ARG A CD    1 
ATOM   370  N NE    . ARG A 1 82  ? 3.534   -0.691  -20.768 1.00 83.97  ? 48  ARG A NE    1 
ATOM   371  C CZ    . ARG A 1 82  ? 3.211   0.561   -21.063 1.00 118.18 ? 48  ARG A CZ    1 
ATOM   372  N NH1   . ARG A 1 82  ? 3.190   1.482   -20.107 1.00 130.28 ? 48  ARG A NH1   1 
ATOM   373  N NH2   . ARG A 1 82  ? 2.900   0.891   -22.314 1.00 125.30 ? 48  ARG A NH2   1 
ATOM   374  N N     . PHE A 1 83  ? 5.950   -5.800  -17.764 1.00 97.12  ? 49  PHE A N     1 
ATOM   375  C CA    . PHE A 1 83  ? 7.164   -6.484  -18.212 1.00 93.47  ? 49  PHE A CA    1 
ATOM   376  C C     . PHE A 1 83  ? 6.907   -7.952  -18.538 1.00 101.52 ? 49  PHE A C     1 
ATOM   377  O O     . PHE A 1 83  ? 7.132   -8.392  -19.670 1.00 104.85 ? 49  PHE A O     1 
ATOM   378  C CB    . PHE A 1 83  ? 8.270   -6.363  -17.165 1.00 92.50  ? 49  PHE A CB    1 
ATOM   379  C CG    . PHE A 1 83  ? 9.665   -6.476  -17.732 1.00 107.44 ? 49  PHE A CG    1 
ATOM   380  C CD1   . PHE A 1 83  ? 9.879   -6.965  -19.016 1.00 112.66 ? 49  PHE A CD1   1 
ATOM   381  C CD2   . PHE A 1 83  ? 10.764  -6.089  -16.978 1.00 104.04 ? 49  PHE A CD2   1 
ATOM   382  C CE1   . PHE A 1 83  ? 11.159  -7.066  -19.540 1.00 106.32 ? 49  PHE A CE1   1 
ATOM   383  C CE2   . PHE A 1 83  ? 12.042  -6.189  -17.494 1.00 104.43 ? 49  PHE A CE2   1 
ATOM   384  C CZ    . PHE A 1 83  ? 12.239  -6.678  -18.782 1.00 100.41 ? 49  PHE A CZ    1 
ATOM   385  N N     . GLU A 1 84  ? 6.464   -8.709  -17.536 1.00 97.41  ? 50  GLU A N     1 
ATOM   386  C CA    . GLU A 1 84  ? 6.116   -10.114 -17.720 1.00 94.67  ? 50  GLU A CA    1 
ATOM   387  C C     . GLU A 1 84  ? 5.082   -10.264 -18.819 1.00 98.30  ? 50  GLU A C     1 
ATOM   388  O O     . GLU A 1 84  ? 4.890   -11.353 -19.341 1.00 104.52 ? 50  GLU A O     1 
ATOM   389  C CB    . GLU A 1 84  ? 5.532   -10.701 -16.442 1.00 98.73  ? 50  GLU A CB    1 
ATOM   390  C CG    . GLU A 1 84  ? 6.206   -10.242 -15.161 1.00 96.70  ? 50  GLU A CG    1 
ATOM   391  C CD    . GLU A 1 84  ? 5.644   -10.941 -13.926 1.00 104.02 ? 50  GLU A CD    1 
ATOM   392  O OE1   . GLU A 1 84  ? 4.754   -11.811 -14.079 1.00 96.65  ? 50  GLU A OE1   1 
ATOM   393  O OE2   . GLU A 1 84  ? 6.094   -10.625 -12.800 1.00 111.64 ? 50  GLU A OE2   1 
ATOM   394  N N     . SER A 1 85  ? 4.406   -9.160  -19.138 1.00 107.65 ? 51  SER A N     1 
ATOM   395  C CA    . SER A 1 85  ? 3.378   -9.118  -20.172 1.00 110.87 ? 51  SER A CA    1 
ATOM   396  C C     . SER A 1 85  ? 3.959   -9.142  -21.586 1.00 109.18 ? 51  SER A C     1 
ATOM   397  O O     . SER A 1 85  ? 3.234   -9.371  -22.562 1.00 120.52 ? 51  SER A O     1 
ATOM   398  C CB    . SER A 1 85  ? 2.479   -7.888  -20.002 1.00 100.18 ? 51  SER A CB    1 
ATOM   399  O OG    . SER A 1 85  ? 3.113   -6.711  -20.481 1.00 104.12 ? 51  SER A OG    1 
ATOM   400  N N     . LEU A 1 86  ? 5.258   -8.898  -21.707 1.00 99.07  ? 52  LEU A N     1 
ATOM   401  C CA    . LEU A 1 86  ? 5.918   -9.095  -22.994 1.00 114.96 ? 52  LEU A CA    1 
ATOM   402  C C     . LEU A 1 86  ? 6.255   -10.574 -23.152 1.00 113.58 ? 52  LEU A C     1 
ATOM   403  O O     . LEU A 1 86  ? 5.741   -11.241 -24.049 1.00 120.30 ? 52  LEU A O     1 
ATOM   404  C CB    . LEU A 1 86  ? 7.157   -8.208  -23.145 1.00 105.73 ? 52  LEU A CB    1 
ATOM   405  C CG    . LEU A 1 86  ? 6.827   -6.750  -23.486 1.00 113.39 ? 52  LEU A CG    1 
ATOM   406  C CD1   . LEU A 1 86  ? 7.937   -5.831  -23.019 1.00 93.13  ? 52  LEU A CD1   1 
ATOM   407  C CD2   . LEU A 1 86  ? 6.560   -6.569  -24.987 1.00 104.23 ? 52  LEU A CD2   1 
ATOM   408  N N     . THR A 1 87  ? 7.100   -11.078 -22.257 1.00 111.93 ? 53  THR A N     1 
ATOM   409  C CA    . THR A 1 87  ? 7.504   -12.483 -22.267 1.00 108.13 ? 53  THR A CA    1 
ATOM   410  C C     . THR A 1 87  ? 6.315   -13.473 -22.318 1.00 112.99 ? 53  THR A C     1 
ATOM   411  O O     . THR A 1 87  ? 6.418   -14.545 -22.922 1.00 105.64 ? 53  THR A O     1 
ATOM   412  C CB    . THR A 1 87  ? 8.488   -12.798 -21.093 1.00 99.96  ? 53  THR A CB    1 
ATOM   413  O OG1   . THR A 1 87  ? 8.781   -14.198 -21.064 1.00 103.06 ? 53  THR A OG1   1 
ATOM   414  C CG2   . THR A 1 87  ? 7.912   -12.367 -19.742 1.00 98.18  ? 53  THR A CG2   1 
ATOM   415  N N     . ASP A 1 88  ? 5.196   -13.100 -21.691 1.00 118.57 ? 54  ASP A N     1 
ATOM   416  C CA    . ASP A 1 88  ? 3.949   -13.876 -21.727 1.00 104.93 ? 54  ASP A CA    1 
ATOM   417  C C     . ASP A 1 88  ? 2.763   -12.921 -21.782 1.00 95.14  ? 54  ASP A C     1 
ATOM   418  O O     . ASP A 1 88  ? 2.682   -11.998 -20.985 1.00 107.19 ? 54  ASP A O     1 
ATOM   419  C CB    . ASP A 1 88  ? 3.839   -14.783 -20.486 1.00 94.25  ? 54  ASP A CB    1 
ATOM   420  C CG    . ASP A 1 88  ? 2.566   -15.636 -20.476 1.00 103.15 ? 54  ASP A CG    1 
ATOM   421  O OD1   . ASP A 1 88  ? 2.303   -16.316 -19.457 1.00 106.10 ? 54  ASP A OD1   1 
ATOM   422  O OD2   . ASP A 1 88  ? 1.822   -15.629 -21.482 1.00 105.94 ? 54  ASP A OD2   1 
ATOM   423  N N     . LYS A 1 89  ? 1.826   -13.148 -22.695 1.00 105.06 ? 55  LYS A N     1 
ATOM   424  C CA    . LYS A 1 89  ? 0.650   -12.282 -22.756 1.00 107.54 ? 55  LYS A CA    1 
ATOM   425  C C     . LYS A 1 89  ? -0.552  -12.824 -21.975 1.00 109.88 ? 55  LYS A C     1 
ATOM   426  O O     . LYS A 1 89  ? -1.604  -12.194 -21.954 1.00 117.97 ? 55  LYS A O     1 
ATOM   427  C CB    . LYS A 1 89  ? 0.269   -11.977 -24.198 1.00 100.40 ? 55  LYS A CB    1 
ATOM   428  N N     . SER A 1 90  ? -0.386  -13.982 -21.333 1.00 96.86  ? 56  SER A N     1 
ATOM   429  C CA    . SER A 1 90  ? -1.405  -14.557 -20.442 1.00 101.27 ? 56  SER A CA    1 
ATOM   430  C C     . SER A 1 90  ? -1.535  -13.788 -19.123 1.00 110.02 ? 56  SER A C     1 
ATOM   431  O O     . SER A 1 90  ? -2.493  -13.969 -18.362 1.00 113.98 ? 56  SER A O     1 
ATOM   432  C CB    . SER A 1 90  ? -1.085  -16.027 -20.139 1.00 116.17 ? 56  SER A CB    1 
ATOM   433  O OG    . SER A 1 90  ? -1.938  -16.556 -19.131 1.00 121.36 ? 56  SER A OG    1 
ATOM   434  N N     . LYS A 1 91  ? -0.555  -12.928 -18.867 1.00 110.05 ? 57  LYS A N     1 
ATOM   435  C CA    . LYS A 1 91  ? -0.452  -12.202 -17.611 1.00 104.96 ? 57  LYS A CA    1 
ATOM   436  C C     . LYS A 1 91  ? -1.467  -11.069 -17.570 1.00 106.92 ? 57  LYS A C     1 
ATOM   437  O O     . LYS A 1 91  ? -2.368  -11.041 -16.716 1.00 107.68 ? 57  LYS A O     1 
ATOM   438  C CB    . LYS A 1 91  ? 0.970   -11.646 -17.448 1.00 106.30 ? 57  LYS A CB    1 
ATOM   439  C CG    . LYS A 1 91  ? 2.082   -12.703 -17.511 1.00 86.69  ? 57  LYS A CG    1 
ATOM   440  C CD    . LYS A 1 91  ? 1.732   -13.895 -16.634 1.00 92.28  ? 57  LYS A CD    1 
ATOM   441  C CE    . LYS A 1 91  ? 2.872   -14.887 -16.539 1.00 89.68  ? 57  LYS A CE    1 
ATOM   442  N NZ    . LYS A 1 91  ? 2.499   -16.051 -15.680 1.00 87.42  ? 57  LYS A NZ    1 
ATOM   443  N N     . LEU A 1 92  ? -1.300  -10.136 -18.505 1.00 98.80  ? 58  LEU A N     1 
ATOM   444  C CA    . LEU A 1 92  ? -2.136  -8.946  -18.596 1.00 103.58 ? 58  LEU A CA    1 
ATOM   445  C C     . LEU A 1 92  ? -3.616  -9.253  -18.781 1.00 116.15 ? 58  LEU A C     1 
ATOM   446  O O     . LEU A 1 92  ? -4.464  -8.411  -18.487 1.00 115.92 ? 58  LEU A O     1 
ATOM   447  C CB    . LEU A 1 92  ? -1.661  -8.054  -19.741 1.00 99.59  ? 58  LEU A CB    1 
ATOM   448  C CG    . LEU A 1 92  ? -0.927  -6.774  -19.336 1.00 98.77  ? 58  LEU A CG    1 
ATOM   449  C CD1   . LEU A 1 92  ? -0.441  -6.026  -20.566 1.00 93.31  ? 58  LEU A CD1   1 
ATOM   450  C CD2   . LEU A 1 92  ? -1.821  -5.882  -18.478 1.00 99.81  ? 58  LEU A CD2   1 
ATOM   451  N N     . ASP A 1 93  ? -3.920  -10.456 -19.261 1.00 125.24 ? 59  ASP A N     1 
ATOM   452  C CA    . ASP A 1 93  ? -5.294  -10.851 -19.566 1.00 114.86 ? 59  ASP A CA    1 
ATOM   453  C C     . ASP A 1 93  ? -6.241  -10.644 -18.383 1.00 117.40 ? 59  ASP A C     1 
ATOM   454  O O     . ASP A 1 93  ? -7.435  -10.397 -18.584 1.00 104.74 ? 59  ASP A O     1 
ATOM   455  C CB    . ASP A 1 93  ? -5.336  -12.309 -20.043 1.00 116.66 ? 59  ASP A CB    1 
ATOM   456  C CG    . ASP A 1 93  ? -4.543  -12.531 -21.326 1.00 124.30 ? 59  ASP A CG    1 
ATOM   457  O OD1   . ASP A 1 93  ? -4.314  -11.541 -22.066 1.00 125.56 ? 59  ASP A OD1   1 
ATOM   458  O OD2   . ASP A 1 93  ? -4.152  -13.693 -21.595 1.00 99.55  ? 59  ASP A OD2   1 
ATOM   459  N N     . ALA A 1 94  ? -5.696  -10.725 -17.161 1.00 132.83 ? 60  ALA A N     1 
ATOM   460  C CA    . ALA A 1 94  ? -6.459  -10.532 -15.915 1.00 126.06 ? 60  ALA A CA    1 
ATOM   461  C C     . ALA A 1 94  ? -7.243  -9.205  -15.897 1.00 119.81 ? 60  ALA A C     1 
ATOM   462  O O     . ALA A 1 94  ? -8.472  -9.195  -15.974 1.00 117.61 ? 60  ALA A O     1 
ATOM   463  C CB    . ALA A 1 94  ? -5.537  -10.646 -14.694 1.00 87.85  ? 60  ALA A CB    1 
ATOM   464  N N     . GLN A 1 95  ? -6.533  -8.088  -15.809 1.00 113.10 ? 61  GLN A N     1 
ATOM   465  C CA    . GLN A 1 95  ? -7.144  -6.795  -16.093 1.00 108.19 ? 61  GLN A CA    1 
ATOM   466  C C     . GLN A 1 95  ? -6.293  -6.108  -17.132 1.00 100.11 ? 61  GLN A C     1 
ATOM   467  O O     . GLN A 1 95  ? -5.370  -5.367  -16.798 1.00 101.25 ? 61  GLN A O     1 
ATOM   468  C CB    . GLN A 1 95  ? -7.224  -5.918  -14.853 1.00 99.87  ? 61  GLN A CB    1 
ATOM   469  C CG    . GLN A 1 95  ? -7.524  -6.662  -13.579 1.00 98.93  ? 61  GLN A CG    1 
ATOM   470  C CD    . GLN A 1 95  ? -7.659  -5.706  -12.420 1.00 105.54 ? 61  GLN A CD    1 
ATOM   471  O OE1   . GLN A 1 95  ? -8.147  -4.589  -12.594 1.00 103.63 ? 61  GLN A OE1   1 
ATOM   472  N NE2   . GLN A 1 95  ? -7.211  -6.124  -11.234 1.00 110.33 ? 61  GLN A NE2   1 
ATOM   473  N N     . PRO A 1 96  ? -6.604  -6.337  -18.408 1.00 97.28  ? 62  PRO A N     1 
ATOM   474  C CA    . PRO A 1 96  ? -5.759  -5.767  -19.456 1.00 104.40 ? 62  PRO A CA    1 
ATOM   475  C C     . PRO A 1 96  ? -5.928  -4.258  -19.564 1.00 109.07 ? 62  PRO A C     1 
ATOM   476  O O     . PRO A 1 96  ? -6.166  -3.731  -20.649 1.00 118.83 ? 62  PRO A O     1 
ATOM   477  C CB    . PRO A 1 96  ? -6.266  -6.463  -20.723 1.00 115.79 ? 62  PRO A CB    1 
ATOM   478  C CG    . PRO A 1 96  ? -7.662  -6.884  -20.394 1.00 103.51 ? 62  PRO A CG    1 
ATOM   479  C CD    . PRO A 1 96  ? -7.657  -7.214  -18.943 1.00 99.22  ? 62  PRO A CD    1 
ATOM   480  N N     . GLU A 1 97  ? -5.832  -3.581  -18.425 1.00 115.78 ? 63  GLU A N     1 
ATOM   481  C CA    . GLU A 1 97  ? -5.610  -2.145  -18.383 1.00 112.69 ? 63  GLU A CA    1 
ATOM   482  C C     . GLU A 1 97  ? -4.898  -1.767  -17.080 1.00 103.27 ? 63  GLU A C     1 
ATOM   483  O O     . GLU A 1 97  ? -5.196  -2.313  -16.007 1.00 95.46  ? 63  GLU A O     1 
ATOM   484  C CB    . GLU A 1 97  ? -6.922  -1.377  -18.559 1.00 101.33 ? 63  GLU A CB    1 
ATOM   485  C CG    . GLU A 1 97  ? -7.891  -1.524  -17.416 1.00 97.08  ? 63  GLU A CG    1 
ATOM   486  C CD    . GLU A 1 97  ? -8.614  -0.228  -17.146 1.00 102.09 ? 63  GLU A CD    1 
ATOM   487  O OE1   . GLU A 1 97  ? -8.092  0.830   -17.569 1.00 94.24  ? 63  GLU A OE1   1 
ATOM   488  O OE2   . GLU A 1 97  ? -9.695  -0.262  -16.516 1.00 111.74 ? 63  GLU A OE2   1 
ATOM   489  N N     . LEU A 1 98  ? -3.970  -0.822  -17.181 1.00 86.42  ? 64  LEU A N     1 
ATOM   490  C CA    . LEU A 1 98  ? -3.125  -0.471  -16.050 1.00 86.05  ? 64  LEU A CA    1 
ATOM   491  C C     . LEU A 1 98  ? -3.506  0.879   -15.441 1.00 90.71  ? 64  LEU A C     1 
ATOM   492  O O     . LEU A 1 98  ? -3.348  1.942   -16.063 1.00 85.74  ? 64  LEU A O     1 
ATOM   493  C CB    . LEU A 1 98  ? -1.645  -0.519  -16.444 1.00 96.87  ? 64  LEU A CB    1 
ATOM   494  C CG    . LEU A 1 98  ? -1.159  -1.887  -16.951 1.00 98.96  ? 64  LEU A CG    1 
ATOM   495  C CD1   . LEU A 1 98  ? 0.337   -1.868  -17.301 1.00 82.94  ? 64  LEU A CD1   1 
ATOM   496  C CD2   . LEU A 1 98  ? -1.488  -3.008  -15.951 1.00 96.69  ? 64  LEU A CD2   1 
ATOM   497  N N     . PHE A 1 99  ? -4.010  0.822   -14.213 1.00 72.97  ? 65  PHE A N     1 
ATOM   498  C CA    . PHE A 1 99  ? -4.569  1.997   -13.582 1.00 70.53  ? 65  PHE A CA    1 
ATOM   499  C C     . PHE A 1 99  ? -4.179  2.049   -12.140 1.00 62.48  ? 65  PHE A C     1 
ATOM   500  O O     . PHE A 1 99  ? -3.748  1.052   -11.552 1.00 57.21  ? 65  PHE A O     1 
ATOM   501  C CB    . PHE A 1 99  ? -6.094  1.943   -13.638 1.00 80.92  ? 65  PHE A CB    1 
ATOM   502  C CG    . PHE A 1 99  ? -6.674  0.729   -12.965 1.00 71.56  ? 65  PHE A CG    1 
ATOM   503  C CD1   . PHE A 1 99  ? -6.991  0.750   -11.612 1.00 65.34  ? 65  PHE A CD1   1 
ATOM   504  C CD2   . PHE A 1 99  ? -6.887  -0.436  -13.683 1.00 69.64  ? 65  PHE A CD2   1 
ATOM   505  C CE1   . PHE A 1 99  ? -7.512  -0.365  -10.988 1.00 58.36  ? 65  PHE A CE1   1 
ATOM   506  C CE2   . PHE A 1 99  ? -7.415  -1.551  -13.073 1.00 65.30  ? 65  PHE A CE2   1 
ATOM   507  C CZ    . PHE A 1 99  ? -7.728  -1.516  -11.721 1.00 65.25  ? 65  PHE A CZ    1 
ATOM   508  N N     . ILE A 1 100 ? -4.389  3.224   -11.566 1.00 67.49  ? 66  ILE A N     1 
ATOM   509  C CA    . ILE A 1 100 ? -4.270  3.414   -10.132 1.00 76.46  ? 66  ILE A CA    1 
ATOM   510  C C     . ILE A 1 100 ? -5.507  4.163   -9.650  1.00 75.41  ? 66  ILE A C     1 
ATOM   511  O O     . ILE A 1 100 ? -5.820  5.244   -10.158 1.00 79.72  ? 66  ILE A O     1 
ATOM   512  C CB    . ILE A 1 100 ? -2.992  4.195   -9.758  1.00 65.17  ? 66  ILE A CB    1 
ATOM   513  C CG1   . ILE A 1 100 ? -1.757  3.340   -10.035 1.00 65.95  ? 66  ILE A CG1   1 
ATOM   514  C CG2   . ILE A 1 100 ? -3.017  4.578   -8.294  1.00 68.15  ? 66  ILE A CG2   1 
ATOM   515  C CD1   . ILE A 1 100 ? -0.458  4.121   -10.118 1.00 66.87  ? 66  ILE A CD1   1 
ATOM   516  N N     . HIS A 1 101 ? -6.232  3.590   -8.691  1.00 64.77  ? 67  HIS A N     1 
ATOM   517  C CA    . HIS A 1 101 ? -7.410  4.276   -8.179  1.00 67.91  ? 67  HIS A CA    1 
ATOM   518  C C     . HIS A 1 101 ? -7.239  4.714   -6.737  1.00 65.24  ? 67  HIS A C     1 
ATOM   519  O O     . HIS A 1 101 ? -6.622  4.011   -5.923  1.00 65.88  ? 67  HIS A O     1 
ATOM   520  C CB    . HIS A 1 101 ? -8.682  3.439   -8.362  1.00 65.94  ? 67  HIS A CB    1 
ATOM   521  C CG    . HIS A 1 101 ? -9.066  3.226   -9.795  1.00 65.89  ? 67  HIS A CG    1 
ATOM   522  N ND1   . HIS A 1 101 ? -8.572  4.006   -10.823 1.00 86.68  ? 67  HIS A ND1   1 
ATOM   523  C CD2   . HIS A 1 101 ? -9.874  2.309   -10.375 1.00 61.21  ? 67  HIS A CD2   1 
ATOM   524  C CE1   . HIS A 1 101 ? -9.067  3.580   -11.973 1.00 81.70  ? 67  HIS A CE1   1 
ATOM   525  N NE2   . HIS A 1 101 ? -9.858  2.552   -11.730 1.00 76.96  ? 67  HIS A NE2   1 
ATOM   526  N N     . ILE A 1 102 ? -7.764  5.899   -6.440  1.00 48.98  ? 68  ILE A N     1 
ATOM   527  C CA    . ILE A 1 102 ? -7.708  6.436   -5.099  1.00 57.42  ? 68  ILE A CA    1 
ATOM   528  C C     . ILE A 1 102 ? -9.118  6.722   -4.602  1.00 60.46  ? 68  ILE A C     1 
ATOM   529  O O     . ILE A 1 102 ? -9.782  7.642   -5.095  1.00 61.06  ? 68  ILE A O     1 
ATOM   530  C CB    . ILE A 1 102 ? -6.841  7.711   -5.069  1.00 69.31  ? 68  ILE A CB    1 
ATOM   531  C CG1   . ILE A 1 102 ? -5.399  7.358   -5.442  1.00 58.50  ? 68  ILE A CG1   1 
ATOM   532  C CG2   . ILE A 1 102 ? -6.898  8.390   -3.697  1.00 64.87  ? 68  ILE A CG2   1 
ATOM   533  C CD1   . ILE A 1 102 ? -4.496  8.549   -5.544  1.00 63.08  ? 68  ILE A CD1   1 
ATOM   534  N N     . VAL A 1 103 ? -9.576  5.927   -3.632  1.00 64.72  ? 69  VAL A N     1 
ATOM   535  C CA    . VAL A 1 103 ? -10.928 6.075   -3.095  1.00 61.70  ? 69  VAL A CA    1 
ATOM   536  C C     . VAL A 1 103 ? -10.969 6.444   -1.624  1.00 61.80  ? 69  VAL A C     1 
ATOM   537  O O     . VAL A 1 103 ? -10.757 5.571   -0.771  1.00 65.01  ? 69  VAL A O     1 
ATOM   538  C CB    . VAL A 1 103 ? -11.728 4.758   -3.209  1.00 63.44  ? 69  VAL A CB    1 
ATOM   539  C CG1   . VAL A 1 103 ? -13.214 5.015   -2.920  1.00 70.92  ? 69  VAL A CG1   1 
ATOM   540  C CG2   . VAL A 1 103 ? -11.545 4.130   -4.577  1.00 64.74  ? 69  VAL A CG2   1 
ATOM   541  N N     . PRO A 1 104 ? -11.257 7.726   -1.316  1.00 61.43  ? 70  PRO A N     1 
ATOM   542  C CA    . PRO A 1 104 ? -11.654 8.079   0.051   1.00 58.79  ? 70  PRO A CA    1 
ATOM   543  C C     . PRO A 1 104 ? -13.071 7.598   0.306   1.00 63.60  ? 70  PRO A C     1 
ATOM   544  O O     . PRO A 1 104 ? -13.923 7.810   -0.563  1.00 71.92  ? 70  PRO A O     1 
ATOM   545  C CB    . PRO A 1 104 ? -11.579 9.615   0.059   1.00 63.42  ? 70  PRO A CB    1 
ATOM   546  C CG    . PRO A 1 104 ? -11.717 10.018  -1.366  1.00 62.45  ? 70  PRO A CG    1 
ATOM   547  C CD    . PRO A 1 104 ? -11.045 8.922   -2.155  1.00 69.94  ? 70  PRO A CD    1 
ATOM   548  N N     . ASP A 1 105 ? -13.328 6.957   1.444   1.00 63.11  ? 71  ASP A N     1 
ATOM   549  C CA    . ASP A 1 105 ? -14.705 6.590   1.779   1.00 74.26  ? 71  ASP A CA    1 
ATOM   550  C C     . ASP A 1 105 ? -15.116 7.047   3.180   1.00 65.93  ? 71  ASP A C     1 
ATOM   551  O O     . ASP A 1 105 ? -14.700 6.464   4.191   1.00 55.37  ? 71  ASP A O     1 
ATOM   552  C CB    . ASP A 1 105 ? -14.900 5.082   1.629   1.00 70.12  ? 71  ASP A CB    1 
ATOM   553  C CG    . ASP A 1 105 ? -16.229 4.616   2.167   1.00 71.79  ? 71  ASP A CG    1 
ATOM   554  O OD1   . ASP A 1 105 ? -17.252 5.337   1.996   1.00 74.70  ? 71  ASP A OD1   1 
ATOM   555  O OD2   . ASP A 1 105 ? -16.241 3.522   2.772   1.00 72.37  ? 71  ASP A OD2   1 
ATOM   556  N N     . LYS A 1 106 ? -15.999 8.037   3.229   1.00 55.98  ? 72  LYS A N     1 
ATOM   557  C CA    . LYS A 1 106 ? -16.267 8.707   4.481   1.00 54.74  ? 72  LYS A CA    1 
ATOM   558  C C     . LYS A 1 106 ? -17.067 7.812   5.409   1.00 50.80  ? 72  LYS A C     1 
ATOM   559  O O     . LYS A 1 106 ? -17.102 8.030   6.622   1.00 51.64  ? 72  LYS A O     1 
ATOM   560  C CB    . LYS A 1 106 ? -16.982 10.025  4.232   1.00 60.44  ? 72  LYS A CB    1 
ATOM   561  C CG    . LYS A 1 106 ? -16.198 10.978  3.354   1.00 58.15  ? 72  LYS A CG    1 
ATOM   562  C CD    . LYS A 1 106 ? -16.663 12.406  3.584   1.00 68.98  ? 72  LYS A CD    1 
ATOM   563  C CE    . LYS A 1 106 ? -15.786 13.432  2.876   1.00 87.72  ? 72  LYS A CE    1 
ATOM   564  N NZ    . LYS A 1 106 ? -15.958 14.790  3.485   1.00 72.06  ? 72  LYS A NZ    1 
ATOM   565  N N     . ALA A 1 107 ? -17.704 6.799   4.832   1.00 56.98  ? 73  ALA A N     1 
ATOM   566  C CA    . ALA A 1 107 ? -18.410 5.799   5.628   1.00 53.00  ? 73  ALA A CA    1 
ATOM   567  C C     . ALA A 1 107 ? -17.461 5.183   6.628   1.00 64.10  ? 73  ALA A C     1 
ATOM   568  O O     . ALA A 1 107 ? -17.679 5.261   7.829   1.00 74.73  ? 73  ALA A O     1 
ATOM   569  C CB    . ALA A 1 107 ? -18.971 4.711   4.740   1.00 51.52  ? 73  ALA A CB    1 
ATOM   570  N N     . SER A 1 108 ? -16.387 4.597   6.112   1.00 74.80  ? 74  SER A N     1 
ATOM   571  C CA    . SER A 1 108 ? -15.437 3.838   6.919   1.00 65.63  ? 74  SER A CA    1 
ATOM   572  C C     . SER A 1 108 ? -14.201 4.636   7.368   1.00 69.55  ? 74  SER A C     1 
ATOM   573  O O     . SER A 1 108 ? -13.341 4.113   8.092   1.00 66.80  ? 74  SER A O     1 
ATOM   574  C CB    . SER A 1 108 ? -15.009 2.591   6.135   1.00 74.48  ? 74  SER A CB    1 
ATOM   575  O OG    . SER A 1 108 ? -14.861 2.874   4.745   1.00 75.15  ? 74  SER A OG    1 
ATOM   576  N N     . ASN A 1 109 ? -14.123 5.896   6.941   1.00 75.22  ? 75  ASN A N     1 
ATOM   577  C CA    . ASN A 1 109 ? -12.936 6.734   7.163   1.00 74.42  ? 75  ASN A CA    1 
ATOM   578  C C     . ASN A 1 109 ? -11.655 6.168   6.595   1.00 70.16  ? 75  ASN A C     1 
ATOM   579  O O     . ASN A 1 109 ? -10.577 6.451   7.109   1.00 75.50  ? 75  ASN A O     1 
ATOM   580  C CB    . ASN A 1 109 ? -12.701 7.038   8.641   1.00 77.28  ? 75  ASN A CB    1 
ATOM   581  C CG    . ASN A 1 109 ? -13.691 8.034   9.196   1.00 73.24  ? 75  ASN A CG    1 
ATOM   582  O OD1   . ASN A 1 109 ? -14.351 8.772   8.449   1.00 62.03  ? 75  ASN A OD1   1 
ATOM   583  N ND2   . ASN A 1 109 ? -13.801 8.065   10.522  1.00 74.81  ? 75  ASN A ND2   1 
ATOM   584  N N     . THR A 1 110 ? -11.769 5.379   5.534   1.00 74.01  ? 76  THR A N     1 
ATOM   585  C CA    . THR A 1 110 ? -10.597 4.758   4.940   1.00 67.57  ? 76  THR A CA    1 
ATOM   586  C C     . THR A 1 110 ? -10.206 5.461   3.654   1.00 60.57  ? 76  THR A C     1 
ATOM   587  O O     . THR A 1 110 ? -11.056 6.041   2.966   1.00 58.69  ? 76  THR A O     1 
ATOM   588  C CB    . THR A 1 110 ? -10.811 3.257   4.642   1.00 58.60  ? 76  THR A CB    1 
ATOM   589  O OG1   . THR A 1 110 ? -11.760 3.087   3.571   1.00 60.24  ? 76  THR A OG1   1 
ATOM   590  C CG2   . THR A 1 110 ? -11.294 2.562   5.868   1.00 49.56  ? 76  THR A CG2   1 
ATOM   591  N N     . LEU A 1 111 ? -8.908  5.433   3.367   1.00 54.41  ? 77  LEU A N     1 
ATOM   592  C CA    . LEU A 1 111 ? -8.390  5.827   2.067   1.00 52.95  ? 77  LEU A CA    1 
ATOM   593  C C     . LEU A 1 111 ? -7.756  4.609   1.417   1.00 57.46  ? 77  LEU A C     1 
ATOM   594  O O     . LEU A 1 111 ? -6.927  3.927   2.034   1.00 62.34  ? 77  LEU A O     1 
ATOM   595  C CB    . LEU A 1 111 ? -7.377  6.960   2.198   1.00 48.93  ? 77  LEU A CB    1 
ATOM   596  C CG    . LEU A 1 111 ? -6.963  7.611   0.879   1.00 58.36  ? 77  LEU A CG    1 
ATOM   597  C CD1   . LEU A 1 111 ? -8.137  7.795   -0.077  1.00 47.12  ? 77  LEU A CD1   1 
ATOM   598  C CD2   . LEU A 1 111 ? -6.308  8.946   1.161   1.00 64.14  ? 77  LEU A CD2   1 
ATOM   599  N N     . SER A 1 112 ? -8.152  4.328   0.179   1.00 57.10  ? 78  SER A N     1 
ATOM   600  C CA    . SER A 1 112 ? -7.729  3.104   -0.483  1.00 64.72  ? 78  SER A CA    1 
ATOM   601  C C     . SER A 1 112 ? -6.919  3.368   -1.758  1.00 64.61  ? 78  SER A C     1 
ATOM   602  O O     . SER A 1 112 ? -7.207  4.290   -2.519  1.00 62.92  ? 78  SER A O     1 
ATOM   603  C CB    . SER A 1 112 ? -8.938  2.212   -0.789  1.00 69.59  ? 78  SER A CB    1 
ATOM   604  O OG    . SER A 1 112 ? -9.698  1.941   0.380   1.00 70.95  ? 78  SER A OG    1 
ATOM   605  N N     . ILE A 1 113 ? -5.894  2.554   -1.981  1.00 62.09  ? 79  ILE A N     1 
ATOM   606  C CA    . ILE A 1 113 ? -5.093  2.678   -3.182  1.00 58.40  ? 79  ILE A CA    1 
ATOM   607  C C     . ILE A 1 113 ? -5.125  1.372   -3.954  1.00 69.18  ? 79  ILE A C     1 
ATOM   608  O O     . ILE A 1 113 ? -4.860  0.293   -3.404  1.00 60.92  ? 79  ILE A O     1 
ATOM   609  C CB    . ILE A 1 113 ? -3.649  3.051   -2.871  1.00 69.32  ? 79  ILE A CB    1 
ATOM   610  C CG1   . ILE A 1 113 ? -3.618  4.068   -1.732  1.00 78.99  ? 79  ILE A CG1   1 
ATOM   611  C CG2   . ILE A 1 113 ? -2.974  3.627   -4.120  1.00 60.51  ? 79  ILE A CG2   1 
ATOM   612  C CD1   . ILE A 1 113 ? -4.279  5.398   -2.087  1.00 79.41  ? 79  ILE A CD1   1 
ATOM   613  N N     . ILE A 1 114 ? -5.459  1.487   -5.236  1.00 71.98  ? 80  ILE A N     1 
ATOM   614  C CA    . ILE A 1 114 ? -5.794  0.322   -6.041  1.00 73.75  ? 80  ILE A CA    1 
ATOM   615  C C     . ILE A 1 114 ? -5.128  0.353   -7.404  1.00 69.39  ? 80  ILE A C     1 
ATOM   616  O O     . ILE A 1 114 ? -5.294  1.315   -8.158  1.00 62.56  ? 80  ILE A O     1 
ATOM   617  C CB    . ILE A 1 114 ? -7.329  0.209   -6.261  1.00 63.12  ? 80  ILE A CB    1 
ATOM   618  C CG1   . ILE A 1 114 ? -8.065  0.026   -4.934  1.00 42.25  ? 80  ILE A CG1   1 
ATOM   619  C CG2   . ILE A 1 114 ? -7.661  -0.933  -7.221  1.00 67.15  ? 80  ILE A CG2   1 
ATOM   620  C CD1   . ILE A 1 114 ? -8.487  1.338   -4.289  1.00 49.75  ? 80  ILE A CD1   1 
ATOM   621  N N     . ASP A 1 115 ? -4.401  -0.717  -7.714  1.00 69.82  ? 81  ASP A N     1 
ATOM   622  C CA    . ASP A 1 115 ? -3.754  -0.863  -9.009  1.00 68.24  ? 81  ASP A CA    1 
ATOM   623  C C     . ASP A 1 115 ? -4.047  -2.201  -9.685  1.00 72.79  ? 81  ASP A C     1 
ATOM   624  O O     . ASP A 1 115 ? -4.464  -3.185  -9.052  1.00 69.07  ? 81  ASP A O     1 
ATOM   625  C CB    . ASP A 1 115 ? -2.239  -0.679  -8.880  1.00 69.75  ? 81  ASP A CB    1 
ATOM   626  C CG    . ASP A 1 115 ? -1.605  -1.664  -7.896  1.00 73.00  ? 81  ASP A CG    1 
ATOM   627  O OD1   . ASP A 1 115 ? -1.497  -2.873  -8.228  1.00 72.03  ? 81  ASP A OD1   1 
ATOM   628  O OD2   . ASP A 1 115 ? -1.200  -1.221  -6.793  1.00 71.50  ? 81  ASP A OD2   1 
ATOM   629  N N     . SER A 1 116 ? -3.810  -2.210  -10.989 1.00 59.69  ? 82  SER A N     1 
ATOM   630  C CA    . SER A 1 116 ? -3.917  -3.397  -11.808 1.00 59.34  ? 82  SER A CA    1 
ATOM   631  C C     . SER A 1 116 ? -2.568  -4.084  -11.875 1.00 78.02  ? 82  SER A C     1 
ATOM   632  O O     . SER A 1 116 ? -2.372  -4.965  -12.711 1.00 91.00  ? 82  SER A O     1 
ATOM   633  C CB    . SER A 1 116 ? -4.376  -3.025  -13.200 1.00 65.18  ? 82  SER A CB    1 
ATOM   634  O OG    . SER A 1 116 ? -4.080  -1.665  -13.441 1.00 64.42  ? 82  SER A OG    1 
ATOM   635  N N     . GLY A 1 117 ? -1.623  -3.645  -11.039 1.00 67.01  ? 83  GLY A N     1 
ATOM   636  C CA    . GLY A 1 117 ? -0.245  -4.118  -11.103 1.00 67.49  ? 83  GLY A CA    1 
ATOM   637  C C     . GLY A 1 117 ? -0.029  -5.580  -10.723 1.00 61.97  ? 83  GLY A C     1 
ATOM   638  O O     . GLY A 1 117 ? -0.978  -6.351  -10.636 1.00 66.22  ? 83  GLY A O     1 
ATOM   639  N N     . VAL A 1 118 ? 1.228   -5.974  -10.535 1.00 65.48  ? 84  VAL A N     1 
ATOM   640  C CA    . VAL A 1 118 ? 1.589   -7.392  -10.375 1.00 72.18  ? 84  VAL A CA    1 
ATOM   641  C C     . VAL A 1 118 ? 0.863   -8.156  -9.272  1.00 69.53  ? 84  VAL A C     1 
ATOM   642  O O     . VAL A 1 118 ? 0.382   -9.279  -9.493  1.00 74.44  ? 84  VAL A O     1 
ATOM   643  C CB    . VAL A 1 118 ? 3.097   -7.567  -10.133 1.00 67.85  ? 84  VAL A CB    1 
ATOM   644  C CG1   . VAL A 1 118 ? 3.407   -8.988  -9.789  1.00 72.60  ? 84  VAL A CG1   1 
ATOM   645  C CG2   . VAL A 1 118 ? 3.846   -7.238  -11.355 1.00 70.13  ? 84  VAL A CG2   1 
ATOM   646  N N     . GLY A 1 119 ? 0.799   -7.551  -8.087  1.00 65.90  ? 85  GLY A N     1 
ATOM   647  C CA    . GLY A 1 119 ? 0.248   -8.216  -6.922  1.00 65.94  ? 85  GLY A CA    1 
ATOM   648  C C     . GLY A 1 119 ? 1.287   -9.062  -6.200  1.00 59.61  ? 85  GLY A C     1 
ATOM   649  O O     . GLY A 1 119 ? 2.469   -9.038  -6.519  1.00 68.68  ? 85  GLY A O     1 
ATOM   650  N N     . MET A 1 120 ? 0.850   -9.819  -5.210  1.00 57.95  ? 86  MET A N     1 
ATOM   651  C CA    . MET A 1 120 ? 1.782   -10.599 -4.429  1.00 63.01  ? 86  MET A CA    1 
ATOM   652  C C     . MET A 1 120 ? 1.276   -11.991 -4.163  1.00 68.52  ? 86  MET A C     1 
ATOM   653  O O     . MET A 1 120 ? 0.068   -12.227 -4.096  1.00 70.96  ? 86  MET A O     1 
ATOM   654  C CB    . MET A 1 120 ? 2.061   -9.897  -3.103  1.00 70.55  ? 86  MET A CB    1 
ATOM   655  C CG    . MET A 1 120 ? 2.931   -8.663  -3.271  1.00 85.37  ? 86  MET A CG    1 
ATOM   656  S SD    . MET A 1 120 ? 3.169   -7.769  -1.736  1.00 72.74  ? 86  MET A SD    1 
ATOM   657  C CE    . MET A 1 120 ? 1.833   -6.580  -1.833  1.00 49.45  ? 86  MET A CE    1 
ATOM   658  N N     . THR A 1 121 ? 2.207   -12.919 -4.008  1.00 63.50  ? 87  THR A N     1 
ATOM   659  C CA    . THR A 1 121 ? 1.845   -14.229 -3.522  1.00 69.14  ? 87  THR A CA    1 
ATOM   660  C C     . THR A 1 121 ? 1.967   -14.189 -1.996  1.00 72.37  ? 87  THR A C     1 
ATOM   661  O O     . THR A 1 121 ? 2.381   -13.168 -1.436  1.00 69.97  ? 87  THR A O     1 
ATOM   662  C CB    . THR A 1 121 ? 2.747   -15.287 -4.138  1.00 73.94  ? 87  THR A CB    1 
ATOM   663  O OG1   . THR A 1 121 ? 3.781   -15.648 -3.212  1.00 100.78 ? 87  THR A OG1   1 
ATOM   664  C CG2   . THR A 1 121 ? 3.376   -14.726 -5.401  1.00 68.90  ? 87  THR A CG2   1 
ATOM   665  N N     . LYS A 1 122 ? 1.601   -15.287 -1.332  1.00 76.12  ? 88  LYS A N     1 
ATOM   666  C CA    . LYS A 1 122 ? 1.613   -15.349 0.127   1.00 71.46  ? 88  LYS A CA    1 
ATOM   667  C C     . LYS A 1 122 ? 3.026   -15.062 0.557   1.00 76.07  ? 88  LYS A C     1 
ATOM   668  O O     . LYS A 1 122 ? 3.270   -14.353 1.527   1.00 87.89  ? 88  LYS A O     1 
ATOM   669  C CB    . LYS A 1 122 ? 1.170   -16.730 0.635   1.00 75.79  ? 88  LYS A CB    1 
ATOM   670  C CG    . LYS A 1 122 ? 0.912   -16.812 2.153   1.00 66.18  ? 88  LYS A CG    1 
ATOM   671  C CD    . LYS A 1 122 ? 0.382   -18.199 2.566   1.00 79.13  ? 88  LYS A CD    1 
ATOM   672  C CE    . LYS A 1 122 ? 0.165   -18.329 4.083   1.00 82.55  ? 88  LYS A CE    1 
ATOM   673  N NZ    . LYS A 1 122 ? -0.977  -17.536 4.655   1.00 67.97  ? 88  LYS A NZ    1 
ATOM   674  N N     . SER A 1 123 ? 3.961   -15.603 -0.202  1.00 75.18  ? 89  SER A N     1 
ATOM   675  C CA    . SER A 1 123 ? 5.352   -15.322 0.037   1.00 75.47  ? 89  SER A CA    1 
ATOM   676  C C     . SER A 1 123 ? 5.649   -13.816 -0.062  1.00 74.56  ? 89  SER A C     1 
ATOM   677  O O     . SER A 1 123 ? 6.024   -13.231 0.949   1.00 81.85  ? 89  SER A O     1 
ATOM   678  C CB    . SER A 1 123 ? 6.205   -16.171 -0.892  1.00 85.91  ? 89  SER A CB    1 
ATOM   679  O OG    . SER A 1 123 ? 5.790   -17.530 -0.774  1.00 84.69  ? 89  SER A OG    1 
ATOM   680  N N     . ASP A 1 124 ? 5.414   -13.165 -1.206  1.00 65.96  ? 90  ASP A N     1 
ATOM   681  C CA    . ASP A 1 124 ? 5.709   -11.720 -1.297  1.00 69.92  ? 90  ASP A CA    1 
ATOM   682  C C     . ASP A 1 124 ? 5.046   -10.934 -0.152  1.00 83.43  ? 90  ASP A C     1 
ATOM   683  O O     . ASP A 1 124 ? 5.596   -9.951  0.352   1.00 81.02  ? 90  ASP A O     1 
ATOM   684  C CB    . ASP A 1 124 ? 5.295   -11.087 -2.630  1.00 56.15  ? 90  ASP A CB    1 
ATOM   685  C CG    . ASP A 1 124 ? 5.363   -12.046 -3.800  1.00 76.61  ? 90  ASP A CG    1 
ATOM   686  O OD1   . ASP A 1 124 ? 5.485   -13.265 -3.565  1.00 91.43  ? 90  ASP A OD1   1 
ATOM   687  O OD2   . ASP A 1 124 ? 5.274   -11.574 -4.962  1.00 59.65  ? 90  ASP A OD2   1 
ATOM   688  N N     . LEU A 1 125 ? 3.859   -11.372 0.256   1.00 85.41  ? 91  LEU A N     1 
ATOM   689  C CA    . LEU A 1 125 ? 3.213   -10.809 1.440   1.00 79.69  ? 91  LEU A CA    1 
ATOM   690  C C     . LEU A 1 125 ? 4.053   -10.959 2.707   1.00 76.97  ? 91  LEU A C     1 
ATOM   691  O O     . LEU A 1 125 ? 4.506   -9.963  3.272   1.00 74.98  ? 91  LEU A O     1 
ATOM   692  C CB    . LEU A 1 125 ? 1.824   -11.422 1.666   1.00 84.45  ? 91  LEU A CB    1 
ATOM   693  C CG    . LEU A 1 125 ? 0.614   -10.729 1.031   1.00 77.55  ? 91  LEU A CG    1 
ATOM   694  C CD1   . LEU A 1 125 ? -0.611  -10.924 1.898   1.00 71.15  ? 91  LEU A CD1   1 
ATOM   695  C CD2   . LEU A 1 125 ? 0.870   -9.251  0.811   1.00 77.39  ? 91  LEU A CD2   1 
ATOM   696  N N     . VAL A 1 126 ? 4.241   -12.206 3.150   1.00 85.44  ? 92  VAL A N     1 
ATOM   697  C CA    . VAL A 1 126 ? 4.908   -12.492 4.427   1.00 86.15  ? 92  VAL A CA    1 
ATOM   698  C C     . VAL A 1 126 ? 6.384   -12.163 4.349   1.00 76.92  ? 92  VAL A C     1 
ATOM   699  O O     . VAL A 1 126 ? 7.015   -11.832 5.352   1.00 67.58  ? 92  VAL A O     1 
ATOM   700  C CB    . VAL A 1 126 ? 4.766   -13.977 4.868   1.00 83.82  ? 92  VAL A CB    1 
ATOM   701  C CG1   . VAL A 1 126 ? 5.404   -14.195 6.245   1.00 74.91  ? 92  VAL A CG1   1 
ATOM   702  C CG2   . VAL A 1 126 ? 3.304   -14.398 4.897   1.00 76.45  ? 92  VAL A CG2   1 
ATOM   703  N N     . ASN A 1 127 ? 6.931   -12.235 3.144   1.00 74.99  ? 93  ASN A N     1 
ATOM   704  C CA    . ASN A 1 127 ? 8.345   -11.973 2.988   1.00 66.49  ? 93  ASN A CA    1 
ATOM   705  C C     . ASN A 1 127 ? 8.623   -10.491 2.700   1.00 67.60  ? 93  ASN A C     1 
ATOM   706  O O     . ASN A 1 127 ? 9.203   -9.810  3.536   1.00 85.63  ? 93  ASN A O     1 
ATOM   707  C CB    . ASN A 1 127 ? 9.002   -12.969 2.013   1.00 87.82  ? 93  ASN A CB    1 
ATOM   708  C CG    . ASN A 1 127 ? 8.592   -14.460 2.297   1.00 92.29  ? 93  ASN A CG    1 
ATOM   709  O OD1   . ASN A 1 127 ? 8.435   -15.259 1.367   1.00 84.11  ? 93  ASN A OD1   1 
ATOM   710  N ND2   . ASN A 1 127 ? 8.412   -14.814 3.574   1.00 64.10  ? 93  ASN A ND2   1 
ATOM   711  N N     . ASN A 1 128 ? 8.161   -9.953  1.580   1.00 70.07  ? 94  ASN A N     1 
ATOM   712  C CA    . ASN A 1 128 ? 8.492   -8.552  1.242   1.00 84.69  ? 94  ASN A CA    1 
ATOM   713  C C     . ASN A 1 128 ? 7.913   -7.420  2.087   1.00 82.59  ? 94  ASN A C     1 
ATOM   714  O O     . ASN A 1 128 ? 8.587   -6.412  2.301   1.00 91.76  ? 94  ASN A O     1 
ATOM   715  C CB    . ASN A 1 128 ? 8.147   -8.262  -0.202  1.00 92.44  ? 94  ASN A CB    1 
ATOM   716  C CG    . ASN A 1 128 ? 8.531   -9.377  -1.099  1.00 98.00  ? 94  ASN A CG    1 
ATOM   717  O OD1   . ASN A 1 128 ? 8.769   -10.505 -0.638  1.00 93.34  ? 94  ASN A OD1   1 
ATOM   718  N ND2   . ASN A 1 128 ? 8.608   -9.089  -2.394  1.00 102.96 ? 94  ASN A ND2   1 
ATOM   719  N N     . LEU A 1 129 ? 6.669   -7.544  2.542   1.00 72.99  ? 95  LEU A N     1 
ATOM   720  C CA    . LEU A 1 129 ? 6.117   -6.470  3.356   1.00 70.91  ? 95  LEU A CA    1 
ATOM   721  C C     . LEU A 1 129 ? 6.745   -6.452  4.734   1.00 79.23  ? 95  LEU A C     1 
ATOM   722  O O     . LEU A 1 129 ? 7.547   -5.562  5.022   1.00 104.53 ? 95  LEU A O     1 
ATOM   723  C CB    . LEU A 1 129 ? 4.613   -6.593  3.517   1.00 73.39  ? 95  LEU A CB    1 
ATOM   724  C CG    . LEU A 1 129 ? 3.684   -5.970  2.476   1.00 75.44  ? 95  LEU A CG    1 
ATOM   725  C CD1   . LEU A 1 129 ? 2.253   -6.073  2.993   1.00 66.33  ? 95  LEU A CD1   1 
ATOM   726  C CD2   . LEU A 1 129 ? 4.053   -4.527  2.142   1.00 55.38  ? 95  LEU A CD2   1 
ATOM   727  N N     . GLY A 1 130 ? 6.422   -7.454  5.556   1.00 65.33  ? 96  GLY A N     1 
ATOM   728  C CA    . GLY A 1 130 ? 6.784   -7.461  6.968   1.00 72.25  ? 96  GLY A CA    1 
ATOM   729  C C     . GLY A 1 130 ? 8.222   -7.817  7.345   1.00 87.52  ? 96  GLY A C     1 
ATOM   730  O O     . GLY A 1 130 ? 8.766   -7.322  8.338   1.00 84.72  ? 96  GLY A O     1 
ATOM   731  N N     . THR A 1 131 ? 8.838   -8.714  6.588   1.00 79.59  ? 97  THR A N     1 
ATOM   732  C CA    . THR A 1 131 ? 10.143  -9.221  6.987   1.00 71.13  ? 97  THR A CA    1 
ATOM   733  C C     . THR A 1 131 ? 11.275  -8.539  6.250   1.00 83.60  ? 97  THR A C     1 
ATOM   734  O O     . THR A 1 131 ? 12.454  -8.873  6.425   1.00 83.98  ? 97  THR A O     1 
ATOM   735  C CB    . THR A 1 131 ? 10.237  -10.731 6.785   1.00 56.85  ? 97  THR A CB    1 
ATOM   736  O OG1   . THR A 1 131 ? 10.079  -11.031 5.399   1.00 80.66  ? 97  THR A OG1   1 
ATOM   737  C CG2   . THR A 1 131 ? 9.150   -11.444 7.586   1.00 68.38  ? 97  THR A CG2   1 
ATOM   738  N N     . ILE A 1 132 ? 10.920  -7.584  5.411   1.00 86.46  ? 98  ILE A N     1 
ATOM   739  C CA    . ILE A 1 132 ? 11.916  -7.012  4.534   1.00 92.94  ? 98  ILE A CA    1 
ATOM   740  C C     . ILE A 1 132 ? 12.185  -5.552  4.851   1.00 102.66 ? 98  ILE A C     1 
ATOM   741  O O     . ILE A 1 132 ? 11.269  -4.717  4.868   1.00 95.97  ? 98  ILE A O     1 
ATOM   742  C CB    . ILE A 1 132 ? 11.556  -7.256  3.059   1.00 90.40  ? 98  ILE A CB    1 
ATOM   743  C CG1   . ILE A 1 132 ? 12.083  -8.638  2.621   1.00 90.66  ? 98  ILE A CG1   1 
ATOM   744  C CG2   . ILE A 1 132 ? 12.052  -6.116  2.174   1.00 94.05  ? 98  ILE A CG2   1 
ATOM   745  C CD1   . ILE A 1 132 ? 13.390  -9.094  3.310   1.00 68.53  ? 98  ILE A CD1   1 
ATOM   746  N N     . ALA A 1 133 ? 13.457  -5.277  5.136   1.00 106.23 ? 99  ALA A N     1 
ATOM   747  C CA    . ALA A 1 133 ? 13.930  -3.934  5.439   1.00 111.95 ? 99  ALA A CA    1 
ATOM   748  C C     . ALA A 1 133 ? 14.203  -3.240  4.118   1.00 124.25 ? 99  ALA A C     1 
ATOM   749  O O     . ALA A 1 133 ? 15.082  -3.677  3.366   1.00 127.79 ? 99  ALA A O     1 
ATOM   750  C CB    . ALA A 1 133 ? 15.208  -4.020  6.249   1.00 106.75 ? 99  ALA A CB    1 
ATOM   751  N N     . ARG A 1 134 ? 13.503  -2.140  3.838   1.00 110.75 ? 100 ARG A N     1 
ATOM   752  C CA    . ARG A 1 134 ? 13.461  -1.681  2.457   1.00 120.08 ? 100 ARG A CA    1 
ATOM   753  C C     . ARG A 1 134 ? 14.769  -1.017  2.088   1.00 127.99 ? 100 ARG A C     1 
ATOM   754  O O     . ARG A 1 134 ? 15.066  0.079   2.564   1.00 123.83 ? 100 ARG A O     1 
ATOM   755  C CB    . ARG A 1 134 ? 12.317  -0.687  2.271   1.00 114.17 ? 100 ARG A CB    1 
ATOM   756  N N     . SER A 1 135 ? 15.517  -1.688  1.206   1.00 132.15 ? 101 SER A N     1 
ATOM   757  C CA    . SER A 1 135 ? 16.714  -1.133  0.563   1.00 134.20 ? 101 SER A CA    1 
ATOM   758  C C     . SER A 1 135 ? 17.642  -0.445  1.547   1.00 119.37 ? 101 SER A C     1 
ATOM   759  O O     . SER A 1 135 ? 18.317  -1.095  2.362   1.00 107.41 ? 101 SER A O     1 
ATOM   760  C CB    . SER A 1 135 ? 16.387  -0.232  -0.633  1.00 124.75 ? 101 SER A CB    1 
ATOM   761  O OG    . SER A 1 135 ? 17.442  -0.286  -1.586  1.00 92.41  ? 101 SER A OG    1 
ATOM   762  N N     . GLY A 1 136 ? 17.699  0.879   1.398   1.00 112.89 ? 102 GLY A N     1 
ATOM   763  C CA    . GLY A 1 136 ? 18.377  1.739   2.339   1.00 113.77 ? 102 GLY A CA    1 
ATOM   764  C C     . GLY A 1 136 ? 17.919  1.377   3.733   1.00 128.34 ? 102 GLY A C     1 
ATOM   765  O O     . GLY A 1 136 ? 16.723  1.369   4.059   1.00 122.35 ? 102 GLY A O     1 
ATOM   766  N N     . THR A 1 137 ? 18.910  1.111   4.569   1.00 124.02 ? 103 THR A N     1 
ATOM   767  C CA    . THR A 1 137 ? 18.713  0.556   5.894   1.00 122.15 ? 103 THR A CA    1 
ATOM   768  C C     . THR A 1 137 ? 17.941  1.547   6.752   1.00 128.23 ? 103 THR A C     1 
ATOM   769  O O     . THR A 1 137 ? 17.753  2.705   6.361   1.00 130.77 ? 103 THR A O     1 
ATOM   770  C CB    . THR A 1 137 ? 20.066  0.236   6.544   1.00 111.75 ? 103 THR A CB    1 
ATOM   771  O OG1   . THR A 1 137 ? 20.640  1.436   7.079   1.00 102.37 ? 103 THR A OG1   1 
ATOM   772  C CG2   . THR A 1 137 ? 21.012  -0.370  5.503   1.00 105.62 ? 103 THR A CG2   1 
ATOM   773  N N     . LYS A 1 138 ? 17.439  1.086   7.894   1.00 125.65 ? 104 LYS A N     1 
ATOM   774  C CA    . LYS A 1 138 ? 16.806  1.992   8.855   1.00 120.87 ? 104 LYS A CA    1 
ATOM   775  C C     . LYS A 1 138 ? 17.776  3.097   9.292   1.00 113.69 ? 104 LYS A C     1 
ATOM   776  O O     . LYS A 1 138 ? 17.370  4.076   9.926   1.00 103.55 ? 104 LYS A O     1 
ATOM   777  C CB    . LYS A 1 138 ? 16.274  1.223   10.081  1.00 108.82 ? 104 LYS A CB    1 
ATOM   778  N N     . GLU A 1 139 ? 19.058  2.951   8.957   1.00 105.49 ? 105 GLU A N     1 
ATOM   779  C CA    . GLU A 1 139 ? 19.983  4.047   9.180   1.00 97.45  ? 105 GLU A CA    1 
ATOM   780  C C     . GLU A 1 139 ? 19.710  5.259   8.293   1.00 92.22  ? 105 GLU A C     1 
ATOM   781  O O     . GLU A 1 139 ? 20.340  6.298   8.469   1.00 82.96  ? 105 GLU A O     1 
ATOM   782  C CB    . GLU A 1 139 ? 21.440  3.614   9.124   1.00 88.74  ? 105 GLU A CB    1 
ATOM   783  C CG    . GLU A 1 139 ? 22.189  4.114   10.346  1.00 98.68  ? 105 GLU A CG    1 
ATOM   784  C CD    . GLU A 1 139 ? 22.362  3.049   11.410  1.00 108.70 ? 105 GLU A CD    1 
ATOM   785  O OE1   . GLU A 1 139 ? 22.715  3.403   12.563  1.00 89.92  ? 105 GLU A OE1   1 
ATOM   786  O OE2   . GLU A 1 139 ? 22.153  1.855   11.090  1.00 126.47 ? 105 GLU A OE2   1 
ATOM   787  N N     . PHE A 1 140 ? 18.784  5.108   7.342   1.00 103.06 ? 106 PHE A N     1 
ATOM   788  C CA    . PHE A 1 140 ? 18.133  6.244   6.693   1.00 100.73 ? 106 PHE A CA    1 
ATOM   789  C C     . PHE A 1 140 ? 17.750  7.149   7.848   1.00 102.62 ? 106 PHE A C     1 
ATOM   790  O O     . PHE A 1 140 ? 18.255  8.263   7.988   1.00 103.85 ? 106 PHE A O     1 
ATOM   791  C CB    . PHE A 1 140 ? 16.866  5.776   5.944   1.00 106.19 ? 106 PHE A CB    1 
ATOM   792  C CG    . PHE A 1 140 ? 16.097  6.884   5.202   1.00 119.80 ? 106 PHE A CG    1 
ATOM   793  C CD1   . PHE A 1 140 ? 15.599  8.015   5.865   1.00 86.30  ? 106 PHE A CD1   1 
ATOM   794  C CD2   . PHE A 1 140 ? 15.817  6.752   3.840   1.00 124.42 ? 106 PHE A CD2   1 
ATOM   795  C CE1   . PHE A 1 140 ? 14.880  9.007   5.176   1.00 74.77  ? 106 PHE A CE1   1 
ATOM   796  C CE2   . PHE A 1 140 ? 15.093  7.738   3.152   1.00 115.08 ? 106 PHE A CE2   1 
ATOM   797  C CZ    . PHE A 1 140 ? 14.628  8.869   3.818   1.00 97.97  ? 106 PHE A CZ    1 
ATOM   798  N N     . MET A 1 141 ? 16.844  6.651   8.679   1.00 110.13 ? 107 MET A N     1 
ATOM   799  C CA    . MET A 1 141 ? 16.388  7.387   9.853   1.00 107.32 ? 107 MET A CA    1 
ATOM   800  C C     . MET A 1 141 ? 17.266  7.253   11.112  1.00 92.99  ? 107 MET A C     1 
ATOM   801  O O     . MET A 1 141 ? 17.234  8.132   11.980  1.00 80.38  ? 107 MET A O     1 
ATOM   802  C CB    . MET A 1 141 ? 14.935  7.014   10.170  1.00 103.77 ? 107 MET A CB    1 
ATOM   803  N N     . GLU A 1 142 ? 18.047  6.176   11.221  1.00 76.37  ? 108 GLU A N     1 
ATOM   804  C CA    . GLU A 1 142 ? 18.764  5.944   12.468  1.00 73.65  ? 108 GLU A CA    1 
ATOM   805  C C     . GLU A 1 142 ? 19.839  7.008   12.615  1.00 83.50  ? 108 GLU A C     1 
ATOM   806  O O     . GLU A 1 142 ? 19.934  7.681   13.643  1.00 78.88  ? 108 GLU A O     1 
ATOM   807  C CB    . GLU A 1 142 ? 19.331  4.547   12.534  1.00 64.82  ? 108 GLU A CB    1 
ATOM   808  N N     . ALA A 1 143 ? 20.605  7.198   11.550  1.00 90.75  ? 109 ALA A N     1 
ATOM   809  C CA    . ALA A 1 143 ? 21.484  8.353   11.446  1.00 85.52  ? 109 ALA A CA    1 
ATOM   810  C C     . ALA A 1 143 ? 20.702  9.680   11.509  1.00 84.12  ? 109 ALA A C     1 
ATOM   811  O O     . ALA A 1 143 ? 21.280  10.727  11.794  1.00 88.13  ? 109 ALA A O     1 
ATOM   812  C CB    . ALA A 1 143 ? 22.291  8.277   10.169  1.00 83.84  ? 109 ALA A CB    1 
ATOM   813  N N     . LEU A 1 144 ? 19.393  9.648   11.252  1.00 91.38  ? 110 LEU A N     1 
ATOM   814  C CA    . LEU A 1 144 ? 18.599  10.881  11.291  1.00 84.76  ? 110 LEU A CA    1 
ATOM   815  C C     . LEU A 1 144 ? 18.374  11.334  12.728  1.00 71.79  ? 110 LEU A C     1 
ATOM   816  O O     . LEU A 1 144 ? 17.946  12.469  12.979  1.00 69.29  ? 110 LEU A O     1 
ATOM   817  C CB    . LEU A 1 144 ? 17.274  10.736  10.522  1.00 71.43  ? 110 LEU A CB    1 
ATOM   818  N N     . ALA A 1 145 ? 18.675  10.445  13.671  1.00 75.94  ? 111 ALA A N     1 
ATOM   819  C CA    . ALA A 1 145 ? 18.896  10.880  15.041  1.00 85.30  ? 111 ALA A CA    1 
ATOM   820  C C     . ALA A 1 145 ? 20.403  11.096  15.162  1.00 96.58  ? 111 ALA A C     1 
ATOM   821  O O     . ALA A 1 145 ? 21.181  10.127  15.225  1.00 91.00  ? 111 ALA A O     1 
ATOM   822  C CB    . ALA A 1 145 ? 18.418  9.840   16.030  1.00 69.20  ? 111 ALA A CB    1 
ATOM   823  N N     . ALA A 1 146 ? 20.765  12.383  15.232  1.00 86.30  ? 112 ALA A N     1 
ATOM   824  C CA    . ALA A 1 146 ? 22.119  12.934  15.104  1.00 70.64  ? 112 ALA A CA    1 
ATOM   825  C C     . ALA A 1 146 ? 21.981  14.282  14.398  1.00 83.49  ? 112 ALA A C     1 
ATOM   826  O O     . ALA A 1 146 ? 21.403  14.373  13.307  1.00 72.80  ? 112 ALA A O     1 
ATOM   827  C CB    . ALA A 1 146 ? 23.067  12.018  14.316  1.00 85.37  ? 112 ALA A CB    1 
ATOM   828  N N     . GLN A 1 155 ? 12.838  13.925  2.062   1.00 78.10  ? 121 GLN A N     1 
ATOM   829  C CA    . GLN A 1 155 ? 12.809  12.469  2.132   1.00 113.35 ? 121 GLN A CA    1 
ATOM   830  C C     . GLN A 1 155 ? 13.475  11.851  0.897   1.00 127.83 ? 121 GLN A C     1 
ATOM   831  O O     . GLN A 1 155 ? 13.276  12.331  -0.224  1.00 119.98 ? 121 GLN A O     1 
ATOM   832  C CB    . GLN A 1 155 ? 11.367  11.974  2.268   1.00 97.09  ? 121 GLN A CB    1 
ATOM   833  N N     . PHE A 1 156 ? 14.265  10.795  1.100   1.00 118.26 ? 122 PHE A N     1 
ATOM   834  C CA    . PHE A 1 156 ? 14.781  10.018  -0.023  1.00 118.62 ? 122 PHE A CA    1 
ATOM   835  C C     . PHE A 1 156 ? 13.643  9.100   -0.457  1.00 134.54 ? 122 PHE A C     1 
ATOM   836  O O     . PHE A 1 156 ? 13.030  9.307   -1.512  1.00 142.21 ? 122 PHE A O     1 
ATOM   837  C CB    . PHE A 1 156 ? 16.002  9.214   0.406   1.00 114.08 ? 122 PHE A CB    1 
ATOM   838  C CG    . PHE A 1 156 ? 16.604  8.366   -0.686  1.00 127.61 ? 122 PHE A CG    1 
ATOM   839  C CD1   . PHE A 1 156 ? 16.711  6.983   -0.531  1.00 122.03 ? 122 PHE A CD1   1 
ATOM   840  C CD2   . PHE A 1 156 ? 17.086  8.945   -1.854  1.00 113.42 ? 122 PHE A CD2   1 
ATOM   841  C CE1   . PHE A 1 156 ? 17.285  6.191   -1.521  1.00 96.37  ? 122 PHE A CE1   1 
ATOM   842  C CE2   . PHE A 1 156 ? 17.658  8.163   -2.851  1.00 106.85 ? 122 PHE A CE2   1 
ATOM   843  C CZ    . PHE A 1 156 ? 17.759  6.783   -2.681  1.00 109.93 ? 122 PHE A CZ    1 
ATOM   844  N N     . GLY A 1 157 ? 13.364  8.081   0.353   1.00 124.58 ? 123 GLY A N     1 
ATOM   845  C CA    . GLY A 1 157 ? 12.016  7.541   0.421   1.00 113.32 ? 123 GLY A CA    1 
ATOM   846  C C     . GLY A 1 157 ? 11.817  6.513   1.516   1.00 107.74 ? 123 GLY A C     1 
ATOM   847  O O     . GLY A 1 157 ? 12.693  5.685   1.800   1.00 111.50 ? 123 GLY A O     1 
ATOM   848  N N     . VAL A 1 158 ? 10.625  6.542   2.102   1.00 94.54  ? 124 VAL A N     1 
ATOM   849  C CA    . VAL A 1 158 ? 10.260  5.628   3.180   1.00 87.51  ? 124 VAL A CA    1 
ATOM   850  C C     . VAL A 1 158 ? 9.680   4.321   2.685   1.00 83.49  ? 124 VAL A C     1 
ATOM   851  O O     . VAL A 1 158 ? 9.934   3.239   3.237   1.00 77.08  ? 124 VAL A O     1 
ATOM   852  C CB    . VAL A 1 158 ? 9.298   6.285   4.143   1.00 69.27  ? 124 VAL A CB    1 
ATOM   853  C CG1   . VAL A 1 158 ? 9.236   5.479   5.421   1.00 62.23  ? 124 VAL A CG1   1 
ATOM   854  C CG2   . VAL A 1 158 ? 9.771   7.705   4.420   1.00 79.75  ? 124 VAL A CG2   1 
ATOM   855  N N     . GLY A 1 159 ? 8.876   4.439   1.639   1.00 79.99  ? 125 GLY A N     1 
ATOM   856  C CA    . GLY A 1 159 ? 8.233   3.278   1.084   1.00 82.58  ? 125 GLY A CA    1 
ATOM   857  C C     . GLY A 1 159 ? 6.866   3.012   1.644   1.00 75.02  ? 125 GLY A C     1 
ATOM   858  O O     . GLY A 1 159 ? 6.132   3.915   2.025   1.00 78.06  ? 125 GLY A O     1 
ATOM   859  N N     . PHE A 1 160 ? 6.520   1.740   1.649   1.00 78.56  ? 126 PHE A N     1 
ATOM   860  C CA    . PHE A 1 160 ? 5.221   1.298   2.094   1.00 66.83  ? 126 PHE A CA    1 
ATOM   861  C C     . PHE A 1 160 ? 4.884   1.755   3.501   1.00 68.56  ? 126 PHE A C     1 
ATOM   862  O O     . PHE A 1 160 ? 3.801   2.275   3.750   1.00 83.61  ? 126 PHE A O     1 
ATOM   863  C CB    . PHE A 1 160 ? 5.154   -0.224  2.042   1.00 68.75  ? 126 PHE A CB    1 
ATOM   864  C CG    . PHE A 1 160 ? 4.017   -0.789  2.807   1.00 65.86  ? 126 PHE A CG    1 
ATOM   865  C CD1   . PHE A 1 160 ? 2.707   -0.481  2.454   1.00 74.65  ? 126 PHE A CD1   1 
ATOM   866  C CD2   . PHE A 1 160 ? 4.241   -1.615  3.885   1.00 69.86  ? 126 PHE A CD2   1 
ATOM   867  C CE1   . PHE A 1 160 ? 1.626   -1.000  3.172   1.00 71.47  ? 126 PHE A CE1   1 
ATOM   868  C CE2   . PHE A 1 160 ? 3.171   -2.145  4.612   1.00 84.10  ? 126 PHE A CE2   1 
ATOM   869  C CZ    . PHE A 1 160 ? 1.860   -1.835  4.257   1.00 77.22  ? 126 PHE A CZ    1 
ATOM   870  N N     . TYR A 1 161 ? 5.808   1.561   4.427   1.00 69.88  ? 127 TYR A N     1 
ATOM   871  C CA    . TYR A 1 161 ? 5.477   1.738   5.837   1.00 77.78  ? 127 TYR A CA    1 
ATOM   872  C C     . TYR A 1 161 ? 5.124   3.176   6.227   1.00 88.11  ? 127 TYR A C     1 
ATOM   873  O O     . TYR A 1 161 ? 4.599   3.435   7.328   1.00 76.87  ? 127 TYR A O     1 
ATOM   874  C CB    . TYR A 1 161 ? 6.560   1.137   6.722   1.00 72.23  ? 127 TYR A CB    1 
ATOM   875  C CG    . TYR A 1 161 ? 6.331   -0.340  6.873   1.00 81.84  ? 127 TYR A CG    1 
ATOM   876  C CD1   . TYR A 1 161 ? 5.310   -0.811  7.691   1.00 71.75  ? 127 TYR A CD1   1 
ATOM   877  C CD2   . TYR A 1 161 ? 7.096   -1.269  6.169   1.00 89.46  ? 127 TYR A CD2   1 
ATOM   878  C CE1   . TYR A 1 161 ? 5.063   -2.166  7.843   1.00 67.44  ? 127 TYR A CE1   1 
ATOM   879  C CE2   . TYR A 1 161 ? 6.856   -2.642  6.310   1.00 94.99  ? 127 TYR A CE2   1 
ATOM   880  C CZ    . TYR A 1 161 ? 5.830   -3.081  7.153   1.00 83.62  ? 127 TYR A CZ    1 
ATOM   881  O OH    . TYR A 1 161 ? 5.561   -4.430  7.315   1.00 86.49  ? 127 TYR A OH    1 
ATOM   882  N N     . SER A 1 162 ? 5.349   4.083   5.273   1.00 72.67  ? 128 SER A N     1 
ATOM   883  C CA    . SER A 1 162 ? 5.020   5.493   5.410   1.00 64.99  ? 128 SER A CA    1 
ATOM   884  C C     . SER A 1 162 ? 3.534   5.669   5.673   1.00 81.80  ? 128 SER A C     1 
ATOM   885  O O     . SER A 1 162 ? 3.082   6.745   6.019   1.00 79.84  ? 128 SER A O     1 
ATOM   886  C CB    . SER A 1 162 ? 5.373   6.237   4.120   1.00 70.05  ? 128 SER A CB    1 
ATOM   887  O OG    . SER A 1 162 ? 4.474   5.899   3.073   1.00 67.68  ? 128 SER A OG    1 
ATOM   888  N N     . ALA A 1 163 ? 2.773   4.602   5.485   1.00 86.95  ? 129 ALA A N     1 
ATOM   889  C CA    . ALA A 1 163 ? 1.329   4.664   5.588   1.00 83.49  ? 129 ALA A CA    1 
ATOM   890  C C     . ALA A 1 163 ? 0.845   4.860   7.025   1.00 77.80  ? 129 ALA A C     1 
ATOM   891  O O     . ALA A 1 163 ? -0.259  5.362   7.259   1.00 71.61  ? 129 ALA A O     1 
ATOM   892  C CB    . ALA A 1 163 ? 0.730   3.401   4.989   1.00 74.12  ? 129 ALA A CB    1 
ATOM   893  N N     . TYR A 1 164 ? 1.674   4.472   7.986   1.00 84.83  ? 130 TYR A N     1 
ATOM   894  C CA    . TYR A 1 164 ? 1.204   4.349   9.362   1.00 81.87  ? 130 TYR A CA    1 
ATOM   895  C C     . TYR A 1 164 ? 1.232   5.653   10.152  1.00 78.53  ? 130 TYR A C     1 
ATOM   896  O O     . TYR A 1 164 ? 0.853   5.685   11.332  1.00 71.50  ? 130 TYR A O     1 
ATOM   897  C CB    . TYR A 1 164 ? 1.980   3.258   10.087  1.00 80.66  ? 130 TYR A CB    1 
ATOM   898  C CG    . TYR A 1 164 ? 1.384   1.878   9.896   1.00 70.13  ? 130 TYR A CG    1 
ATOM   899  C CD1   . TYR A 1 164 ? 1.882   1.003   8.939   1.00 64.72  ? 130 TYR A CD1   1 
ATOM   900  C CD2   . TYR A 1 164 ? 0.322   1.449   10.681  1.00 68.27  ? 130 TYR A CD2   1 
ATOM   901  C CE1   . TYR A 1 164 ? 1.339   -0.268  8.775   1.00 53.35  ? 130 TYR A CE1   1 
ATOM   902  C CE2   . TYR A 1 164 ? -0.226  0.182   10.526  1.00 62.47  ? 130 TYR A CE2   1 
ATOM   903  C CZ    . TYR A 1 164 ? 0.280   -0.674  9.572   1.00 67.20  ? 130 TYR A CZ    1 
ATOM   904  O OH    . TYR A 1 164 ? -0.282  -1.934  9.425   1.00 71.89  ? 130 TYR A OH    1 
ATOM   905  N N     . LEU A 1 165 ? 1.675   6.727   9.505   1.00 61.61  ? 131 LEU A N     1 
ATOM   906  C CA    . LEU A 1 165 ? 1.604   8.026   10.147  1.00 76.19  ? 131 LEU A CA    1 
ATOM   907  C C     . LEU A 1 165 ? 0.205   8.658   10.063  1.00 74.89  ? 131 LEU A C     1 
ATOM   908  O O     . LEU A 1 165 ? -0.199  9.411   10.956  1.00 82.10  ? 131 LEU A O     1 
ATOM   909  C CB    . LEU A 1 165 ? 2.705   8.951   9.633   1.00 76.69  ? 131 LEU A CB    1 
ATOM   910  C CG    . LEU A 1 165 ? 3.093   8.688   8.186   1.00 74.23  ? 131 LEU A CG    1 
ATOM   911  C CD1   . LEU A 1 165 ? 2.013   9.219   7.247   1.00 81.64  ? 131 LEU A CD1   1 
ATOM   912  C CD2   . LEU A 1 165 ? 4.468   9.269   7.842   1.00 57.44  ? 131 LEU A CD2   1 
ATOM   913  N N     . VAL A 1 166 ? -0.525  8.368   8.990   1.00 82.81  ? 132 VAL A N     1 
ATOM   914  C CA    . VAL A 1 166 ? -1.927  8.794   8.871   1.00 75.62  ? 132 VAL A CA    1 
ATOM   915  C C     . VAL A 1 166 ? -2.965  7.734   9.277   1.00 71.38  ? 132 VAL A C     1 
ATOM   916  O O     . VAL A 1 166 ? -4.155  8.046   9.400   1.00 66.05  ? 132 VAL A O     1 
ATOM   917  C CB    . VAL A 1 166 ? -2.256  9.284   7.445   1.00 66.83  ? 132 VAL A CB    1 
ATOM   918  C CG1   . VAL A 1 166 ? -1.419  10.511  7.099   1.00 71.47  ? 132 VAL A CG1   1 
ATOM   919  C CG2   . VAL A 1 166 ? -2.020  8.176   6.438   1.00 67.97  ? 132 VAL A CG2   1 
ATOM   920  N N     . ALA A 1 167 ? -2.524  6.494   9.492   1.00 64.87  ? 133 ALA A N     1 
ATOM   921  C CA    . ALA A 1 167 ? -3.459  5.408   9.797   1.00 63.25  ? 133 ALA A CA    1 
ATOM   922  C C     . ALA A 1 167 ? -3.028  4.598   11.006  1.00 68.89  ? 133 ALA A C     1 
ATOM   923  O O     . ALA A 1 167 ? -1.836  4.398   11.234  1.00 87.10  ? 133 ALA A O     1 
ATOM   924  C CB    . ALA A 1 167 ? -3.626  4.492   8.592   1.00 60.60  ? 133 ALA A CB    1 
ATOM   925  N N     . GLU A 1 168 ? -3.993  4.143   11.794  1.00 62.48  ? 134 GLU A N     1 
ATOM   926  C CA    . GLU A 1 168 ? -3.675  3.262   12.907  1.00 84.83  ? 134 GLU A CA    1 
ATOM   927  C C     . GLU A 1 168 ? -3.663  1.799   12.473  1.00 73.11  ? 134 GLU A C     1 
ATOM   928  O O     . GLU A 1 168 ? -3.131  0.937   13.181  1.00 79.07  ? 134 GLU A O     1 
ATOM   929  C CB    . GLU A 1 168 ? -4.677  3.446   14.049  1.00 94.35  ? 134 GLU A CB    1 
ATOM   930  C CG    . GLU A 1 168 ? -5.805  2.433   14.020  1.00 90.16  ? 134 GLU A CG    1 
ATOM   931  C CD    . GLU A 1 168 ? -7.161  3.086   13.894  1.00 103.06 ? 134 GLU A CD    1 
ATOM   932  O OE1   . GLU A 1 168 ? -8.153  2.346   13.671  1.00 102.20 ? 134 GLU A OE1   1 
ATOM   933  O OE2   . GLU A 1 168 ? -7.230  4.338   14.025  1.00 104.70 ? 134 GLU A OE2   1 
ATOM   934  N N     . ARG A 1 169 ? -4.256  1.530   11.315  1.00 66.47  ? 135 ARG A N     1 
ATOM   935  C CA    . ARG A 1 169 ? -4.462  0.162   10.847  1.00 64.39  ? 135 ARG A CA    1 
ATOM   936  C C     . ARG A 1 169 ? -4.495  0.161   9.330   1.00 58.16  ? 135 ARG A C     1 
ATOM   937  O O     . ARG A 1 169 ? -4.860  1.163   8.717   1.00 54.85  ? 135 ARG A O     1 
ATOM   938  C CB    . ARG A 1 169 ? -5.755  -0.401  11.431  1.00 63.06  ? 135 ARG A CB    1 
ATOM   939  C CG    . ARG A 1 169 ? -6.191  -1.753  10.906  1.00 64.59  ? 135 ARG A CG    1 
ATOM   940  C CD    . ARG A 1 169 ? -7.235  -2.379  11.854  1.00 85.44  ? 135 ARG A CD    1 
ATOM   941  N NE    . ARG A 1 169 ? -8.222  -3.199  11.147  1.00 92.84  ? 135 ARG A NE    1 
ATOM   942  C CZ    . ARG A 1 169 ? -9.536  -2.966  11.153  1.00 102.49 ? 135 ARG A CZ    1 
ATOM   943  N NH1   . ARG A 1 169 ? -10.024 -1.930  11.849  1.00 91.16  ? 135 ARG A NH1   1 
ATOM   944  N NH2   . ARG A 1 169 ? -10.365 -3.770  10.470  1.00 71.10  ? 135 ARG A NH2   1 
ATOM   945  N N     . VAL A 1 170 ? -4.057  -0.939  8.723   1.00 68.18  ? 136 VAL A N     1 
ATOM   946  C CA    . VAL A 1 170 ? -3.977  -1.040  7.264   1.00 68.43  ? 136 VAL A CA    1 
ATOM   947  C C     . VAL A 1 170 ? -4.276  -2.444  6.795   1.00 66.35  ? 136 VAL A C     1 
ATOM   948  O O     . VAL A 1 170 ? -3.834  -3.429  7.398   1.00 59.75  ? 136 VAL A O     1 
ATOM   949  C CB    . VAL A 1 170 ? -2.584  -0.702  6.710   1.00 53.74  ? 136 VAL A CB    1 
ATOM   950  C CG1   . VAL A 1 170 ? -2.561  -0.896  5.189   1.00 60.87  ? 136 VAL A CG1   1 
ATOM   951  C CG2   . VAL A 1 170 ? -2.185  0.708   7.071   1.00 60.14  ? 136 VAL A CG2   1 
ATOM   952  N N     . VAL A 1 171 ? -5.040  -2.539  5.715   1.00 61.50  ? 137 VAL A N     1 
ATOM   953  C CA    . VAL A 1 171 ? -5.307  -3.831  5.140   1.00 62.66  ? 137 VAL A CA    1 
ATOM   954  C C     . VAL A 1 171 ? -5.024  -3.865  3.652   1.00 65.77  ? 137 VAL A C     1 
ATOM   955  O O     . VAL A 1 171 ? -5.396  -2.969  2.888   1.00 65.96  ? 137 VAL A O     1 
ATOM   956  C CB    . VAL A 1 171 ? -6.719  -4.320  5.416   1.00 57.86  ? 137 VAL A CB    1 
ATOM   957  C CG1   . VAL A 1 171 ? -6.760  -5.833  5.244   1.00 59.68  ? 137 VAL A CG1   1 
ATOM   958  C CG2   . VAL A 1 171 ? -7.144  -3.931  6.816   1.00 67.46  ? 137 VAL A CG2   1 
ATOM   959  N N     . VAL A 1 172 ? -4.353  -4.938  3.270   1.00 66.26  ? 138 VAL A N     1 
ATOM   960  C CA    . VAL A 1 172 ? -3.838  -5.090  1.945   1.00 61.51  ? 138 VAL A CA    1 
ATOM   961  C C     . VAL A 1 172 ? -4.469  -6.337  1.411   1.00 66.45  ? 138 VAL A C     1 
ATOM   962  O O     . VAL A 1 172 ? -4.410  -7.400  2.042   1.00 66.91  ? 138 VAL A O     1 
ATOM   963  C CB    . VAL A 1 172 ? -2.327  -5.259  1.970   1.00 62.91  ? 138 VAL A CB    1 
ATOM   964  C CG1   . VAL A 1 172 ? -1.778  -5.278  0.547   1.00 61.19  ? 138 VAL A CG1   1 
ATOM   965  C CG2   . VAL A 1 172 ? -1.694  -4.134  2.803   1.00 59.53  ? 138 VAL A CG2   1 
ATOM   966  N N     . THR A 1 173 ? -5.096  -6.186  0.254   1.00 68.91  ? 139 THR A N     1 
ATOM   967  C CA    . THR A 1 173 ? -5.801  -7.268  -0.390  1.00 64.22  ? 139 THR A CA    1 
ATOM   968  C C     . THR A 1 173 ? -5.109  -7.386  -1.732  1.00 57.70  ? 139 THR A C     1 
ATOM   969  O O     . THR A 1 173 ? -4.977  -6.402  -2.462  1.00 56.83  ? 139 THR A O     1 
ATOM   970  C CB    . THR A 1 173 ? -7.299  -6.912  -0.531  1.00 69.73  ? 139 THR A CB    1 
ATOM   971  O OG1   . THR A 1 173 ? -7.735  -6.190  0.640   1.00 69.45  ? 139 THR A OG1   1 
ATOM   972  C CG2   . THR A 1 173 ? -8.147  -8.167  -0.709  1.00 64.23  ? 139 THR A CG2   1 
ATOM   973  N N     . THR A 1 174 ? -4.608  -8.571  -2.049  1.00 59.62  ? 140 THR A N     1 
ATOM   974  C CA    . THR A 1 174 ? -3.762  -8.668  -3.230  1.00 70.33  ? 140 THR A CA    1 
ATOM   975  C C     . THR A 1 174 ? -3.940  -9.939  -4.076  1.00 64.69  ? 140 THR A C     1 
ATOM   976  O O     . THR A 1 174 ? -4.267  -11.023 -3.583  1.00 53.20  ? 140 THR A O     1 
ATOM   977  C CB    . THR A 1 174 ? -2.265  -8.434  -2.866  1.00 64.68  ? 140 THR A CB    1 
ATOM   978  O OG1   . THR A 1 174 ? -1.511  -8.097  -4.043  1.00 51.11  ? 140 THR A OG1   1 
ATOM   979  C CG2   . THR A 1 174 ? -1.670  -9.658  -2.182  1.00 58.80  ? 140 THR A CG2   1 
ATOM   980  N N     . LYS A 1 175 ? -3.742  -9.773  -5.376  1.00 63.47  ? 141 LYS A N     1 
ATOM   981  C CA    . LYS A 1 175 ? -3.844  -10.886 -6.286  1.00 63.64  ? 141 LYS A CA    1 
ATOM   982  C C     . LYS A 1 175 ? -2.679  -10.873 -7.250  1.00 67.74  ? 141 LYS A C     1 
ATOM   983  O O     . LYS A 1 175 ? -2.472  -9.905  -7.995  1.00 56.41  ? 141 LYS A O     1 
ATOM   984  C CB    . LYS A 1 175 ? -5.174  -10.866 -7.051  1.00 68.44  ? 141 LYS A CB    1 
ATOM   985  C CG    . LYS A 1 175 ? -5.398  -12.115 -7.895  1.00 63.28  ? 141 LYS A CG    1 
ATOM   986  C CD    . LYS A 1 175 ? -5.199  -13.382 -7.070  1.00 68.07  ? 141 LYS A CD    1 
ATOM   987  C CE    . LYS A 1 175 ? -5.510  -14.593 -7.903  1.00 57.73  ? 141 LYS A CE    1 
ATOM   988  N NZ    . LYS A 1 175 ? -4.744  -14.509 -9.170  1.00 60.07  ? 141 LYS A NZ    1 
ATOM   989  N N     . HIS A 1 176 ? -1.914  -11.957 -7.197  1.00 64.95  ? 142 HIS A N     1 
ATOM   990  C CA    . HIS A 1 176 ? -0.896  -12.232 -8.179  1.00 61.93  ? 142 HIS A CA    1 
ATOM   991  C C     . HIS A 1 176 ? -1.497  -13.239 -9.139  1.00 76.45  ? 142 HIS A C     1 
ATOM   992  O O     . HIS A 1 176 ? -2.586  -13.751 -8.894  1.00 93.99  ? 142 HIS A O     1 
ATOM   993  C CB    . HIS A 1 176 ? 0.311   -12.842 -7.477  1.00 86.15  ? 142 HIS A CB    1 
ATOM   994  C CG    . HIS A 1 176 ? 1.543   -12.892 -8.323  1.00 86.27  ? 142 HIS A CG    1 
ATOM   995  N ND1   . HIS A 1 176 ? 1.951   -11.836 -9.113  1.00 74.91  ? 142 HIS A ND1   1 
ATOM   996  C CD2   . HIS A 1 176 ? 2.458   -13.873 -8.505  1.00 73.73  ? 142 HIS A CD2   1 
ATOM   997  C CE1   . HIS A 1 176 ? 3.061   -12.167 -9.743  1.00 72.38  ? 142 HIS A CE1   1 
ATOM   998  N NE2   . HIS A 1 176 ? 3.393   -13.396 -9.387  1.00 81.79  ? 142 HIS A NE2   1 
ATOM   999  N N     . ASN A 1 177 ? -0.787  -13.556 -10.211 1.00 84.30  ? 143 ASN A N     1 
ATOM   1000 C CA    . ASN A 1 177 ? -1.312  -14.508 -11.185 1.00 90.73  ? 143 ASN A CA    1 
ATOM   1001 C C     . ASN A 1 177 ? -1.116  -15.964 -10.754 1.00 85.05  ? 143 ASN A C     1 
ATOM   1002 O O     . ASN A 1 177 ? -2.008  -16.798 -10.932 1.00 104.50 ? 143 ASN A O     1 
ATOM   1003 C CB    . ASN A 1 177 ? -0.733  -14.251 -12.585 1.00 88.81  ? 143 ASN A CB    1 
ATOM   1004 C CG    . ASN A 1 177 ? -1.082  -12.866 -13.121 1.00 91.96  ? 143 ASN A CG    1 
ATOM   1005 O OD1   . ASN A 1 177 ? -0.191  -12.050 -13.381 1.00 98.94  ? 143 ASN A OD1   1 
ATOM   1006 N ND2   . ASN A 1 177 ? -2.381  -12.592 -13.286 1.00 79.63  ? 143 ASN A ND2   1 
ATOM   1007 N N     . ASP A 1 178 ? 0.039   -16.258 -10.165 1.00 79.15  ? 144 ASP A N     1 
ATOM   1008 C CA    . ASP A 1 178 ? 0.421   -17.635 -9.856  1.00 91.56  ? 144 ASP A CA    1 
ATOM   1009 C C     . ASP A 1 178 ? -0.198  -18.125 -8.563  1.00 90.00  ? 144 ASP A C     1 
ATOM   1010 O O     . ASP A 1 178 ? -0.107  -19.307 -8.214  1.00 88.20  ? 144 ASP A O     1 
ATOM   1011 C CB    . ASP A 1 178 ? 1.936   -17.744 -9.743  1.00 82.22  ? 144 ASP A CB    1 
ATOM   1012 C CG    . ASP A 1 178 ? 2.643   -17.122 -10.914 1.00 95.95  ? 144 ASP A CG    1 
ATOM   1013 O OD1   . ASP A 1 178 ? 2.109   -17.235 -12.043 1.00 106.22 ? 144 ASP A OD1   1 
ATOM   1014 O OD2   . ASP A 1 178 ? 3.716   -16.508 -10.703 1.00 84.62  ? 144 ASP A OD2   1 
ATOM   1015 N N     . ASP A 1 179 ? -0.819  -17.207 -7.843  1.00 81.25  ? 145 ASP A N     1 
ATOM   1016 C CA    . ASP A 1 179 ? -1.325  -17.547 -6.533  1.00 82.24  ? 145 ASP A CA    1 
ATOM   1017 C C     . ASP A 1 179 ? -2.709  -16.954 -6.327  1.00 88.81  ? 145 ASP A C     1 
ATOM   1018 O O     . ASP A 1 179 ? -3.169  -16.130 -7.126  1.00 74.23  ? 145 ASP A O     1 
ATOM   1019 C CB    . ASP A 1 179 ? -0.355  -17.061 -5.452  1.00 79.56  ? 145 ASP A CB    1 
ATOM   1020 C CG    . ASP A 1 179 ? -0.656  -17.658 -4.092  1.00 91.25  ? 145 ASP A CG    1 
ATOM   1021 O OD1   . ASP A 1 179 ? -1.723  -17.326 -3.550  1.00 90.77  ? 145 ASP A OD1   1 
ATOM   1022 O OD2   . ASP A 1 179 ? 0.156   -18.454 -3.565  1.00 110.18 ? 145 ASP A OD2   1 
ATOM   1023 N N     . GLU A 1 180 ? -3.365  -17.403 -5.259  1.00 85.00  ? 146 GLU A N     1 
ATOM   1024 C CA    . GLU A 1 180 ? -4.682  -16.918 -4.867  1.00 82.84  ? 146 GLU A CA    1 
ATOM   1025 C C     . GLU A 1 180 ? -4.623  -15.526 -4.255  1.00 81.10  ? 146 GLU A C     1 
ATOM   1026 O O     . GLU A 1 180 ? -3.553  -14.921 -4.132  1.00 86.08  ? 146 GLU A O     1 
ATOM   1027 C CB    . GLU A 1 180 ? -5.322  -17.879 -3.866  1.00 84.60  ? 146 GLU A CB    1 
ATOM   1028 C CG    . GLU A 1 180 ? -5.287  -19.339 -4.310  1.00 95.68  ? 146 GLU A CG    1 
ATOM   1029 C CD    . GLU A 1 180 ? -6.084  -20.243 -3.387  1.00 96.02  ? 146 GLU A CD    1 
ATOM   1030 O OE1   . GLU A 1 180 ? -5.886  -20.173 -2.153  1.00 96.86  ? 146 GLU A OE1   1 
ATOM   1031 O OE2   . GLU A 1 180 ? -6.915  -21.019 -3.902  1.00 100.23 ? 146 GLU A OE2   1 
ATOM   1032 N N     . GLN A 1 181 ? -5.787  -15.029 -3.863  1.00 71.82  ? 147 GLN A N     1 
ATOM   1033 C CA    . GLN A 1 181 ? -5.892  -13.694 -3.304  1.00 66.99  ? 147 GLN A CA    1 
ATOM   1034 C C     . GLN A 1 181 ? -5.670  -13.735 -1.791  1.00 71.17  ? 147 GLN A C     1 
ATOM   1035 O O     . GLN A 1 181 ? -6.376  -14.437 -1.066  1.00 67.88  ? 147 GLN A O     1 
ATOM   1036 C CB    . GLN A 1 181 ? -7.252  -13.088 -3.659  1.00 74.17  ? 147 GLN A CB    1 
ATOM   1037 C CG    . GLN A 1 181 ? -7.568  -11.775 -2.966  1.00 71.15  ? 147 GLN A CG    1 
ATOM   1038 C CD    . GLN A 1 181 ? -8.471  -10.885 -3.797  1.00 60.71  ? 147 GLN A CD    1 
ATOM   1039 O OE1   . GLN A 1 181 ? -8.427  -10.908 -5.037  1.00 62.85  ? 147 GLN A OE1   1 
ATOM   1040 N NE2   . GLN A 1 181 ? -9.290  -10.089 -3.120  1.00 53.97  ? 147 GLN A NE2   1 
ATOM   1041 N N     . TYR A 1 182 ? -4.676  -12.991 -1.317  1.00 68.58  ? 148 TYR A N     1 
ATOM   1042 C CA    . TYR A 1 182 ? -4.342  -12.991 0.103   1.00 65.18  ? 148 TYR A CA    1 
ATOM   1043 C C     . TYR A 1 182 ? -4.584  -11.614 0.728   1.00 68.92  ? 148 TYR A C     1 
ATOM   1044 O O     . TYR A 1 182 ? -4.589  -10.589 0.026   1.00 63.60  ? 148 TYR A O     1 
ATOM   1045 C CB    . TYR A 1 182 ? -2.899  -13.499 0.328   1.00 74.43  ? 148 TYR A CB    1 
ATOM   1046 C CG    . TYR A 1 182 ? -2.790  -15.019 0.340   1.00 83.82  ? 148 TYR A CG    1 
ATOM   1047 C CD1   . TYR A 1 182 ? -2.925  -15.741 1.526   1.00 83.11  ? 148 TYR A CD1   1 
ATOM   1048 C CD2   . TYR A 1 182 ? -2.576  -15.736 -0.834  1.00 80.05  ? 148 TYR A CD2   1 
ATOM   1049 C CE1   . TYR A 1 182 ? -2.850  -17.135 1.537   1.00 89.01  ? 148 TYR A CE1   1 
ATOM   1050 C CE2   . TYR A 1 182 ? -2.498  -17.131 -0.823  1.00 74.67  ? 148 TYR A CE2   1 
ATOM   1051 C CZ    . TYR A 1 182 ? -2.642  -17.823 0.354   1.00 86.02  ? 148 TYR A CZ    1 
ATOM   1052 O OH    . TYR A 1 182 ? -2.567  -19.203 0.342   1.00 85.17  ? 148 TYR A OH    1 
ATOM   1053 N N     . VAL A 1 183 ? -4.808  -11.598 2.041   1.00 68.18  ? 149 VAL A N     1 
ATOM   1054 C CA    . VAL A 1 183 ? -5.112  -10.357 2.753   1.00 57.78  ? 149 VAL A CA    1 
ATOM   1055 C C     . VAL A 1 183 ? -4.226  -10.120 3.971   1.00 62.55  ? 149 VAL A C     1 
ATOM   1056 O O     . VAL A 1 183 ? -4.259  -10.879 4.951   1.00 68.35  ? 149 VAL A O     1 
ATOM   1057 C CB    . VAL A 1 183 ? -6.572  -10.325 3.196   1.00 61.15  ? 149 VAL A CB    1 
ATOM   1058 C CG1   . VAL A 1 183 ? -6.830  -9.110  4.063   1.00 58.63  ? 149 VAL A CG1   1 
ATOM   1059 C CG2   . VAL A 1 183 ? -7.479  -10.316 1.981   1.00 79.05  ? 149 VAL A CG2   1 
ATOM   1060 N N     . TRP A 1 184 ? -3.459  -9.039  3.910   1.00 64.98  ? 150 TRP A N     1 
ATOM   1061 C CA    . TRP A 1 184 ? -2.481  -8.705  4.944   1.00 72.46  ? 150 TRP A CA    1 
ATOM   1062 C C     . TRP A 1 184 ? -2.952  -7.521  5.775   1.00 73.51  ? 150 TRP A C     1 
ATOM   1063 O O     . TRP A 1 184 ? -3.370  -6.503  5.239   1.00 77.16  ? 150 TRP A O     1 
ATOM   1064 C CB    . TRP A 1 184 ? -1.161  -8.360  4.283   1.00 71.04  ? 150 TRP A CB    1 
ATOM   1065 C CG    . TRP A 1 184 ? -0.038  -7.983  5.198   1.00 83.34  ? 150 TRP A CG    1 
ATOM   1066 C CD1   . TRP A 1 184 ? 1.020   -8.768  5.560   1.00 83.54  ? 150 TRP A CD1   1 
ATOM   1067 C CD2   . TRP A 1 184 ? 0.179   -6.705  5.829   1.00 98.41  ? 150 TRP A CD2   1 
ATOM   1068 N NE1   . TRP A 1 184 ? 1.874   -8.068  6.384   1.00 85.93  ? 150 TRP A NE1   1 
ATOM   1069 C CE2   . TRP A 1 184 ? 1.383   -6.798  6.565   1.00 91.79  ? 150 TRP A CE2   1 
ATOM   1070 C CE3   . TRP A 1 184 ? -0.532  -5.494  5.851   1.00 90.56  ? 150 TRP A CE3   1 
ATOM   1071 C CZ2   . TRP A 1 184 ? 1.892   -5.729  7.318   1.00 88.34  ? 150 TRP A CZ2   1 
ATOM   1072 C CZ3   . TRP A 1 184 ? -0.026  -4.432  6.602   1.00 87.54  ? 150 TRP A CZ3   1 
ATOM   1073 C CH2   . TRP A 1 184 ? 1.176   -4.556  7.319   1.00 82.66  ? 150 TRP A CH2   1 
ATOM   1074 N N     . GLU A 1 185 ? -2.867  -7.658  7.090   1.00 75.36  ? 151 GLU A N     1 
ATOM   1075 C CA    . GLU A 1 185 ? -3.406  -6.663  7.988   1.00 65.06  ? 151 GLU A CA    1 
ATOM   1076 C C     . GLU A 1 185 ? -2.534  -6.537  9.223   1.00 78.94  ? 151 GLU A C     1 
ATOM   1077 O O     . GLU A 1 185 ? -2.171  -7.535  9.840   1.00 76.01  ? 151 GLU A O     1 
ATOM   1078 C CB    . GLU A 1 185 ? -4.814  -7.079  8.401   1.00 66.01  ? 151 GLU A CB    1 
ATOM   1079 C CG    . GLU A 1 185 ? -5.448  -6.193  9.454   1.00 82.95  ? 151 GLU A CG    1 
ATOM   1080 C CD    . GLU A 1 185 ? -6.911  -6.542  9.689   1.00 95.81  ? 151 GLU A CD    1 
ATOM   1081 O OE1   . GLU A 1 185 ? -7.323  -7.647  9.264   1.00 103.09 ? 151 GLU A OE1   1 
ATOM   1082 O OE2   . GLU A 1 185 ? -7.648  -5.716  10.284  1.00 94.27  ? 151 GLU A OE2   1 
ATOM   1083 N N     . SER A 1 186 ? -2.229  -5.302  9.604   1.00 87.21  ? 152 SER A N     1 
ATOM   1084 C CA    . SER A 1 186 ? -1.508  -5.048  10.841  1.00 77.08  ? 152 SER A CA    1 
ATOM   1085 C C     . SER A 1 186 ? -1.891  -3.701  11.434  1.00 74.71  ? 152 SER A C     1 
ATOM   1086 O O     . SER A 1 186 ? -2.189  -2.760  10.705  1.00 71.20  ? 152 SER A O     1 
ATOM   1087 C CB    . SER A 1 186 ? 0.000   -5.082  10.608  1.00 82.52  ? 152 SER A CB    1 
ATOM   1088 O OG    . SER A 1 186 ? 0.691   -4.764  11.811  1.00 86.21  ? 152 SER A OG    1 
ATOM   1089 N N     . GLN A 1 187 ? -1.884  -3.618  12.762  1.00 82.54  ? 153 GLN A N     1 
ATOM   1090 C CA    . GLN A 1 187 ? -2.039  -2.345  13.469  1.00 75.39  ? 153 GLN A CA    1 
ATOM   1091 C C     . GLN A 1 187 ? -0.705  -1.691  13.875  1.00 74.84  ? 153 GLN A C     1 
ATOM   1092 O O     . GLN A 1 187 ? -0.699  -0.707  14.630  1.00 79.00  ? 153 GLN A O     1 
ATOM   1093 C CB    . GLN A 1 187 ? -2.976  -2.484  14.670  1.00 83.17  ? 153 GLN A CB    1 
ATOM   1094 C CG    . GLN A 1 187 ? -4.462  -2.414  14.313  1.00 87.73  ? 153 GLN A CG    1 
ATOM   1095 C CD    . GLN A 1 187 ? -5.321  -1.962  15.488  1.00 97.30  ? 153 GLN A CD    1 
ATOM   1096 O OE1   . GLN A 1 187 ? -5.438  -0.759  15.762  1.00 76.18  ? 153 GLN A OE1   1 
ATOM   1097 N NE2   . GLN A 1 187 ? -5.920  -2.926  16.194  1.00 117.05 ? 153 GLN A NE2   1 
ATOM   1098 N N     . ALA A 1 188 ? 0.400   -2.266  13.390  1.00 70.87  ? 154 ALA A N     1 
ATOM   1099 C CA    . ALA A 1 188 ? 1.767   -1.847  13.717  1.00 60.24  ? 154 ALA A CA    1 
ATOM   1100 C C     . ALA A 1 188 ? 2.102   -2.141  15.168  1.00 81.68  ? 154 ALA A C     1 
ATOM   1101 O O     . ALA A 1 188 ? 2.944   -1.477  15.780  1.00 86.96  ? 154 ALA A O     1 
ATOM   1102 C CB    . ALA A 1 188 ? 1.990   -0.369  13.392  1.00 64.54  ? 154 ALA A CB    1 
ATOM   1103 N N     . GLY A 1 189 ? 1.437   -3.160  15.702  1.00 95.25  ? 155 GLY A N     1 
ATOM   1104 C CA    . GLY A 1 189 ? 1.595   -3.562  17.085  1.00 78.74  ? 155 GLY A CA    1 
ATOM   1105 C C     . GLY A 1 189 ? 2.513   -4.757  17.249  1.00 78.24  ? 155 GLY A C     1 
ATOM   1106 O O     . GLY A 1 189 ? 2.386   -5.500  18.213  1.00 85.85  ? 155 GLY A O     1 
ATOM   1107 N N     . GLY A 1 190 ? 3.414   -4.971  16.293  1.00 96.27  ? 156 GLY A N     1 
ATOM   1108 C CA    . GLY A 1 190 ? 4.419   -6.013  16.430  1.00 102.82 ? 156 GLY A CA    1 
ATOM   1109 C C     . GLY A 1 190 ? 3.985   -7.417  16.031  1.00 104.22 ? 156 GLY A C     1 
ATOM   1110 O O     . GLY A 1 190 ? 4.683   -8.403  16.313  1.00 93.89  ? 156 GLY A O     1 
ATOM   1111 N N     . SER A 1 191 ? 2.819   -7.508  15.398  1.00 104.69 ? 157 SER A N     1 
ATOM   1112 C CA    . SER A 1 191 ? 2.411   -8.721  14.701  1.00 93.12  ? 157 SER A CA    1 
ATOM   1113 C C     . SER A 1 191 ? 1.480   -8.370  13.540  1.00 91.22  ? 157 SER A C     1 
ATOM   1114 O O     . SER A 1 191 ? 0.692   -7.422  13.625  1.00 91.39  ? 157 SER A O     1 
ATOM   1115 C CB    . SER A 1 191 ? 1.723   -9.688  15.657  1.00 83.47  ? 157 SER A CB    1 
ATOM   1116 O OG    . SER A 1 191 ? 0.332   -9.434  15.699  1.00 88.43  ? 157 SER A OG    1 
ATOM   1117 N N     . PHE A 1 192 ? 1.582   -9.124  12.449  1.00 92.46  ? 158 PHE A N     1 
ATOM   1118 C CA    . PHE A 1 192 ? 0.621   -8.999  11.360  1.00 84.42  ? 158 PHE A CA    1 
ATOM   1119 C C     . PHE A 1 192 ? -0.054  -10.333 11.055  1.00 82.36  ? 158 PHE A C     1 
ATOM   1120 O O     . PHE A 1 192 ? 0.257   -11.355 11.663  1.00 88.61  ? 158 PHE A O     1 
ATOM   1121 C CB    . PHE A 1 192 ? 1.277   -8.430  10.109  1.00 67.09  ? 158 PHE A CB    1 
ATOM   1122 C CG    . PHE A 1 192 ? 2.383   -9.275  9.572   1.00 82.35  ? 158 PHE A CG    1 
ATOM   1123 C CD1   . PHE A 1 192 ? 2.120   -10.316 8.691   1.00 92.42  ? 158 PHE A CD1   1 
ATOM   1124 C CD2   . PHE A 1 192 ? 3.697   -9.022  9.932   1.00 91.28  ? 158 PHE A CD2   1 
ATOM   1125 C CE1   . PHE A 1 192 ? 3.157   -11.092 8.186   1.00 98.37  ? 158 PHE A CE1   1 
ATOM   1126 C CE2   . PHE A 1 192 ? 4.742   -9.793  9.427   1.00 85.71  ? 158 PHE A CE2   1 
ATOM   1127 C CZ    . PHE A 1 192 ? 4.474   -10.824 8.557   1.00 92.30  ? 158 PHE A CZ    1 
ATOM   1128 N N     . THR A 1 193 ? -0.989  -10.316 10.112  1.00 78.00  ? 159 THR A N     1 
ATOM   1129 C CA    . THR A 1 193 ? -1.779  -11.495 9.801   1.00 72.32  ? 159 THR A CA    1 
ATOM   1130 C C     . THR A 1 193 ? -1.933  -11.620 8.289   1.00 82.75  ? 159 THR A C     1 
ATOM   1131 O O     . THR A 1 193 ? -2.292  -10.659 7.605   1.00 77.19  ? 159 THR A O     1 
ATOM   1132 C CB    . THR A 1 193 ? -3.199  -11.411 10.407  1.00 73.85  ? 159 THR A CB    1 
ATOM   1133 O OG1   . THR A 1 193 ? -4.063  -10.721 9.494   1.00 91.58  ? 159 THR A OG1   1 
ATOM   1134 C CG2   . THR A 1 193 ? -3.198  -10.678 11.736  1.00 66.42  ? 159 THR A CG2   1 
ATOM   1135 N N     . VAL A 1 194 ? -1.668  -12.804 7.758   1.00 89.60  ? 160 VAL A N     1 
ATOM   1136 C CA    . VAL A 1 194 ? -1.944  -13.038 6.349   1.00 85.80  ? 160 VAL A CA    1 
ATOM   1137 C C     . VAL A 1 194 ? -3.030  -14.085 6.178   1.00 85.99  ? 160 VAL A C     1 
ATOM   1138 O O     . VAL A 1 194 ? -2.950  -15.184 6.727   1.00 87.93  ? 160 VAL A O     1 
ATOM   1139 C CB    . VAL A 1 194 ? -0.689  -13.428 5.565   1.00 81.00  ? 160 VAL A CB    1 
ATOM   1140 C CG1   . VAL A 1 194 ? -1.050  -13.724 4.116   1.00 73.35  ? 160 VAL A CG1   1 
ATOM   1141 C CG2   . VAL A 1 194 ? 0.341   -12.304 5.647   1.00 84.81  ? 160 VAL A CG2   1 
ATOM   1142 N N     . THR A 1 195 ? -4.057  -13.727 5.421   1.00 86.61  ? 161 THR A N     1 
ATOM   1143 C CA    . THR A 1 195 ? -5.180  -14.619 5.230   1.00 79.04  ? 161 THR A CA    1 
ATOM   1144 C C     . THR A 1 195 ? -5.481  -14.850 3.773   1.00 86.98  ? 161 THR A C     1 
ATOM   1145 O O     . THR A 1 195 ? -5.547  -13.905 2.984   1.00 83.06  ? 161 THR A O     1 
ATOM   1146 C CB    . THR A 1 195 ? -6.413  -14.060 5.868   1.00 67.18  ? 161 THR A CB    1 
ATOM   1147 O OG1   . THR A 1 195 ? -6.088  -13.651 7.202   1.00 76.18  ? 161 THR A OG1   1 
ATOM   1148 C CG2   . THR A 1 195 ? -7.509  -15.125 5.875   1.00 76.82  ? 161 THR A CG2   1 
ATOM   1149 N N     . ARG A 1 196 ? -5.658  -16.120 3.430   1.00 89.65  ? 162 ARG A N     1 
ATOM   1150 C CA    . ARG A 1 196 ? -6.119  -16.504 2.113   1.00 85.42  ? 162 ARG A CA    1 
ATOM   1151 C C     . ARG A 1 196 ? -7.568  -16.056 1.999   1.00 87.26  ? 162 ARG A C     1 
ATOM   1152 O O     . ARG A 1 196 ? -8.403  -16.436 2.830   1.00 83.17  ? 162 ARG A O     1 
ATOM   1153 C CB    . ARG A 1 196 ? -5.984  -18.018 1.988   1.00 91.04  ? 162 ARG A CB    1 
ATOM   1154 C CG    . ARG A 1 196 ? -6.551  -18.654 0.753   1.00 86.62  ? 162 ARG A CG    1 
ATOM   1155 C CD    . ARG A 1 196 ? -6.388  -20.154 0.913   1.00 102.20 ? 162 ARG A CD    1 
ATOM   1156 N NE    . ARG A 1 196 ? -7.334  -20.923 0.114   1.00 108.90 ? 162 ARG A NE    1 
ATOM   1157 C CZ    . ARG A 1 196 ? -8.588  -21.172 0.479   1.00 111.78 ? 162 ARG A CZ    1 
ATOM   1158 N NH1   . ARG A 1 196 ? -9.051  -20.686 1.625   1.00 106.87 ? 162 ARG A NH1   1 
ATOM   1159 N NH2   . ARG A 1 196 ? -9.385  -21.890 -0.309  1.00 95.49  ? 162 ARG A NH2   1 
ATOM   1160 N N     . ASP A 1 197 ? -7.853  -15.215 1.001   1.00 79.63  ? 163 ASP A N     1 
ATOM   1161 C CA    . ASP A 1 197 ? -9.217  -14.748 0.758   1.00 92.36  ? 163 ASP A CA    1 
ATOM   1162 C C     . ASP A 1 197 ? -9.708  -15.262 -0.610  1.00 95.86  ? 163 ASP A C     1 
ATOM   1163 O O     . ASP A 1 197 ? -9.520  -14.612 -1.651  1.00 87.59  ? 163 ASP A O     1 
ATOM   1164 C CB    . ASP A 1 197 ? -9.201  -13.206 0.783   1.00 87.53  ? 163 ASP A CB    1 
ATOM   1165 C CG    . ASP A 1 197 ? -10.593 -12.581 0.806   1.00 93.83  ? 163 ASP A CG    1 
ATOM   1166 O OD1   . ASP A 1 197 ? -11.521 -13.161 1.420   1.00 93.57  ? 163 ASP A OD1   1 
ATOM   1167 O OD2   . ASP A 1 197 ? -10.744 -11.483 0.216   1.00 89.48  ? 163 ASP A OD2   1 
ATOM   1168 N N     . THR A 1 198 ? -10.428 -16.381 -0.573  1.00 92.45  ? 164 THR A N     1 
ATOM   1169 C CA    . THR A 1 198 ? -10.916 -17.057 -1.770  1.00 79.77  ? 164 THR A CA    1 
ATOM   1170 C C     . THR A 1 198 ? -12.377 -16.692 -1.972  1.00 99.54  ? 164 THR A C     1 
ATOM   1171 O O     . THR A 1 198 ? -13.048 -17.145 -2.912  1.00 86.53  ? 164 THR A O     1 
ATOM   1172 C CB    . THR A 1 198 ? -10.781 -18.569 -1.615  1.00 78.93  ? 164 THR A CB    1 
ATOM   1173 O OG1   . THR A 1 198 ? -11.071 -18.931 -0.254  1.00 85.57  ? 164 THR A OG1   1 
ATOM   1174 C CG2   . THR A 1 198 ? -9.365  -18.997 -1.960  1.00 89.25  ? 164 THR A CG2   1 
ATOM   1175 N N     . SER A 1 199 ? -12.860 -15.866 -1.053  1.00 101.02 ? 165 SER A N     1 
ATOM   1176 C CA    . SER A 1 199 ? -14.276 -15.591 -0.942  1.00 88.10  ? 165 SER A CA    1 
ATOM   1177 C C     . SER A 1 199 ? -14.540 -14.102 -1.035  1.00 86.98  ? 165 SER A C     1 
ATOM   1178 O O     . SER A 1 199 ? -13.702 -13.270 -0.676  1.00 90.84  ? 165 SER A O     1 
ATOM   1179 C CB    . SER A 1 199 ? -14.799 -16.137 0.386   1.00 90.46  ? 165 SER A CB    1 
ATOM   1180 O OG    . SER A 1 199 ? -14.410 -17.489 0.561   1.00 100.74 ? 165 SER A OG    1 
ATOM   1181 N N     . GLY A 1 200 ? -15.730 -13.771 -1.509  1.00 82.60  ? 166 GLY A N     1 
ATOM   1182 C CA    . GLY A 1 200 ? -16.081 -12.391 -1.732  1.00 79.84  ? 166 GLY A CA    1 
ATOM   1183 C C     . GLY A 1 200 ? -15.498 -11.977 -3.055  1.00 83.47  ? 166 GLY A C     1 
ATOM   1184 O O     . GLY A 1 200 ? -15.285 -12.816 -3.945  1.00 79.26  ? 166 GLY A O     1 
ATOM   1185 N N     . GLU A 1 201 ? -15.219 -10.685 -3.187  1.00 81.80  ? 167 GLU A N     1 
ATOM   1186 C CA    . GLU A 1 201 ? -14.746 -10.169 -4.457  1.00 71.37  ? 167 GLU A CA    1 
ATOM   1187 C C     . GLU A 1 201 ? -13.234 -10.282 -4.626  1.00 67.33  ? 167 GLU A C     1 
ATOM   1188 O O     . GLU A 1 201 ? -12.480 -10.159 -3.655  1.00 66.89  ? 167 GLU A O     1 
ATOM   1189 C CB    . GLU A 1 201 ? -15.260 -8.750  -4.705  1.00 60.69  ? 167 GLU A CB    1 
ATOM   1190 C CG    . GLU A 1 201 ? -14.952 -7.747  -3.637  1.00 65.03  ? 167 GLU A CG    1 
ATOM   1191 C CD    . GLU A 1 201 ? -14.853 -6.341  -4.228  1.00 109.09 ? 167 GLU A CD    1 
ATOM   1192 O OE1   . GLU A 1 201 ? -14.694 -6.229  -5.480  1.00 94.63  ? 167 GLU A OE1   1 
ATOM   1193 O OE2   . GLU A 1 201 ? -14.939 -5.355  -3.447  1.00 111.61 ? 167 GLU A OE2   1 
ATOM   1194 N N     . GLN A 1 202 ? -12.823 -10.562 -5.865  1.00 66.43  ? 168 GLN A N     1 
ATOM   1195 C CA    . GLN A 1 202 ? -11.420 -10.642 -6.268  1.00 66.22  ? 168 GLN A CA    1 
ATOM   1196 C C     . GLN A 1 202 ? -11.089 -9.517  -7.253  1.00 63.32  ? 168 GLN A C     1 
ATOM   1197 O O     . GLN A 1 202 ? -11.954 -9.067  -8.003  1.00 64.20  ? 168 GLN A O     1 
ATOM   1198 C CB    . GLN A 1 202 ? -11.140 -11.992 -6.941  1.00 63.94  ? 168 GLN A CB    1 
ATOM   1199 C CG    . GLN A 1 202 ? -11.930 -13.155 -6.358  1.00 65.74  ? 168 GLN A CG    1 
ATOM   1200 C CD    . GLN A 1 202 ? -11.508 -13.509 -4.937  1.00 80.07  ? 168 GLN A CD    1 
ATOM   1201 O OE1   . GLN A 1 202 ? -10.345 -13.850 -4.679  1.00 77.45  ? 168 GLN A OE1   1 
ATOM   1202 N NE2   . GLN A 1 202 ? -12.459 -13.436 -4.006  1.00 81.74  ? 168 GLN A NE2   1 
ATOM   1203 N N     . LEU A 1 203 ? -9.846  -9.045  -7.235  1.00 68.64  ? 169 LEU A N     1 
ATOM   1204 C CA    . LEU A 1 203 ? -9.374  -8.105  -8.257  1.00 67.28  ? 169 LEU A CA    1 
ATOM   1205 C C     . LEU A 1 203 ? -8.923  -8.846  -9.527  1.00 71.08  ? 169 LEU A C     1 
ATOM   1206 O O     . LEU A 1 203 ? -8.936  -8.302  -10.635 1.00 67.81  ? 169 LEU A O     1 
ATOM   1207 C CB    . LEU A 1 203 ? -8.240  -7.231  -7.699  1.00 74.27  ? 169 LEU A CB    1 
ATOM   1208 C CG    . LEU A 1 203 ? -8.274  -6.863  -6.204  1.00 71.64  ? 169 LEU A CG    1 
ATOM   1209 C CD1   . LEU A 1 203 ? -7.404  -7.811  -5.359  1.00 54.78  ? 169 LEU A CD1   1 
ATOM   1210 C CD2   . LEU A 1 203 ? -7.857  -5.405  -5.995  1.00 51.10  ? 169 LEU A CD2   1 
ATOM   1211 N N     . GLY A 1 204 ? -8.468  -10.082 -9.327  1.00 76.52  ? 170 GLY A N     1 
ATOM   1212 C CA    . GLY A 1 204 ? -8.009  -10.983 -10.375 1.00 79.75  ? 170 GLY A CA    1 
ATOM   1213 C C     . GLY A 1 204 ? -6.539  -10.749 -10.684 1.00 82.83  ? 170 GLY A C     1 
ATOM   1214 O O     . GLY A 1 204 ? -5.770  -11.699 -10.929 1.00 77.68  ? 170 GLY A O     1 
ATOM   1215 N N     . ARG A 1 205 ? -6.133  -9.487  -10.567 1.00 72.23  ? 171 ARG A N     1 
ATOM   1216 C CA    . ARG A 1 205 ? -4.727  -9.124  -10.501 1.00 70.53  ? 171 ARG A CA    1 
ATOM   1217 C C     . ARG A 1 205 ? -4.535  -7.787  -9.794  1.00 70.88  ? 171 ARG A C     1 
ATOM   1218 O O     . ARG A 1 205 ? -5.324  -6.857  -9.982  1.00 73.60  ? 171 ARG A O     1 
ATOM   1219 C CB    . ARG A 1 205 ? -4.132  -9.034  -11.898 1.00 80.98  ? 171 ARG A CB    1 
ATOM   1220 C CG    . ARG A 1 205 ? -2.635  -9.173  -11.899 1.00 72.56  ? 171 ARG A CG    1 
ATOM   1221 C CD    . ARG A 1 205 ? -2.099  -8.891  -13.255 1.00 78.68  ? 171 ARG A CD    1 
ATOM   1222 N NE    . ARG A 1 205 ? -2.311  -7.498  -13.621 1.00 83.47  ? 171 ARG A NE    1 
ATOM   1223 C CZ    . ARG A 1 205 ? -2.952  -7.112  -14.717 1.00 95.23  ? 171 ARG A CZ    1 
ATOM   1224 N NH1   . ARG A 1 205 ? -3.444  -8.031  -15.541 1.00 104.05 ? 171 ARG A NH1   1 
ATOM   1225 N NH2   . ARG A 1 205 ? -3.094  -5.814  -14.987 1.00 83.04  ? 171 ARG A NH2   1 
ATOM   1226 N N     . GLY A 1 206 ? -3.447  -7.659  -9.044  1.00 69.32  ? 172 GLY A N     1 
ATOM   1227 C CA    . GLY A 1 206 ? -3.131  -6.385  -8.432  1.00 67.89  ? 172 GLY A CA    1 
ATOM   1228 C C     . GLY A 1 206 ? -3.439  -6.320  -6.957  1.00 72.87  ? 172 GLY A C     1 
ATOM   1229 O O     . GLY A 1 206 ? -3.648  -7.351  -6.306  1.00 68.96  ? 172 GLY A O     1 
ATOM   1230 N N     . THR A 1 207 ? -3.458  -5.093  -6.435  1.00 68.72  ? 173 THR A N     1 
ATOM   1231 C CA    . THR A 1 207 ? -3.409  -4.876  -4.998  1.00 66.81  ? 173 THR A CA    1 
ATOM   1232 C C     . THR A 1 207 ? -4.195  -3.647  -4.552  1.00 64.14  ? 173 THR A C     1 
ATOM   1233 O O     . THR A 1 207 ? -4.212  -2.610  -5.230  1.00 65.05  ? 173 THR A O     1 
ATOM   1234 C CB    . THR A 1 207 ? -1.939  -4.714  -4.535  1.00 72.72  ? 173 THR A CB    1 
ATOM   1235 O OG1   . THR A 1 207 ? -1.137  -5.761  -5.104  1.00 74.28  ? 173 THR A OG1   1 
ATOM   1236 C CG2   . THR A 1 207 ? -1.832  -4.743  -3.010  1.00 65.48  ? 173 THR A CG2   1 
ATOM   1237 N N     . LYS A 1 208 ? -4.828  -3.778  -3.392  1.00 62.14  ? 174 LYS A N     1 
ATOM   1238 C CA    . LYS A 1 208 ? -5.642  -2.725  -2.809  1.00 59.02  ? 174 LYS A CA    1 
ATOM   1239 C C     . LYS A 1 208 ? -5.111  -2.529  -1.432  1.00 56.57  ? 174 LYS A C     1 
ATOM   1240 O O     . LYS A 1 208 ? -5.057  -3.472  -0.640  1.00 59.39  ? 174 LYS A O     1 
ATOM   1241 C CB    . LYS A 1 208 ? -7.113  -3.163  -2.721  1.00 69.07  ? 174 LYS A CB    1 
ATOM   1242 C CG    . LYS A 1 208 ? -8.019  -2.339  -1.791  1.00 60.03  ? 174 LYS A CG    1 
ATOM   1243 C CD    . LYS A 1 208 ? -9.468  -2.868  -1.868  1.00 58.38  ? 174 LYS A CD    1 
ATOM   1244 C CE    . LYS A 1 208 ? -10.436 -2.156  -0.910  1.00 75.11  ? 174 LYS A CE    1 
ATOM   1245 N NZ    . LYS A 1 208 ? -11.780 -2.831  -0.827  1.00 57.49  ? 174 LYS A NZ    1 
ATOM   1246 N N     . ILE A 1 209 ? -4.702  -1.304  -1.147  1.00 62.24  ? 175 ILE A N     1 
ATOM   1247 C CA    . ILE A 1 209 ? -4.226  -0.983  0.184   1.00 64.83  ? 175 ILE A CA    1 
ATOM   1248 C C     . ILE A 1 209 ? -5.243  -0.045  0.759   1.00 61.39  ? 175 ILE A C     1 
ATOM   1249 O O     . ILE A 1 209 ? -5.503  1.016   0.204   1.00 66.85  ? 175 ILE A O     1 
ATOM   1250 C CB    . ILE A 1 209 ? -2.843  -0.293  0.193   1.00 67.04  ? 175 ILE A CB    1 
ATOM   1251 C CG1   . ILE A 1 209 ? -1.772  -1.200  -0.434  1.00 65.92  ? 175 ILE A CG1   1 
ATOM   1252 C CG2   . ILE A 1 209 ? -2.458  0.092   1.620   1.00 56.56  ? 175 ILE A CG2   1 
ATOM   1253 C CD1   . ILE A 1 209 ? -1.615  -1.057  -1.966  1.00 75.18  ? 175 ILE A CD1   1 
ATOM   1254 N N     . THR A 1 210 ? -5.835  -0.449  1.865   1.00 64.07  ? 176 THR A N     1 
ATOM   1255 C CA    . THR A 1 210 ? -6.853  0.353   2.493   1.00 54.93  ? 176 THR A CA    1 
ATOM   1256 C C     . THR A 1 210 ? -6.317  0.762   3.835   1.00 58.42  ? 176 THR A C     1 
ATOM   1257 O O     . THR A 1 210 ? -6.027  -0.088  4.679   1.00 57.62  ? 176 THR A O     1 
ATOM   1258 C CB    . THR A 1 210 ? -8.089  -0.478  2.729   1.00 52.77  ? 176 THR A CB    1 
ATOM   1259 O OG1   . THR A 1 210 ? -8.455  -1.136  1.506   1.00 67.59  ? 176 THR A OG1   1 
ATOM   1260 C CG2   . THR A 1 210 ? -9.221  0.399   3.238   1.00 48.04  ? 176 THR A CG2   1 
ATOM   1261 N N     . LEU A 1 211 ? -6.164  2.058   4.050   1.00 52.53  ? 177 LEU A N     1 
ATOM   1262 C CA    . LEU A 1 211 ? -5.740  2.480   5.370   1.00 60.82  ? 177 LEU A CA    1 
ATOM   1263 C C     . LEU A 1 211 ? -6.816  3.173   6.165   1.00 58.25  ? 177 LEU A C     1 
ATOM   1264 O O     . LEU A 1 211 ? -7.494  4.079   5.680   1.00 54.54  ? 177 LEU A O     1 
ATOM   1265 C CB    . LEU A 1 211 ? -4.488  3.343   5.337   1.00 67.86  ? 177 LEU A CB    1 
ATOM   1266 C CG    . LEU A 1 211 ? -4.178  4.164   4.110   1.00 59.29  ? 177 LEU A CG    1 
ATOM   1267 C CD1   . LEU A 1 211 ? -3.498  5.428   4.568   1.00 56.15  ? 177 LEU A CD1   1 
ATOM   1268 C CD2   . LEU A 1 211 ? -3.262  3.339   3.225   1.00 58.46  ? 177 LEU A CD2   1 
ATOM   1269 N N     . TYR A 1 212 ? -6.920  2.749   7.419   1.00 65.84  ? 178 TYR A N     1 
ATOM   1270 C CA    . TYR A 1 212 ? -7.902  3.278   8.334   1.00 63.78  ? 178 TYR A CA    1 
ATOM   1271 C C     . TYR A 1 212 ? -7.279  4.434   9.069   1.00 63.68  ? 178 TYR A C     1 
ATOM   1272 O O     . TYR A 1 212 ? -6.448  4.254   9.954   1.00 67.67  ? 178 TYR A O     1 
ATOM   1273 C CB    . TYR A 1 212 ? -8.286  2.199   9.329   1.00 55.19  ? 178 TYR A CB    1 
ATOM   1274 C CG    . TYR A 1 212 ? -9.065  1.077   8.691   1.00 62.91  ? 178 TYR A CG    1 
ATOM   1275 C CD1   . TYR A 1 212 ? -8.421  0.029   8.027   1.00 65.13  ? 178 TYR A CD1   1 
ATOM   1276 C CD2   . TYR A 1 212 ? -10.448 1.061   8.752   1.00 60.35  ? 178 TYR A CD2   1 
ATOM   1277 C CE1   . TYR A 1 212 ? -9.151  -1.002  7.444   1.00 61.52  ? 178 TYR A CE1   1 
ATOM   1278 C CE2   . TYR A 1 212 ? -11.185 0.044   8.176   1.00 57.80  ? 178 TYR A CE2   1 
ATOM   1279 C CZ    . TYR A 1 212 ? -10.544 -0.986  7.522   1.00 72.84  ? 178 TYR A CZ    1 
ATOM   1280 O OH    . TYR A 1 212 ? -11.317 -1.991  6.955   1.00 76.56  ? 178 TYR A OH    1 
ATOM   1281 N N     . LEU A 1 213 ? -7.744  5.622   8.713   1.00 62.20  ? 179 LEU A N     1 
ATOM   1282 C CA    . LEU A 1 213 ? -7.154  6.863   9.155   1.00 61.09  ? 179 LEU A CA    1 
ATOM   1283 C C     . LEU A 1 213 ? -7.340  7.071   10.655  1.00 74.09  ? 179 LEU A C     1 
ATOM   1284 O O     . LEU A 1 213 ? -8.342  6.635   11.241  1.00 65.55  ? 179 LEU A O     1 
ATOM   1285 C CB    . LEU A 1 213 ? -7.756  8.029   8.361   1.00 70.60  ? 179 LEU A CB    1 
ATOM   1286 C CG    . LEU A 1 213 ? -7.098  8.403   7.024   1.00 66.56  ? 179 LEU A CG    1 
ATOM   1287 C CD1   . LEU A 1 213 ? -6.943  7.212   6.101   1.00 56.35  ? 179 LEU A CD1   1 
ATOM   1288 C CD2   . LEU A 1 213 ? -7.864  9.526   6.331   1.00 65.12  ? 179 LEU A CD2   1 
ATOM   1289 N N     . LYS A 1 214 ? -6.345  7.715   11.266  1.00 72.98  ? 180 LYS A N     1 
ATOM   1290 C CA    . LYS A 1 214 ? -6.443  8.170   12.643  1.00 62.59  ? 180 LYS A CA    1 
ATOM   1291 C C     . LYS A 1 214 ? -7.426  9.319   12.661  1.00 72.17  ? 180 LYS A C     1 
ATOM   1292 O O     . LYS A 1 214 ? -7.536  10.068  11.683  1.00 72.45  ? 180 LYS A O     1 
ATOM   1293 C CB    . LYS A 1 214 ? -5.080  8.652   13.148  1.00 66.55  ? 180 LYS A CB    1 
ATOM   1294 C CG    . LYS A 1 214 ? -4.071  7.541   13.308  1.00 60.12  ? 180 LYS A CG    1 
ATOM   1295 C CD    . LYS A 1 214 ? -2.691  8.091   13.535  1.00 59.73  ? 180 LYS A CD    1 
ATOM   1296 C CE    . LYS A 1 214 ? -1.661  6.968   13.440  1.00 85.23  ? 180 LYS A CE    1 
ATOM   1297 N NZ    . LYS A 1 214 ? -0.253  7.456   13.249  1.00 88.55  ? 180 LYS A NZ    1 
ATOM   1298 N N     . ASP A 1 215 ? -8.121  9.463   13.783  1.00 79.69  ? 181 ASP A N     1 
ATOM   1299 C CA    . ASP A 1 215 ? -9.199  10.437  13.923  1.00 65.73  ? 181 ASP A CA    1 
ATOM   1300 C C     . ASP A 1 215 ? -8.791  11.876  13.602  1.00 72.96  ? 181 ASP A C     1 
ATOM   1301 O O     . ASP A 1 215 ? -9.635  12.684  13.240  1.00 86.33  ? 181 ASP A O     1 
ATOM   1302 C CB    . ASP A 1 215 ? -9.815  10.354  15.326  1.00 77.39  ? 181 ASP A CB    1 
ATOM   1303 C CG    . ASP A 1 215 ? -10.428 8.972   15.629  1.00 105.78 ? 181 ASP A CG    1 
ATOM   1304 O OD1   . ASP A 1 215 ? -10.668 8.178   14.677  1.00 93.17  ? 181 ASP A OD1   1 
ATOM   1305 O OD2   . ASP A 1 215 ? -10.684 8.688   16.827  1.00 89.03  ? 181 ASP A OD2   1 
ATOM   1306 N N     . ASP A 1 216 ? -7.510  12.203  13.728  1.00 77.17  ? 182 ASP A N     1 
ATOM   1307 C CA    . ASP A 1 216 ? -7.042  13.556  13.418  1.00 74.74  ? 182 ASP A CA    1 
ATOM   1308 C C     . ASP A 1 216 ? -6.589  13.693  11.965  1.00 74.49  ? 182 ASP A C     1 
ATOM   1309 O O     . ASP A 1 216 ? -6.331  14.790  11.460  1.00 74.36  ? 182 ASP A O     1 
ATOM   1310 C CB    . ASP A 1 216 ? -5.894  13.943  14.364  1.00 84.66  ? 182 ASP A CB    1 
ATOM   1311 C CG    . ASP A 1 216 ? -4.794  12.874  14.435  1.00 100.83 ? 182 ASP A CG    1 
ATOM   1312 O OD1   . ASP A 1 216 ? -5.116  11.662  14.361  1.00 91.26  ? 182 ASP A OD1   1 
ATOM   1313 O OD2   . ASP A 1 216 ? -3.599  13.247  14.568  1.00 111.03 ? 182 ASP A OD2   1 
ATOM   1314 N N     . GLN A 1 217 ? -6.470  12.560  11.298  1.00 78.95  ? 183 GLN A N     1 
ATOM   1315 C CA    . GLN A 1 217 ? -5.868  12.544  9.981   1.00 78.13  ? 183 GLN A CA    1 
ATOM   1316 C C     . GLN A 1 217 ? -6.878  12.537  8.843   1.00 81.06  ? 183 GLN A C     1 
ATOM   1317 O O     . GLN A 1 217 ? -6.498  12.374  7.689   1.00 76.97  ? 183 GLN A O     1 
ATOM   1318 C CB    . GLN A 1 217 ? -4.838  11.419  9.866   1.00 68.21  ? 183 GLN A CB    1 
ATOM   1319 C CG    . GLN A 1 217 ? -3.619  11.647  10.760  1.00 71.43  ? 183 GLN A CG    1 
ATOM   1320 C CD    . GLN A 1 217 ? -2.997  13.044  10.592  1.00 81.91  ? 183 GLN A CD    1 
ATOM   1321 O OE1   . GLN A 1 217 ? -2.770  13.520  9.470   1.00 68.50  ? 183 GLN A OE1   1 
ATOM   1322 N NE2   . GLN A 1 217 ? -2.707  13.696  11.719  1.00 94.21  ? 183 GLN A NE2   1 
ATOM   1323 N N     . LEU A 1 218 ? -8.162  12.692  9.164   1.00 77.85  ? 184 LEU A N     1 
ATOM   1324 C CA    . LEU A 1 218 ? -9.224  12.545  8.153   1.00 73.99  ? 184 LEU A CA    1 
ATOM   1325 C C     . LEU A 1 218 ? -9.230  13.580  7.005   1.00 72.61  ? 184 LEU A C     1 
ATOM   1326 O O     . LEU A 1 218 ? -10.007 13.452  6.054   1.00 73.38  ? 184 LEU A O     1 
ATOM   1327 C CB    . LEU A 1 218 ? -10.606 12.455  8.801   1.00 59.92  ? 184 LEU A CB    1 
ATOM   1328 C CG    . LEU A 1 218 ? -10.821 11.343  9.836   1.00 68.22  ? 184 LEU A CG    1 
ATOM   1329 C CD1   . LEU A 1 218 ? -12.205 11.482  10.416  1.00 54.07  ? 184 LEU A CD1   1 
ATOM   1330 C CD2   . LEU A 1 218 ? -10.607 9.919   9.295   1.00 64.47  ? 184 LEU A CD2   1 
ATOM   1331 N N     . GLU A 1 219 ? -8.363  14.586  7.089   1.00 66.47  ? 185 GLU A N     1 
ATOM   1332 C CA    . GLU A 1 219 ? -8.223  15.582  6.028   1.00 64.40  ? 185 GLU A CA    1 
ATOM   1333 C C     . GLU A 1 219 ? -7.959  14.954  4.663   1.00 63.80  ? 185 GLU A C     1 
ATOM   1334 O O     . GLU A 1 219 ? -8.243  15.536  3.617   1.00 70.78  ? 185 GLU A O     1 
ATOM   1335 C CB    . GLU A 1 219 ? -7.085  16.549  6.368   1.00 81.88  ? 185 GLU A CB    1 
ATOM   1336 C CG    . GLU A 1 219 ? -5.859  15.901  7.013   1.00 73.55  ? 185 GLU A CG    1 
ATOM   1337 C CD    . GLU A 1 219 ? -4.687  16.876  7.180   1.00 87.25  ? 185 GLU A CD    1 
ATOM   1338 O OE1   . GLU A 1 219 ? -4.251  17.489  6.172   1.00 78.84  ? 185 GLU A OE1   1 
ATOM   1339 O OE2   . GLU A 1 219 ? -4.201  17.026  8.327   1.00 98.89  ? 185 GLU A OE2   1 
ATOM   1340 N N     . TYR A 1 220 ? -7.414  13.750  4.692   1.00 76.03  ? 186 TYR A N     1 
ATOM   1341 C CA    . TYR A 1 220 ? -7.023  13.043  3.485   1.00 70.34  ? 186 TYR A CA    1 
ATOM   1342 C C     . TYR A 1 220 ? -8.211  12.200  2.972   1.00 74.16  ? 186 TYR A C     1 
ATOM   1343 O O     . TYR A 1 220 ? -8.058  11.353  2.090   1.00 65.95  ? 186 TYR A O     1 
ATOM   1344 C CB    . TYR A 1 220 ? -5.733  12.225  3.714   1.00 64.16  ? 186 TYR A CB    1 
ATOM   1345 C CG    . TYR A 1 220 ? -4.604  12.973  4.444   1.00 68.40  ? 186 TYR A CG    1 
ATOM   1346 C CD1   . TYR A 1 220 ? -3.764  13.865  3.773   1.00 78.14  ? 186 TYR A CD1   1 
ATOM   1347 C CD2   . TYR A 1 220 ? -4.367  12.771  5.805   1.00 64.70  ? 186 TYR A CD2   1 
ATOM   1348 C CE1   . TYR A 1 220 ? -2.726  14.547  4.450   1.00 72.68  ? 186 TYR A CE1   1 
ATOM   1349 C CE2   . TYR A 1 220 ? -3.341  13.444  6.482   1.00 70.38  ? 186 TYR A CE2   1 
ATOM   1350 C CZ    . TYR A 1 220 ? -2.527  14.329  5.802   1.00 70.81  ? 186 TYR A CZ    1 
ATOM   1351 O OH    . TYR A 1 220 ? -1.520  14.995  6.475   1.00 74.42  ? 186 TYR A OH    1 
ATOM   1352 N N     . LEU A 1 221 ? -9.387  12.401  3.568   1.00 73.75  ? 187 LEU A N     1 
ATOM   1353 C CA    . LEU A 1 221 ? -10.630 11.935  2.944   1.00 74.90  ? 187 LEU A CA    1 
ATOM   1354 C C     . LEU A 1 221 ? -11.265 13.017  2.043   1.00 78.14  ? 187 LEU A C     1 
ATOM   1355 O O     . LEU A 1 221 ? -12.243 12.746  1.330   1.00 68.23  ? 187 LEU A O     1 
ATOM   1356 C CB    . LEU A 1 221 ? -11.631 11.453  3.992   1.00 70.28  ? 187 LEU A CB    1 
ATOM   1357 C CG    . LEU A 1 221 ? -11.284 10.195  4.789   1.00 70.45  ? 187 LEU A CG    1 
ATOM   1358 C CD1   . LEU A 1 221 ? -12.544 9.647   5.440   1.00 61.51  ? 187 LEU A CD1   1 
ATOM   1359 C CD2   . LEU A 1 221 ? -10.619 9.141   3.911   1.00 66.43  ? 187 LEU A CD2   1 
ATOM   1360 N N     . GLU A 1 222 ? -10.690 14.226  2.079   1.00 82.32  ? 188 GLU A N     1 
ATOM   1361 C CA    . GLU A 1 222 ? -11.184 15.399  1.332   1.00 87.98  ? 188 GLU A CA    1 
ATOM   1362 C C     . GLU A 1 222 ? -10.796 15.445  -0.149  1.00 90.56  ? 188 GLU A C     1 
ATOM   1363 O O     . GLU A 1 222 ? -9.710  15.000  -0.525  1.00 84.62  ? 188 GLU A O     1 
ATOM   1364 C CB    . GLU A 1 222 ? -10.732 16.704  2.006   1.00 76.31  ? 188 GLU A CB    1 
ATOM   1365 C CG    . GLU A 1 222 ? -11.315 16.899  3.387   1.00 92.22  ? 188 GLU A CG    1 
ATOM   1366 C CD    . GLU A 1 222 ? -12.763 16.405  3.493   1.00 98.42  ? 188 GLU A CD    1 
ATOM   1367 O OE1   . GLU A 1 222 ? -13.649 16.925  2.768   1.00 93.86  ? 188 GLU A OE1   1 
ATOM   1368 O OE2   . GLU A 1 222 ? -13.012 15.488  4.308   1.00 98.32  ? 188 GLU A OE2   1 
ATOM   1369 N N     . GLU A 1 223 ? -11.677 16.015  -0.976  1.00 91.80  ? 189 GLU A N     1 
ATOM   1370 C CA    . GLU A 1 223 ? -11.441 16.109  -2.419  1.00 96.81  ? 189 GLU A CA    1 
ATOM   1371 C C     . GLU A 1 223 ? -10.457 17.216  -2.803  1.00 102.44 ? 189 GLU A C     1 
ATOM   1372 O O     . GLU A 1 223 ? -9.612  17.027  -3.681  1.00 95.74  ? 189 GLU A O     1 
ATOM   1373 C CB    . GLU A 1 223 ? -12.750 16.303  -3.188  1.00 108.54 ? 189 GLU A CB    1 
ATOM   1374 C CG    . GLU A 1 223 ? -12.533 16.563  -4.676  1.00 117.30 ? 189 GLU A CG    1 
ATOM   1375 C CD    . GLU A 1 223 ? -13.826 16.785  -5.420  1.00 126.01 ? 189 GLU A CD    1 
ATOM   1376 O OE1   . GLU A 1 223 ? -14.898 16.489  -4.839  1.00 115.38 ? 189 GLU A OE1   1 
ATOM   1377 O OE2   . GLU A 1 223 ? -13.766 17.258  -6.579  1.00 133.23 ? 189 GLU A OE2   1 
ATOM   1378 N N     . ARG A 1 224 ? -10.581 18.375  -2.167  1.00 98.35  ? 190 ARG A N     1 
ATOM   1379 C CA    . ARG A 1 224 ? -9.601  19.425  -2.381  1.00 99.67  ? 190 ARG A CA    1 
ATOM   1380 C C     . ARG A 1 224 ? -8.227  18.860  -2.038  1.00 92.87  ? 190 ARG A C     1 
ATOM   1381 O O     . ARG A 1 224 ? -7.351  18.777  -2.896  1.00 83.02  ? 190 ARG A O     1 
ATOM   1382 C CB    . ARG A 1 224 ? -9.921  20.657  -1.528  1.00 103.03 ? 190 ARG A CB    1 
ATOM   1383 C CG    . ARG A 1 224 ? -9.119  21.895  -1.910  1.00 105.22 ? 190 ARG A CG    1 
ATOM   1384 C CD    . ARG A 1 224 ? -9.117  22.095  -3.425  1.00 117.74 ? 190 ARG A CD    1 
ATOM   1385 N NE    . ARG A 1 224 ? -10.471 22.135  -3.978  1.00 128.07 ? 190 ARG A NE    1 
ATOM   1386 C CZ    . ARG A 1 224 ? -10.775 21.880  -5.248  1.00 123.86 ? 190 ARG A CZ    1 
ATOM   1387 N NH1   . ARG A 1 224 ? -9.823  21.554  -6.118  1.00 101.31 ? 190 ARG A NH1   1 
ATOM   1388 N NH2   . ARG A 1 224 ? -12.039 21.942  -5.648  1.00 120.72 ? 190 ARG A NH2   1 
ATOM   1389 N N     . ARG A 1 225 ? -8.094  18.390  -0.801  1.00 92.53  ? 191 ARG A N     1 
ATOM   1390 C CA    . ARG A 1 225 ? -6.850  17.851  -0.277  1.00 79.76  ? 191 ARG A CA    1 
ATOM   1391 C C     . ARG A 1 225 ? -6.207  16.894  -1.276  1.00 82.32  ? 191 ARG A C     1 
ATOM   1392 O O     . ARG A 1 225 ? -5.014  16.994  -1.566  1.00 84.89  ? 191 ARG A O     1 
ATOM   1393 C CB    . ARG A 1 225 ? -7.142  17.109  1.030   1.00 69.14  ? 191 ARG A CB    1 
ATOM   1394 C CG    . ARG A 1 225 ? -5.914  16.742  1.827   1.00 60.44  ? 191 ARG A CG    1 
ATOM   1395 C CD    . ARG A 1 225 ? -5.054  17.976  2.060   1.00 74.47  ? 191 ARG A CD    1 
ATOM   1396 N NE    . ARG A 1 225 ? -4.057  17.779  3.114   1.00 85.75  ? 191 ARG A NE    1 
ATOM   1397 C CZ    . ARG A 1 225 ? -2.736  17.880  2.947   1.00 82.45  ? 191 ARG A CZ    1 
ATOM   1398 N NH1   . ARG A 1 225 ? -2.219  18.187  1.752   1.00 63.15  ? 191 ARG A NH1   1 
ATOM   1399 N NH2   . ARG A 1 225 ? -1.924  17.679  3.985   1.00 77.41  ? 191 ARG A NH2   1 
ATOM   1400 N N     . LEU A 1 226 ? -7.027  15.994  -1.814  1.00 83.01  ? 192 LEU A N     1 
ATOM   1401 C CA    . LEU A 1 226 ? -6.590  14.914  -2.711  1.00 78.68  ? 192 LEU A CA    1 
ATOM   1402 C C     . LEU A 1 226 ? -6.412  15.275  -4.200  1.00 88.55  ? 192 LEU A C     1 
ATOM   1403 O O     . LEU A 1 226 ? -5.470  14.792  -4.857  1.00 70.15  ? 192 LEU A O     1 
ATOM   1404 C CB    . LEU A 1 226 ? -7.550  13.733  -2.578  1.00 71.98  ? 192 LEU A CB    1 
ATOM   1405 C CG    . LEU A 1 226 ? -7.438  12.917  -1.292  1.00 62.23  ? 192 LEU A CG    1 
ATOM   1406 C CD1   . LEU A 1 226 ? -8.625  11.940  -1.112  1.00 56.97  ? 192 LEU A CD1   1 
ATOM   1407 C CD2   . LEU A 1 226 ? -6.105  12.185  -1.306  1.00 52.77  ? 192 LEU A CD2   1 
ATOM   1408 N N     . LYS A 1 227 ? -7.344  16.078  -4.724  1.00 94.23  ? 193 LYS A N     1 
ATOM   1409 C CA    . LYS A 1 227 ? -7.326  16.540  -6.116  1.00 95.93  ? 193 LYS A CA    1 
ATOM   1410 C C     . LYS A 1 227 ? -6.007  17.267  -6.330  1.00 99.13  ? 193 LYS A C     1 
ATOM   1411 O O     . LYS A 1 227 ? -5.338  17.088  -7.350  1.00 100.22 ? 193 LYS A O     1 
ATOM   1412 C CB    . LYS A 1 227 ? -8.521  17.478  -6.380  1.00 93.73  ? 193 LYS A CB    1 
ATOM   1413 C CG    . LYS A 1 227 ? -8.861  17.779  -7.840  1.00 100.35 ? 193 LYS A CG    1 
ATOM   1414 C CD    . LYS A 1 227 ? -10.156 18.608  -7.918  1.00 112.31 ? 193 LYS A CD    1 
ATOM   1415 C CE    . LYS A 1 227 ? -10.547 18.984  -9.352  1.00 108.94 ? 193 LYS A CE    1 
ATOM   1416 N NZ    . LYS A 1 227 ? -9.631  19.983  -9.986  1.00 95.42  ? 193 LYS A NZ    1 
ATOM   1417 N N     . ASP A 1 228 ? -5.641  18.072  -5.332  1.00 102.97 ? 194 ASP A N     1 
ATOM   1418 C CA    . ASP A 1 228 ? -4.372  18.785  -5.302  1.00 92.64  ? 194 ASP A CA    1 
ATOM   1419 C C     . ASP A 1 228 ? -3.236  17.779  -5.325  1.00 93.45  ? 194 ASP A C     1 
ATOM   1420 O O     . ASP A 1 228 ? -2.341  17.865  -6.160  1.00 97.67  ? 194 ASP A O     1 
ATOM   1421 C CB    . ASP A 1 228 ? -4.270  19.640  -4.033  1.00 97.09  ? 194 ASP A CB    1 
ATOM   1422 C CG    . ASP A 1 228 ? -5.399  20.662  -3.912  1.00 102.45 ? 194 ASP A CG    1 
ATOM   1423 O OD1   . ASP A 1 228 ? -5.765  21.016  -2.761  1.00 89.05  ? 194 ASP A OD1   1 
ATOM   1424 O OD2   . ASP A 1 228 ? -5.915  21.106  -4.967  1.00 95.82  ? 194 ASP A OD2   1 
ATOM   1425 N N     . LEU A 1 229 ? -3.300  16.817  -4.407  1.00 91.19  ? 195 LEU A N     1 
ATOM   1426 C CA    . LEU A 1 229 ? -2.265  15.796  -4.242  1.00 93.14  ? 195 LEU A CA    1 
ATOM   1427 C C     . LEU A 1 229 ? -2.117  14.843  -5.440  1.00 107.04 ? 195 LEU A C     1 
ATOM   1428 O O     . LEU A 1 229 ? -1.029  14.280  -5.667  1.00 100.45 ? 195 LEU A O     1 
ATOM   1429 C CB    . LEU A 1 229 ? -2.512  15.008  -2.954  1.00 92.30  ? 195 LEU A CB    1 
ATOM   1430 C CG    . LEU A 1 229 ? -1.722  15.430  -1.713  1.00 93.15  ? 195 LEU A CG    1 
ATOM   1431 C CD1   . LEU A 1 229 ? -0.257  15.042  -1.881  1.00 87.25  ? 195 LEU A CD1   1 
ATOM   1432 C CD2   . LEU A 1 229 ? -1.871  16.929  -1.433  1.00 100.93 ? 195 LEU A CD2   1 
ATOM   1433 N N     . VAL A 1 230 ? -3.206  14.646  -6.185  1.00 104.80 ? 196 VAL A N     1 
ATOM   1434 C CA    . VAL A 1 230 ? -3.115  13.974  -7.479  1.00 112.79 ? 196 VAL A CA    1 
ATOM   1435 C C     . VAL A 1 230 ? -2.125  14.761  -8.310  1.00 111.58 ? 196 VAL A C     1 
ATOM   1436 O O     . VAL A 1 230 ? -1.009  14.303  -8.546  1.00 112.23 ? 196 VAL A O     1 
ATOM   1437 C CB    . VAL A 1 230 ? -4.474  13.931  -8.231  1.00 120.38 ? 196 VAL A CB    1 
ATOM   1438 C CG1   . VAL A 1 230 ? -4.281  13.550  -9.714  1.00 112.79 ? 196 VAL A CG1   1 
ATOM   1439 C CG2   . VAL A 1 230 ? -5.429  12.967  -7.548  1.00 114.54 ? 196 VAL A CG2   1 
ATOM   1440 N N     . LYS A 1 231 ? -2.537  15.974  -8.682  1.00 110.03 ? 197 LYS A N     1 
ATOM   1441 C CA    . LYS A 1 231 ? -1.762  16.889  -9.513  1.00 112.47 ? 197 LYS A CA    1 
ATOM   1442 C C     . LYS A 1 231 ? -0.379  17.215  -8.934  1.00 110.17 ? 197 LYS A C     1 
ATOM   1443 O O     . LYS A 1 231 ? 0.527   17.623  -9.665  1.00 103.37 ? 197 LYS A O     1 
ATOM   1444 C CB    . LYS A 1 231 ? -2.560  18.165  -9.762  1.00 103.19 ? 197 LYS A CB    1 
ATOM   1445 N N     . LYS A 1 232 ? -0.228  17.009  -7.627  1.00 116.85 ? 198 LYS A N     1 
ATOM   1446 C CA    . LYS A 1 232 ? 1.006   17.316  -6.891  1.00 122.63 ? 198 LYS A CA    1 
ATOM   1447 C C     . LYS A 1 232 ? 2.071   16.225  -6.999  1.00 126.70 ? 198 LYS A C     1 
ATOM   1448 O O     . LYS A 1 232 ? 2.003   15.369  -7.890  1.00 119.40 ? 198 LYS A O     1 
ATOM   1449 C CB    . LYS A 1 232 ? 0.720   17.650  -5.423  1.00 110.33 ? 198 LYS A CB    1 
ATOM   1450 N N     . HIS A 1 233 ? 3.052   16.285  -6.090  1.00 136.70 ? 199 HIS A N     1 
ATOM   1451 C CA    . HIS A 1 233 ? 4.256   15.452  -6.151  1.00 146.72 ? 199 HIS A CA    1 
ATOM   1452 C C     . HIS A 1 233 ? 3.902   13.995  -6.412  1.00 149.29 ? 199 HIS A C     1 
ATOM   1453 O O     . HIS A 1 233 ? 3.075   13.393  -5.709  1.00 145.78 ? 199 HIS A O     1 
ATOM   1454 C CB    . HIS A 1 233 ? 5.069   15.578  -4.845  1.00 128.44 ? 199 HIS A CB    1 
ATOM   1455 N N     . SER A 1 234 ? 4.560   13.450  -7.434  1.00 145.50 ? 200 SER A N     1 
ATOM   1456 C CA    . SER A 1 234 ? 4.179   12.195  -8.073  1.00 138.42 ? 200 SER A CA    1 
ATOM   1457 C C     . SER A 1 234 ? 2.805   12.272  -8.758  1.00 131.14 ? 200 SER A C     1 
ATOM   1458 O O     . SER A 1 234 ? 2.027   11.321  -8.719  1.00 126.28 ? 200 SER A O     1 
ATOM   1459 C CB    . SER A 1 234 ? 4.282   10.992  -7.117  1.00 129.39 ? 200 SER A CB    1 
ATOM   1460 O OG    . SER A 1 234 ? 3.346   11.086  -6.051  1.00 136.46 ? 200 SER A OG    1 
ATOM   1461 N N     . GLU A 1 235 ? 2.484   13.416  -9.353  1.00 122.76 ? 201 GLU A N     1 
ATOM   1462 C CA    . GLU A 1 235 ? 1.528   13.399  -10.448 1.00 118.89 ? 201 GLU A CA    1 
ATOM   1463 C C     . GLU A 1 235 ? 2.324   13.028  -11.675 1.00 122.32 ? 201 GLU A C     1 
ATOM   1464 O O     . GLU A 1 235 ? 1.845   12.296  -12.546 1.00 103.17 ? 201 GLU A O     1 
ATOM   1465 C CB    . GLU A 1 235 ? 0.894   14.752  -10.687 1.00 124.29 ? 201 GLU A CB    1 
ATOM   1466 C CG    . GLU A 1 235 ? -0.322  14.671  -11.590 1.00 125.05 ? 201 GLU A CG    1 
ATOM   1467 C CD    . GLU A 1 235 ? 0.057   14.602  -13.043 1.00 145.84 ? 201 GLU A CD    1 
ATOM   1468 O OE1   . GLU A 1 235 ? -0.621  13.884  -13.807 1.00 153.99 ? 201 GLU A OE1   1 
ATOM   1469 O OE2   . GLU A 1 235 ? 1.053   15.259  -13.414 1.00 151.00 ? 201 GLU A OE2   1 
ATOM   1470 N N     . PHE A 1 236 ? 3.548   13.553  -11.731 1.00 123.71 ? 202 PHE A N     1 
ATOM   1471 C CA    . PHE A 1 236 ? 4.423   13.323  -12.866 1.00 119.02 ? 202 PHE A CA    1 
ATOM   1472 C C     . PHE A 1 236 ? 4.911   11.893  -12.736 1.00 114.15 ? 202 PHE A C     1 
ATOM   1473 O O     . PHE A 1 236 ? 5.595   11.531  -11.767 1.00 91.78  ? 202 PHE A O     1 
ATOM   1474 C CB    . PHE A 1 236 ? 5.593   14.309  -12.856 1.00 121.21 ? 202 PHE A CB    1 
ATOM   1475 C CG    . PHE A 1 236 ? 5.169   15.761  -12.754 1.00 135.58 ? 202 PHE A CG    1 
ATOM   1476 C CD1   . PHE A 1 236 ? 3.945   16.190  -13.264 1.00 135.00 ? 202 PHE A CD1   1 
ATOM   1477 C CD2   . PHE A 1 236 ? 5.996   16.700  -12.142 1.00 123.66 ? 202 PHE A CD2   1 
ATOM   1478 C CE1   . PHE A 1 236 ? 3.552   17.527  -13.167 1.00 125.58 ? 202 PHE A CE1   1 
ATOM   1479 C CE2   . PHE A 1 236 ? 5.613   18.039  -12.043 1.00 98.39  ? 202 PHE A CE2   1 
ATOM   1480 C CZ    . PHE A 1 236 ? 4.388   18.451  -12.558 1.00 112.18 ? 202 PHE A CZ    1 
ATOM   1481 N N     . ILE A 1 237 ? 4.564   11.100  -13.746 1.00 117.72 ? 203 ILE A N     1 
ATOM   1482 C CA    . ILE A 1 237 ? 4.528   9.648   -13.621 1.00 121.46 ? 203 ILE A CA    1 
ATOM   1483 C C     . ILE A 1 237 ? 4.037   9.004   -14.918 1.00 112.29 ? 203 ILE A C     1 
ATOM   1484 O O     . ILE A 1 237 ? 3.520   9.681   -15.814 1.00 113.26 ? 203 ILE A O     1 
ATOM   1485 C CB    . ILE A 1 237 ? 3.564   9.218   -12.483 1.00 113.65 ? 203 ILE A CB    1 
ATOM   1486 C CG1   . ILE A 1 237 ? 4.004   7.893   -11.853 1.00 96.75  ? 203 ILE A CG1   1 
ATOM   1487 C CG2   . ILE A 1 237 ? 2.118   9.154   -12.990 1.00 108.20 ? 203 ILE A CG2   1 
ATOM   1488 C CD1   . ILE A 1 237 ? 3.242   7.539   -10.600 1.00 63.42  ? 203 ILE A CD1   1 
ATOM   1489 N N     . SER A 1 238 ? 4.193   7.689   -15.006 1.00 105.95 ? 204 SER A N     1 
ATOM   1490 C CA    . SER A 1 238 ? 3.823   6.943   -16.201 1.00 111.96 ? 204 SER A CA    1 
ATOM   1491 C C     . SER A 1 238 ? 2.320   6.669   -16.358 1.00 108.53 ? 204 SER A C     1 
ATOM   1492 O O     . SER A 1 238 ? 1.759   6.867   -17.436 1.00 93.94  ? 204 SER A O     1 
ATOM   1493 C CB    . SER A 1 238 ? 4.620   5.630   -16.269 1.00 110.37 ? 204 SER A CB    1 
ATOM   1494 O OG    . SER A 1 238 ? 4.840   5.085   -14.974 1.00 108.43 ? 204 SER A OG    1 
ATOM   1495 N N     . TYR A 1 239 ? 1.671   6.220   -15.286 1.00 117.22 ? 205 TYR A N     1 
ATOM   1496 C CA    . TYR A 1 239 ? 0.303   5.705   -15.398 1.00 106.20 ? 205 TYR A CA    1 
ATOM   1497 C C     . TYR A 1 239 ? -0.793  6.742   -15.043 1.00 107.47 ? 205 TYR A C     1 
ATOM   1498 O O     . TYR A 1 239 ? -0.478  7.829   -14.530 1.00 101.35 ? 205 TYR A O     1 
ATOM   1499 C CB    . TYR A 1 239 ? 0.191   4.450   -14.519 1.00 94.01  ? 205 TYR A CB    1 
ATOM   1500 C CG    . TYR A 1 239 ? 1.193   3.367   -14.866 1.00 90.89  ? 205 TYR A CG    1 
ATOM   1501 C CD1   . TYR A 1 239 ? 1.053   2.611   -16.022 1.00 99.38  ? 205 TYR A CD1   1 
ATOM   1502 C CD2   . TYR A 1 239 ? 2.275   3.095   -14.037 1.00 93.43  ? 205 TYR A CD2   1 
ATOM   1503 C CE1   . TYR A 1 239 ? 1.962   1.616   -16.347 1.00 95.17  ? 205 TYR A CE1   1 
ATOM   1504 C CE2   . TYR A 1 239 ? 3.192   2.100   -14.354 1.00 89.85  ? 205 TYR A CE2   1 
ATOM   1505 C CZ    . TYR A 1 239 ? 3.025   1.362   -15.510 1.00 88.97  ? 205 TYR A CZ    1 
ATOM   1506 O OH    . TYR A 1 239 ? 3.920   0.372   -15.841 1.00 75.25  ? 205 TYR A OH    1 
ATOM   1507 N N     . PRO A 1 240 ? -2.083  6.412   -15.315 1.00 104.21 ? 206 PRO A N     1 
ATOM   1508 C CA    . PRO A 1 240 ? -3.163  7.350   -14.965 1.00 97.93  ? 206 PRO A CA    1 
ATOM   1509 C C     . PRO A 1 240 ? -3.613  7.251   -13.508 1.00 90.58  ? 206 PRO A C     1 
ATOM   1510 O O     . PRO A 1 240 ? -3.612  6.160   -12.925 1.00 79.38  ? 206 PRO A O     1 
ATOM   1511 C CB    . PRO A 1 240 ? -4.302  6.921   -15.888 1.00 96.05  ? 206 PRO A CB    1 
ATOM   1512 C CG    . PRO A 1 240 ? -4.112  5.432   -16.016 1.00 101.58 ? 206 PRO A CG    1 
ATOM   1513 C CD    . PRO A 1 240 ? -2.605  5.247   -16.064 1.00 95.96  ? 206 PRO A CD    1 
ATOM   1514 N N     . ILE A 1 241 ? -4.052  8.372   -12.946 1.00 90.24  ? 207 ILE A N     1 
ATOM   1515 C CA    . ILE A 1 241 ? -4.512  8.380   -11.563 1.00 77.99  ? 207 ILE A CA    1 
ATOM   1516 C C     . ILE A 1 241 ? -5.919  8.952   -11.444 1.00 85.99  ? 207 ILE A C     1 
ATOM   1517 O O     . ILE A 1 241 ? -6.171  10.147  -11.664 1.00 84.63  ? 207 ILE A O     1 
ATOM   1518 C CB    . ILE A 1 241 ? -3.534  9.124   -10.620 1.00 91.27  ? 207 ILE A CB    1 
ATOM   1519 C CG1   . ILE A 1 241 ? -2.168  8.426   -10.632 1.00 94.16  ? 207 ILE A CG1   1 
ATOM   1520 C CG2   . ILE A 1 241 ? -4.086  9.175   -9.195  1.00 89.18  ? 207 ILE A CG2   1 
ATOM   1521 C CD1   . ILE A 1 241 ? -1.038  9.238   -10.037 1.00 85.55  ? 207 ILE A CD1   1 
ATOM   1522 N N     . SER A 1 242 ? -6.830  8.064   -11.078 1.00 86.15  ? 208 SER A N     1 
ATOM   1523 C CA    . SER A 1 242 ? -8.222  8.409   -10.927 1.00 82.62  ? 208 SER A CA    1 
ATOM   1524 C C     . SER A 1 242 ? -8.515  8.629   -9.446  1.00 78.79  ? 208 SER A C     1 
ATOM   1525 O O     . SER A 1 242 ? -8.182  7.789   -8.599  1.00 62.69  ? 208 SER A O     1 
ATOM   1526 C CB    . SER A 1 242 ? -9.087  7.290   -11.501 1.00 73.98  ? 208 SER A CB    1 
ATOM   1527 O OG    . SER A 1 242 ? -8.294  6.392   -12.264 1.00 77.08  ? 208 SER A OG    1 
ATOM   1528 N N     . LEU A 1 243 ? -9.097  9.783   -9.140  1.00 78.27  ? 209 LEU A N     1 
ATOM   1529 C CA    . LEU A 1 243 ? -9.579  10.053  -7.804  1.00 65.26  ? 209 LEU A CA    1 
ATOM   1530 C C     . LEU A 1 243 ? -11.091 9.961   -7.868  1.00 68.05  ? 209 LEU A C     1 
ATOM   1531 O O     . LEU A 1 243 ? -11.718 10.625  -8.688  1.00 67.67  ? 209 LEU A O     1 
ATOM   1532 C CB    . LEU A 1 243 ? -9.128  11.433  -7.315  1.00 63.75  ? 209 LEU A CB    1 
ATOM   1533 C CG    . LEU A 1 243 ? -9.685  11.873  -5.952  1.00 73.78  ? 209 LEU A CG    1 
ATOM   1534 C CD1   . LEU A 1 243 ? -9.159  11.010  -4.795  1.00 58.41  ? 209 LEU A CD1   1 
ATOM   1535 C CD2   . LEU A 1 243 ? -9.424  13.353  -5.697  1.00 67.02  ? 209 LEU A CD2   1 
ATOM   1536 N N     . TRP A 1 244 ? -11.660 9.110   -7.014  1.00 78.58  ? 210 TRP A N     1 
ATOM   1537 C CA    . TRP A 1 244 ? -13.102 8.886   -6.949  1.00 73.69  ? 210 TRP A CA    1 
ATOM   1538 C C     . TRP A 1 244 ? -13.650 9.219   -5.560  1.00 74.41  ? 210 TRP A C     1 
ATOM   1539 O O     . TRP A 1 244 ? -13.101 8.793   -4.543  1.00 66.63  ? 210 TRP A O     1 
ATOM   1540 C CB    . TRP A 1 244 ? -13.428 7.436   -7.318  1.00 57.50  ? 210 TRP A CB    1 
ATOM   1541 C CG    . TRP A 1 244 ? -13.085 7.101   -8.734  1.00 69.48  ? 210 TRP A CG    1 
ATOM   1542 C CD1   . TRP A 1 244 ? -11.864 6.721   -9.218  1.00 74.21  ? 210 TRP A CD1   1 
ATOM   1543 C CD2   . TRP A 1 244 ? -13.974 7.126   -9.863  1.00 87.50  ? 210 TRP A CD2   1 
ATOM   1544 N NE1   . TRP A 1 244 ? -11.936 6.502   -10.582 1.00 75.73  ? 210 TRP A NE1   1 
ATOM   1545 C CE2   . TRP A 1 244 ? -13.216 6.747   -11.004 1.00 81.92  ? 210 TRP A CE2   1 
ATOM   1546 C CE3   . TRP A 1 244 ? -15.334 7.431   -10.024 1.00 78.37  ? 210 TRP A CE3   1 
ATOM   1547 C CZ2   . TRP A 1 244 ? -13.773 6.665   -12.285 1.00 73.19  ? 210 TRP A CZ2   1 
ATOM   1548 C CZ3   . TRP A 1 244 ? -15.888 7.348   -11.302 1.00 86.90  ? 210 TRP A CZ3   1 
ATOM   1549 C CH2   . TRP A 1 244 ? -15.106 6.967   -12.415 1.00 78.72  ? 210 TRP A CH2   1 
ATOM   1550 N N     . THR A 1 245 ? -14.744 9.979   -5.530  1.00 84.34  ? 211 THR A N     1 
ATOM   1551 C CA    . THR A 1 245 ? -15.308 10.499  -4.289  1.00 75.30  ? 211 THR A CA    1 
ATOM   1552 C C     . THR A 1 245 ? -16.833 10.401  -4.286  1.00 74.12  ? 211 THR A C     1 
ATOM   1553 O O     . THR A 1 245 ? -17.471 10.468  -5.338  1.00 72.72  ? 211 THR A O     1 
ATOM   1554 C CB    . THR A 1 245 ? -14.900 11.979  -4.077  1.00 84.93  ? 211 THR A CB    1 
ATOM   1555 O OG1   . THR A 1 245 ? -15.077 12.716  -5.302  1.00 89.44  ? 211 THR A OG1   1 
ATOM   1556 C CG2   . THR A 1 245 ? -13.443 12.077  -3.619  1.00 68.04  ? 211 THR A CG2   1 
ATOM   1557 N N     . GLU A 1 246 ? -17.417 10.273  -3.096  1.00 75.49  ? 212 GLU A N     1 
ATOM   1558 C CA    . GLU A 1 246 ? -18.863 10.131  -2.962  1.00 73.69  ? 212 GLU A CA    1 
ATOM   1559 C C     . GLU A 1 246 ? -19.627 11.460  -2.825  1.00 90.08  ? 212 GLU A C     1 
ATOM   1560 O O     . GLU A 1 246 ? -19.456 12.200  -1.851  1.00 87.04  ? 212 GLU A O     1 
ATOM   1561 C CB    . GLU A 1 246 ? -19.203 9.218   -1.788  1.00 66.00  ? 212 GLU A CB    1 
ATOM   1562 C CG    . GLU A 1 246 ? -20.678 9.200   -1.457  1.00 70.37  ? 212 GLU A CG    1 
ATOM   1563 C CD    . GLU A 1 246 ? -21.057 8.009   -0.622  1.00 82.84  ? 212 GLU A CD    1 
ATOM   1564 O OE1   . GLU A 1 246 ? -20.162 7.441   0.051   1.00 88.80  ? 212 GLU A OE1   1 
ATOM   1565 O OE2   . GLU A 1 246 ? -22.247 7.632   -0.652  1.00 89.64  ? 212 GLU A OE2   1 
ATOM   1566 N N     . LYS A 1 247 ? -20.494 11.737  -3.801  1.00 103.97 ? 213 LYS A N     1 
ATOM   1567 C CA    . LYS A 1 247 ? -21.365 12.915  -3.767  1.00 96.24  ? 213 LYS A CA    1 
ATOM   1568 C C     . LYS A 1 247 ? -22.570 12.686  -2.844  1.00 101.46 ? 213 LYS A C     1 
ATOM   1569 O O     . LYS A 1 247 ? -23.373 11.759  -3.043  1.00 91.18  ? 213 LYS A O     1 
ATOM   1570 C CB    . LYS A 1 247 ? -21.826 13.272  -5.169  1.00 89.25  ? 213 LYS A CB    1 
ATOM   1571 N N     . THR A 1 248 ? -22.689 13.543  -1.833  1.00 119.95 ? 214 THR A N     1 
ATOM   1572 C CA    . THR A 1 248 ? -23.701 13.384  -0.786  1.00 128.88 ? 214 THR A CA    1 
ATOM   1573 C C     . THR A 1 248 ? -24.814 14.438  -0.859  1.00 113.97 ? 214 THR A C     1 
ATOM   1574 O O     . THR A 1 248 ? -25.810 14.257  -1.561  1.00 99.07  ? 214 THR A O     1 
ATOM   1575 C CB    . THR A 1 248 ? -23.050 13.418  0.622   1.00 114.60 ? 214 THR A CB    1 
ATOM   1576 O OG1   . THR A 1 248 ? -21.978 14.375  0.634   1.00 104.21 ? 214 THR A OG1   1 
ATOM   1577 C CG2   . THR A 1 248 ? -22.504 12.041  0.996   1.00 97.19  ? 214 THR A CG2   1 
HETATM 1578 P PG    . ACP B 2 .   ? 10.661  1.753   -1.210  1.00 135.85 ? 301 ACP A PG    1 
HETATM 1579 O O1G   . ACP B 2 .   ? 11.301  2.903   -1.954  1.00 127.74 ? 301 ACP A O1G   1 
HETATM 1580 O O2G   . ACP B 2 .   ? 11.321  1.403   0.125   1.00 91.69  ? 301 ACP A O2G   1 
HETATM 1581 O O3G   . ACP B 2 .   ? 9.153   1.845   -1.248  1.00 114.60 ? 301 ACP A O3G   1 
HETATM 1582 P PB    . ACP B 2 .   ? 9.720   -0.998  -1.900  1.00 159.24 ? 301 ACP A PB    1 
HETATM 1583 O O1B   . ACP B 2 .   ? 10.271  -2.191  -2.650  1.00 136.67 ? 301 ACP A O1B   1 
HETATM 1584 O O2B   . ACP B 2 .   ? 8.332   -0.535  -2.295  1.00 114.62 ? 301 ACP A O2B   1 
HETATM 1585 C C3B   . ACP B 2 .   ? 10.933  0.308   -2.266  1.00 134.01 ? 301 ACP A C3B   1 
HETATM 1586 P PA    . ACP B 2 .   ? 8.558   -1.239  0.779   1.00 108.40 ? 301 ACP A PA    1 
HETATM 1587 O O1A   . ACP B 2 .   ? 9.080   -1.231  2.204   1.00 120.79 ? 301 ACP A O1A   1 
HETATM 1588 O O2A   . ACP B 2 .   ? 7.731   -0.062  0.308   1.00 84.70  ? 301 ACP A O2A   1 
HETATM 1589 O O3A   . ACP B 2 .   ? 9.781   -1.345  -0.297  1.00 146.34 ? 301 ACP A O3A   1 
HETATM 1590 O "O5'" . ACP B 2 .   ? 7.751   -2.639  0.649   1.00 98.75  ? 301 ACP A "O5'" 1 
HETATM 1591 C "C5'" . ACP B 2 .   ? 8.441   -3.883  0.490   1.00 98.33  ? 301 ACP A "C5'" 1 
HETATM 1592 C "C4'" . ACP B 2 .   ? 7.889   -4.788  -0.631  1.00 100.88 ? 301 ACP A "C4'" 1 
HETATM 1593 O "O4'" . ACP B 2 .   ? 6.467   -4.991  -0.587  1.00 87.62  ? 301 ACP A "O4'" 1 
HETATM 1594 C "C3'" . ACP B 2 .   ? 8.144   -4.351  -2.073  1.00 103.31 ? 301 ACP A "C3'" 1 
HETATM 1595 O "O3'" . ACP B 2 .   ? 9.477   -4.597  -2.518  1.00 104.69 ? 301 ACP A "O3'" 1 
HETATM 1596 C "C2'" . ACP B 2 .   ? 7.192   -5.248  -2.816  1.00 98.15  ? 301 ACP A "C2'" 1 
HETATM 1597 O "O2'" . ACP B 2 .   ? 7.724   -6.578  -2.844  1.00 87.09  ? 301 ACP A "O2'" 1 
HETATM 1598 C "C1'" . ACP B 2 .   ? 5.971   -5.253  -1.922  1.00 91.11  ? 301 ACP A "C1'" 1 
HETATM 1599 N N9    . ACP B 2 .   ? 5.013   -4.220  -2.427  1.00 89.64  ? 301 ACP A N9    1 
HETATM 1600 C C8    . ACP B 2 .   ? 4.901   -2.945  -1.995  1.00 83.47  ? 301 ACP A C8    1 
HETATM 1601 N N7    . ACP B 2 .   ? 3.919   -2.279  -2.661  1.00 84.17  ? 301 ACP A N7    1 
HETATM 1602 C C5    . ACP B 2 .   ? 3.371   -3.134  -3.553  1.00 83.22  ? 301 ACP A C5    1 
HETATM 1603 C C6    . ACP B 2 .   ? 2.289   -3.080  -4.576  1.00 70.65  ? 301 ACP A C6    1 
HETATM 1604 N N6    . ACP B 2 .   ? 1.568   -1.948  -4.793  1.00 74.04  ? 301 ACP A N6    1 
HETATM 1605 N N1    . ACP B 2 .   ? 2.042   -4.208  -5.288  1.00 69.83  ? 301 ACP A N1    1 
HETATM 1606 C C2    . ACP B 2 .   ? 2.740   -5.346  -5.090  1.00 76.64  ? 301 ACP A C2    1 
HETATM 1607 N N3    . ACP B 2 .   ? 3.729   -5.463  -4.182  1.00 87.37  ? 301 ACP A N3    1 
HETATM 1608 C C4    . ACP B 2 .   ? 4.088   -4.414  -3.389  1.00 93.24  ? 301 ACP A C4    1 
HETATM 1609 O O1    . PG4 C 3 .   ? -11.796 -5.553  -0.998  1.00 59.44  ? 302 PG4 A O1    1 
HETATM 1610 C C1    . PG4 C 3 .   ? -11.869 -6.413  -2.152  1.00 71.56  ? 302 PG4 A C1    1 
HETATM 1611 C C2    . PG4 C 3 .   ? -11.471 -5.713  -3.460  1.00 80.39  ? 302 PG4 A C2    1 
HETATM 1612 O O2    . PG4 C 3 .   ? -12.227 -4.510  -3.693  1.00 94.40  ? 302 PG4 A O2    1 
HETATM 1613 C C3    . PG4 C 3 .   ? -11.688 -3.694  -4.750  1.00 68.48  ? 302 PG4 A C3    1 
HETATM 1614 C C4    . PG4 C 3 .   ? -12.425 -2.354  -4.889  1.00 70.29  ? 302 PG4 A C4    1 
HETATM 1615 O O3    . PG4 C 3 .   ? -12.216 -1.470  -3.770  1.00 80.78  ? 302 PG4 A O3    1 
HETATM 1616 C C5    . PG4 C 3 .   ? -12.939 -0.222  -3.856  1.00 62.09  ? 302 PG4 A C5    1 
HETATM 1617 C C6    . PG4 C 3 .   ? -12.665 0.721   -2.668  1.00 70.86  ? 302 PG4 A C6    1 
HETATM 1618 O O4    . PG4 C 3 .   ? -13.290 0.304   -1.437  1.00 87.70  ? 302 PG4 A O4    1 
HETATM 1619 C C7    . PG4 C 3 .   ? -12.885 1.079   -0.295  1.00 76.27  ? 302 PG4 A C7    1 
HETATM 1620 C C8    . PG4 C 3 .   ? -13.579 0.606   0.991   1.00 87.78  ? 302 PG4 A C8    1 
HETATM 1621 O O5    . PG4 C 3 .   ? -13.087 -0.670  1.455   1.00 68.77  ? 302 PG4 A O5    1 
HETATM 1622 O O     . HOH D 4 .   ? -0.966  16.354  12.185  1.00 56.26  ? 401 HOH A O     1 
HETATM 1623 O O     . HOH D 4 .   ? 17.385  14.342  1.242   0.50 27.62  ? 402 HOH A O     1 
HETATM 1624 O O     . HOH D 4 .   ? 9.729   10.874  7.034   1.00 28.59  ? 403 HOH A O     1 
HETATM 1625 O O     . HOH D 4 .   ? 10.083  5.908   -3.155  1.00 61.16  ? 404 HOH A O     1 
HETATM 1626 O O     . HOH D 4 .   ? -10.622 -24.117 3.860   1.00 74.76  ? 405 HOH A O     1 
HETATM 1627 O O     . HOH D 4 .   ? 8.071   -1.395  -4.961  1.00 82.45  ? 406 HOH A O     1 
HETATM 1628 O O     . HOH D 4 .   ? -16.134 9.430   -0.109  1.00 49.28  ? 407 HOH A O     1 
HETATM 1629 O O     . HOH D 4 .   ? 13.967  3.433   3.929   1.00 66.41  ? 408 HOH A O     1 
HETATM 1630 O O     . HOH D 4 .   ? 12.042  14.586  8.000   1.00 47.55  ? 409 HOH A O     1 
HETATM 1631 O O     . HOH D 4 .   ? 11.495  10.536  -3.084  1.00 86.53  ? 410 HOH A O     1 
HETATM 1632 O O     . HOH D 4 .   ? -3.516  -15.643 -15.595 1.00 40.84  ? 411 HOH A O     1 
HETATM 1633 O O     . HOH D 4 .   ? -3.769  -20.092 -8.430  1.00 45.20  ? 412 HOH A O     1 
HETATM 1634 O O     . HOH D 4 .   ? -2.434  -21.887 -6.561  1.00 42.33  ? 413 HOH A O     1 
HETATM 1635 O O     . HOH D 4 .   ? 4.962   -4.195  -27.747 0.50 40.93  ? 414 HOH A O     1 
HETATM 1636 O O     . HOH D 4 .   ? 10.191  -5.609  23.192  1.00 39.98  ? 415 HOH A O     1 
HETATM 1637 O O     . HOH D 4 .   ? 0.276   17.693  7.002   1.00 83.43  ? 416 HOH A O     1 
HETATM 1638 O O     . HOH D 4 .   ? -0.114  -4.927  -7.312  1.00 58.96  ? 417 HOH A O     1 
HETATM 1639 O O     . HOH D 4 .   ? -2.008  -13.277 -5.088  1.00 56.26  ? 418 HOH A O     1 
HETATM 1640 O O     . HOH D 4 .   ? 7.245   3.762   -1.804  1.00 80.87  ? 419 HOH A O     1 
HETATM 1641 O O     . HOH D 4 .   ? 12.509  -6.039  24.878  0.25 49.42  ? 420 HOH A O     1 
# 
loop_
_pdbx_poly_seq_scheme.asym_id 
_pdbx_poly_seq_scheme.entity_id 
_pdbx_poly_seq_scheme.seq_id 
_pdbx_poly_seq_scheme.mon_id 
_pdbx_poly_seq_scheme.ndb_seq_num 
_pdbx_poly_seq_scheme.pdb_seq_num 
_pdbx_poly_seq_scheme.auth_seq_num 
_pdbx_poly_seq_scheme.pdb_mon_id 
_pdbx_poly_seq_scheme.auth_mon_id 
_pdbx_poly_seq_scheme.pdb_strand_id 
_pdbx_poly_seq_scheme.pdb_ins_code 
_pdbx_poly_seq_scheme.hetero 
A 1 1   MET 1   -33 ?   ?   ?   A . n 
A 1 2   GLY 2   -32 ?   ?   ?   A . n 
A 1 3   SER 3   -31 ?   ?   ?   A . n 
A 1 4   SER 4   -30 ?   ?   ?   A . n 
A 1 5   HIS 5   -29 ?   ?   ?   A . n 
A 1 6   HIS 6   -28 ?   ?   ?   A . n 
A 1 7   HIS 7   -27 ?   ?   ?   A . n 
A 1 8   HIS 8   -26 ?   ?   ?   A . n 
A 1 9   HIS 9   -25 ?   ?   ?   A . n 
A 1 10  HIS 10  -24 ?   ?   ?   A . n 
A 1 11  SER 11  -23 ?   ?   ?   A . n 
A 1 12  SER 12  -22 ?   ?   ?   A . n 
A 1 13  GLY 13  -21 ?   ?   ?   A . n 
A 1 14  LEU 14  -20 ?   ?   ?   A . n 
A 1 15  VAL 15  -19 ?   ?   ?   A . n 
A 1 16  PRO 16  -18 ?   ?   ?   A . n 
A 1 17  ARG 17  -17 ?   ?   ?   A . n 
A 1 18  GLY 18  -16 ?   ?   ?   A . n 
A 1 19  SER 19  -15 ?   ?   ?   A . n 
A 1 20  HIS 20  -14 ?   ?   ?   A . n 
A 1 21  MET 21  -13 ?   ?   ?   A . n 
A 1 22  ALA 22  -12 ?   ?   ?   A . n 
A 1 23  SER 23  -11 ?   ?   ?   A . n 
A 1 24  MET 24  -10 ?   ?   ?   A . n 
A 1 25  THR 25  -9  ?   ?   ?   A . n 
A 1 26  GLY 26  -8  ?   ?   ?   A . n 
A 1 27  GLY 27  -7  ?   ?   ?   A . n 
A 1 28  GLN 28  -6  ?   ?   ?   A . n 
A 1 29  GLN 29  -5  ?   ?   ?   A . n 
A 1 30  MET 30  -4  ?   ?   ?   A . n 
A 1 31  GLY 31  -3  ?   ?   ?   A . n 
A 1 32  ARG 32  -2  ?   ?   ?   A . n 
A 1 33  GLY 33  -1  ?   ?   ?   A . n 
A 1 34  SER 34  0   ?   ?   ?   A . n 
A 1 35  MET 35  1   ?   ?   ?   A . n 
A 1 36  ALA 36  2   2   ALA ALA A . n 
A 1 37  SER 37  3   3   SER SER A . n 
A 1 38  GLU 38  4   4   GLU GLU A . n 
A 1 39  THR 39  5   5   THR THR A . n 
A 1 40  GLU 40  6   6   GLU GLU A . n 
A 1 41  THR 41  7   7   THR THR A . n 
A 1 42  PHE 42  8   8   PHE PHE A . n 
A 1 43  ALA 43  9   9   ALA ALA A . n 
A 1 44  PHE 44  10  10  PHE PHE A . n 
A 1 45  GLN 45  11  11  GLN GLN A . n 
A 1 46  ALA 46  12  12  ALA ALA A . n 
A 1 47  GLU 47  13  13  GLU GLU A . n 
A 1 48  ILE 48  14  14  ILE ILE A . n 
A 1 49  ASN 49  15  15  ASN ASN A . n 
A 1 50  GLN 50  16  16  GLN GLN A . n 
A 1 51  LEU 51  17  17  LEU LEU A . n 
A 1 52  LEU 52  18  18  LEU LEU A . n 
A 1 53  SER 53  19  19  SER SER A . n 
A 1 54  LEU 54  20  20  LEU LEU A . n 
A 1 55  ILE 55  21  21  ILE ILE A . n 
A 1 56  ILE 56  22  22  ILE ILE A . n 
A 1 57  ASN 57  23  23  ASN ASN A . n 
A 1 58  THR 58  24  24  THR THR A . n 
A 1 59  PHE 59  25  25  PHE PHE A . n 
A 1 60  TYR 60  26  26  TYR TYR A . n 
A 1 61  SER 61  27  27  SER SER A . n 
A 1 62  ASN 62  28  28  ASN ASN A . n 
A 1 63  LYS 63  29  29  LYS LYS A . n 
A 1 64  GLU 64  30  30  GLU GLU A . n 
A 1 65  ILE 65  31  31  ILE ALA A . n 
A 1 66  PHE 66  32  32  PHE PHE A . n 
A 1 67  LEU 67  33  33  LEU LEU A . n 
A 1 68  ARG 68  34  34  ARG ARG A . n 
A 1 69  GLU 69  35  35  GLU GLU A . n 
A 1 70  LEU 70  36  36  LEU LEU A . n 
A 1 71  ILE 71  37  37  ILE ILE A . n 
A 1 72  SER 72  38  38  SER SER A . n 
A 1 73  ASN 73  39  39  ASN ASN A . n 
A 1 74  SER 74  40  40  SER SER A . n 
A 1 75  SER 75  41  41  SER SER A . n 
A 1 76  ASP 76  42  42  ASP ASP A . n 
A 1 77  ALA 77  43  43  ALA ALA A . n 
A 1 78  LEU 78  44  44  LEU LEU A . n 
A 1 79  ASP 79  45  45  ASP ASP A . n 
A 1 80  LYS 80  46  46  LYS ALA A . n 
A 1 81  ILE 81  47  47  ILE ILE A . n 
A 1 82  ARG 82  48  48  ARG ARG A . n 
A 1 83  PHE 83  49  49  PHE PHE A . n 
A 1 84  GLU 84  50  50  GLU GLU A . n 
A 1 85  SER 85  51  51  SER SER A . n 
A 1 86  LEU 86  52  52  LEU LEU A . n 
A 1 87  THR 87  53  53  THR THR A . n 
A 1 88  ASP 88  54  54  ASP ASP A . n 
A 1 89  LYS 89  55  55  LYS ALA A . n 
A 1 90  SER 90  56  56  SER SER A . n 
A 1 91  LYS 91  57  57  LYS LYS A . n 
A 1 92  LEU 92  58  58  LEU LEU A . n 
A 1 93  ASP 93  59  59  ASP ASP A . n 
A 1 94  ALA 94  60  60  ALA ALA A . n 
A 1 95  GLN 95  61  61  GLN GLN A . n 
A 1 96  PRO 96  62  62  PRO PRO A . n 
A 1 97  GLU 97  63  63  GLU GLU A . n 
A 1 98  LEU 98  64  64  LEU LEU A . n 
A 1 99  PHE 99  65  65  PHE PHE A . n 
A 1 100 ILE 100 66  66  ILE ILE A . n 
A 1 101 HIS 101 67  67  HIS HIS A . n 
A 1 102 ILE 102 68  68  ILE ILE A . n 
A 1 103 VAL 103 69  69  VAL VAL A . n 
A 1 104 PRO 104 70  70  PRO PRO A . n 
A 1 105 ASP 105 71  71  ASP ASP A . n 
A 1 106 LYS 106 72  72  LYS LYS A . n 
A 1 107 ALA 107 73  73  ALA ALA A . n 
A 1 108 SER 108 74  74  SER SER A . n 
A 1 109 ASN 109 75  75  ASN ASN A . n 
A 1 110 THR 110 76  76  THR THR A . n 
A 1 111 LEU 111 77  77  LEU LEU A . n 
A 1 112 SER 112 78  78  SER SER A . n 
A 1 113 ILE 113 79  79  ILE ILE A . n 
A 1 114 ILE 114 80  80  ILE ILE A . n 
A 1 115 ASP 115 81  81  ASP ASP A . n 
A 1 116 SER 116 82  82  SER SER A . n 
A 1 117 GLY 117 83  83  GLY GLY A . n 
A 1 118 VAL 118 84  84  VAL VAL A . n 
A 1 119 GLY 119 85  85  GLY GLY A . n 
A 1 120 MET 120 86  86  MET MET A . n 
A 1 121 THR 121 87  87  THR THR A . n 
A 1 122 LYS 122 88  88  LYS LYS A . n 
A 1 123 SER 123 89  89  SER SER A . n 
A 1 124 ASP 124 90  90  ASP ASP A . n 
A 1 125 LEU 125 91  91  LEU LEU A . n 
A 1 126 VAL 126 92  92  VAL VAL A . n 
A 1 127 ASN 127 93  93  ASN ASN A . n 
A 1 128 ASN 128 94  94  ASN ASN A . n 
A 1 129 LEU 129 95  95  LEU LEU A . n 
A 1 130 GLY 130 96  96  GLY GLY A . n 
A 1 131 THR 131 97  97  THR THR A . n 
A 1 132 ILE 132 98  98  ILE ILE A . n 
A 1 133 ALA 133 99  99  ALA ALA A . n 
A 1 134 ARG 134 100 100 ARG ALA A . n 
A 1 135 SER 135 101 101 SER SER A . n 
A 1 136 GLY 136 102 102 GLY GLY A . n 
A 1 137 THR 137 103 103 THR THR A . n 
A 1 138 LYS 138 104 104 LYS ALA A . n 
A 1 139 GLU 139 105 105 GLU GLU A . n 
A 1 140 PHE 140 106 106 PHE PHE A . n 
A 1 141 MET 141 107 107 MET ALA A . n 
A 1 142 GLU 142 108 108 GLU ALA A . n 
A 1 143 ALA 143 109 109 ALA ALA A . n 
A 1 144 LEU 144 110 110 LEU ALA A . n 
A 1 145 ALA 145 111 111 ALA ALA A . n 
A 1 146 ALA 146 112 112 ALA ALA A . n 
A 1 147 GLY 147 113 ?   ?   ?   A . n 
A 1 148 ALA 148 114 ?   ?   ?   A . n 
A 1 149 ASP 149 115 ?   ?   ?   A . n 
A 1 150 VAL 150 116 ?   ?   ?   A . n 
A 1 151 SER 151 117 ?   ?   ?   A . n 
A 1 152 MET 152 118 ?   ?   ?   A . n 
A 1 153 ILE 153 119 ?   ?   ?   A . n 
A 1 154 GLY 154 120 ?   ?   ?   A . n 
A 1 155 GLN 155 121 121 GLN ALA A . n 
A 1 156 PHE 156 122 122 PHE PHE A . n 
A 1 157 GLY 157 123 123 GLY GLY A . n 
A 1 158 VAL 158 124 124 VAL VAL A . n 
A 1 159 GLY 159 125 125 GLY GLY A . n 
A 1 160 PHE 160 126 126 PHE PHE A . n 
A 1 161 TYR 161 127 127 TYR TYR A . n 
A 1 162 SER 162 128 128 SER SER A . n 
A 1 163 ALA 163 129 129 ALA ALA A . n 
A 1 164 TYR 164 130 130 TYR TYR A . n 
A 1 165 LEU 165 131 131 LEU LEU A . n 
A 1 166 VAL 166 132 132 VAL VAL A . n 
A 1 167 ALA 167 133 133 ALA ALA A . n 
A 1 168 GLU 168 134 134 GLU GLU A . n 
A 1 169 ARG 169 135 135 ARG ARG A . n 
A 1 170 VAL 170 136 136 VAL VAL A . n 
A 1 171 VAL 171 137 137 VAL VAL A . n 
A 1 172 VAL 172 138 138 VAL VAL A . n 
A 1 173 THR 173 139 139 THR THR A . n 
A 1 174 THR 174 140 140 THR THR A . n 
A 1 175 LYS 175 141 141 LYS LYS A . n 
A 1 176 HIS 176 142 142 HIS HIS A . n 
A 1 177 ASN 177 143 143 ASN ASN A . n 
A 1 178 ASP 178 144 144 ASP ASP A . n 
A 1 179 ASP 179 145 145 ASP ASP A . n 
A 1 180 GLU 180 146 146 GLU GLU A . n 
A 1 181 GLN 181 147 147 GLN GLN A . n 
A 1 182 TYR 182 148 148 TYR TYR A . n 
A 1 183 VAL 183 149 149 VAL VAL A . n 
A 1 184 TRP 184 150 150 TRP TRP A . n 
A 1 185 GLU 185 151 151 GLU GLU A . n 
A 1 186 SER 186 152 152 SER SER A . n 
A 1 187 GLN 187 153 153 GLN GLN A . n 
A 1 188 ALA 188 154 154 ALA ALA A . n 
A 1 189 GLY 189 155 155 GLY GLY A . n 
A 1 190 GLY 190 156 156 GLY GLY A . n 
A 1 191 SER 191 157 157 SER SER A . n 
A 1 192 PHE 192 158 158 PHE PHE A . n 
A 1 193 THR 193 159 159 THR THR A . n 
A 1 194 VAL 194 160 160 VAL VAL A . n 
A 1 195 THR 195 161 161 THR THR A . n 
A 1 196 ARG 196 162 162 ARG ARG A . n 
A 1 197 ASP 197 163 163 ASP ASP A . n 
A 1 198 THR 198 164 164 THR THR A . n 
A 1 199 SER 199 165 165 SER SER A . n 
A 1 200 GLY 200 166 166 GLY GLY A . n 
A 1 201 GLU 201 167 167 GLU GLU A . n 
A 1 202 GLN 202 168 168 GLN GLN A . n 
A 1 203 LEU 203 169 169 LEU LEU A . n 
A 1 204 GLY 204 170 170 GLY GLY A . n 
A 1 205 ARG 205 171 171 ARG ARG A . n 
A 1 206 GLY 206 172 172 GLY GLY A . n 
A 1 207 THR 207 173 173 THR THR A . n 
A 1 208 LYS 208 174 174 LYS LYS A . n 
A 1 209 ILE 209 175 175 ILE ILE A . n 
A 1 210 THR 210 176 176 THR THR A . n 
A 1 211 LEU 211 177 177 LEU LEU A . n 
A 1 212 TYR 212 178 178 TYR TYR A . n 
A 1 213 LEU 213 179 179 LEU LEU A . n 
A 1 214 LYS 214 180 180 LYS LYS A . n 
A 1 215 ASP 215 181 181 ASP ASP A . n 
A 1 216 ASP 216 182 182 ASP ASP A . n 
A 1 217 GLN 217 183 183 GLN GLN A . n 
A 1 218 LEU 218 184 184 LEU LEU A . n 
A 1 219 GLU 219 185 185 GLU GLU A . n 
A 1 220 TYR 220 186 186 TYR TYR A . n 
A 1 221 LEU 221 187 187 LEU LEU A . n 
A 1 222 GLU 222 188 188 GLU GLU A . n 
A 1 223 GLU 223 189 189 GLU GLU A . n 
A 1 224 ARG 224 190 190 ARG ARG A . n 
A 1 225 ARG 225 191 191 ARG ARG A . n 
A 1 226 LEU 226 192 192 LEU LEU A . n 
A 1 227 LYS 227 193 193 LYS LYS A . n 
A 1 228 ASP 228 194 194 ASP ASP A . n 
A 1 229 LEU 229 195 195 LEU LEU A . n 
A 1 230 VAL 230 196 196 VAL VAL A . n 
A 1 231 LYS 231 197 197 LYS ALA A . n 
A 1 232 LYS 232 198 198 LYS ALA A . n 
A 1 233 HIS 233 199 199 HIS ALA A . n 
A 1 234 SER 234 200 200 SER SER A . n 
A 1 235 GLU 235 201 201 GLU GLU A . n 
A 1 236 PHE 236 202 202 PHE PHE A . n 
A 1 237 ILE 237 203 203 ILE ILE A . n 
A 1 238 SER 238 204 204 SER SER A . n 
A 1 239 TYR 239 205 205 TYR TYR A . n 
A 1 240 PRO 240 206 206 PRO PRO A . n 
A 1 241 ILE 241 207 207 ILE ILE A . n 
A 1 242 SER 242 208 208 SER SER A . n 
A 1 243 LEU 243 209 209 LEU LEU A . n 
A 1 244 TRP 244 210 210 TRP TRP A . n 
A 1 245 THR 245 211 211 THR THR A . n 
A 1 246 GLU 246 212 212 GLU GLU A . n 
A 1 247 LYS 247 213 213 LYS ALA A . n 
A 1 248 THR 248 214 214 THR THR A . n 
A 1 249 THR 249 215 ?   ?   ?   A . n 
A 1 250 GLU 250 216 ?   ?   ?   A . n 
# 
loop_
_pdbx_nonpoly_scheme.asym_id 
_pdbx_nonpoly_scheme.entity_id 
_pdbx_nonpoly_scheme.mon_id 
_pdbx_nonpoly_scheme.ndb_seq_num 
_pdbx_nonpoly_scheme.pdb_seq_num 
_pdbx_nonpoly_scheme.auth_seq_num 
_pdbx_nonpoly_scheme.pdb_mon_id 
_pdbx_nonpoly_scheme.auth_mon_id 
_pdbx_nonpoly_scheme.pdb_strand_id 
_pdbx_nonpoly_scheme.pdb_ins_code 
B 2 ACP 1  301 1  ACP ACP A . 
C 3 PG4 1  302 1  PG4 PG4 A . 
D 4 HOH 1  401 1  HOH HOH A . 
D 4 HOH 2  402 7  HOH HOH A . 
D 4 HOH 3  403 2  HOH HOH A . 
D 4 HOH 4  404 3  HOH HOH A . 
D 4 HOH 5  405 4  HOH HOH A . 
D 4 HOH 6  406 5  HOH HOH A . 
D 4 HOH 7  407 8  HOH HOH A . 
D 4 HOH 8  408 9  HOH HOH A . 
D 4 HOH 9  409 10 HOH HOH A . 
D 4 HOH 10 410 11 HOH HOH A . 
D 4 HOH 11 411 12 HOH HOH A . 
D 4 HOH 12 412 13 HOH HOH A . 
D 4 HOH 13 413 14 HOH HOH A . 
D 4 HOH 14 414 15 HOH HOH A . 
D 4 HOH 15 415 16 HOH HOH A . 
D 4 HOH 16 416 17 HOH HOH A . 
D 4 HOH 17 417 18 HOH HOH A . 
D 4 HOH 18 418 19 HOH HOH A . 
D 4 HOH 19 419 20 HOH HOH A . 
D 4 HOH 20 420 21 HOH HOH A . 
# 
_pdbx_struct_assembly.id                   1 
_pdbx_struct_assembly.details              author_and_software_defined_assembly 
_pdbx_struct_assembly.method_details       PISA 
_pdbx_struct_assembly.oligomeric_details   monomeric 
_pdbx_struct_assembly.oligomeric_count     1 
# 
_pdbx_struct_assembly_gen.assembly_id       1 
_pdbx_struct_assembly_gen.oper_expression   1 
_pdbx_struct_assembly_gen.asym_id_list      A,B,C,D 
# 
loop_
_pdbx_struct_assembly_prop.biol_id 
_pdbx_struct_assembly_prop.type 
_pdbx_struct_assembly_prop.value 
_pdbx_struct_assembly_prop.details 
1 'ABSA (A^2)' 760   ? 
1 MORE         -2    ? 
1 'SSA (A^2)'  10220 ? 
# 
_pdbx_struct_oper_list.id                   1 
_pdbx_struct_oper_list.type                 'identity operation' 
_pdbx_struct_oper_list.name                 1_555 
_pdbx_struct_oper_list.symmetry_operation   x,y,z 
_pdbx_struct_oper_list.matrix[1][1]         1.0000000000 
_pdbx_struct_oper_list.matrix[1][2]         0.0000000000 
_pdbx_struct_oper_list.matrix[1][3]         0.0000000000 
_pdbx_struct_oper_list.vector[1]            0.0000000000 
_pdbx_struct_oper_list.matrix[2][1]         0.0000000000 
_pdbx_struct_oper_list.matrix[2][2]         1.0000000000 
_pdbx_struct_oper_list.matrix[2][3]         0.0000000000 
_pdbx_struct_oper_list.vector[2]            0.0000000000 
_pdbx_struct_oper_list.matrix[3][1]         0.0000000000 
_pdbx_struct_oper_list.matrix[3][2]         0.0000000000 
_pdbx_struct_oper_list.matrix[3][3]         1.0000000000 
_pdbx_struct_oper_list.vector[3]            0.0000000000 
# 
loop_
_pdbx_struct_special_symmetry.id 
_pdbx_struct_special_symmetry.PDB_model_num 
_pdbx_struct_special_symmetry.auth_asym_id 
_pdbx_struct_special_symmetry.auth_comp_id 
_pdbx_struct_special_symmetry.auth_seq_id 
_pdbx_struct_special_symmetry.PDB_ins_code 
_pdbx_struct_special_symmetry.label_asym_id 
_pdbx_struct_special_symmetry.label_comp_id 
_pdbx_struct_special_symmetry.label_seq_id 
1 1 A HOH 402 ? D HOH . 
2 1 A HOH 414 ? D HOH . 
3 1 A HOH 420 ? D HOH . 
# 
loop_
_pdbx_audit_revision_history.ordinal 
_pdbx_audit_revision_history.data_content_type 
_pdbx_audit_revision_history.major_revision 
_pdbx_audit_revision_history.minor_revision 
_pdbx_audit_revision_history.revision_date 
1 'Structure model' 1 0 2015-06-10 
2 'Structure model' 1 1 2020-01-01 
3 'Structure model' 1 2 2023-11-08 
# 
_pdbx_audit_revision_details.ordinal             1 
_pdbx_audit_revision_details.revision_ordinal    1 
_pdbx_audit_revision_details.data_content_type   'Structure model' 
_pdbx_audit_revision_details.provider            repository 
_pdbx_audit_revision_details.type                'Initial release' 
_pdbx_audit_revision_details.description         ? 
_pdbx_audit_revision_details.details             ? 
# 
loop_
_pdbx_audit_revision_group.ordinal 
_pdbx_audit_revision_group.revision_ordinal 
_pdbx_audit_revision_group.data_content_type 
_pdbx_audit_revision_group.group 
1 2 'Structure model' 'Database references'    
2 2 'Structure model' 'Derived calculations'   
3 2 'Structure model' 'Source and taxonomy'    
4 3 'Structure model' 'Data collection'        
5 3 'Structure model' 'Database references'    
6 3 'Structure model' 'Refinement description' 
# 
loop_
_pdbx_audit_revision_category.ordinal 
_pdbx_audit_revision_category.revision_ordinal 
_pdbx_audit_revision_category.data_content_type 
_pdbx_audit_revision_category.category 
1 2 'Structure model' citation                      
2 2 'Structure model' entity_src_gen                
3 2 'Structure model' pdbx_struct_oper_list         
4 3 'Structure model' chem_comp_atom                
5 3 'Structure model' chem_comp_bond                
6 3 'Structure model' database_2                    
7 3 'Structure model' pdbx_initial_refinement_model 
# 
loop_
_pdbx_audit_revision_item.ordinal 
_pdbx_audit_revision_item.revision_ordinal 
_pdbx_audit_revision_item.data_content_type 
_pdbx_audit_revision_item.item 
1 2 'Structure model' '_citation.pdbx_database_id_PubMed'         
2 2 'Structure model' '_citation.title'                           
3 2 'Structure model' '_entity_src_gen.pdbx_alt_source_flag'      
4 2 'Structure model' '_pdbx_struct_oper_list.symmetry_operation' 
5 3 'Structure model' '_database_2.pdbx_DOI'                      
6 3 'Structure model' '_database_2.pdbx_database_accession'       
# 
_software.citation_id            ? 
_software.classification         refinement 
_software.compiler_name          ? 
_software.compiler_version       ? 
_software.contact_author         ? 
_software.contact_author_email   ? 
_software.date                   ? 
_software.description            ? 
_software.dependencies           ? 
_software.hardware               ? 
_software.language               ? 
_software.location               ? 
_software.mods                   ? 
_software.name                   PHENIX 
_software.os                     ? 
_software.os_version             ? 
_software.type                   ? 
_software.version                '(phenix.refine: 1.7.3_928)' 
_software.pdbx_ordinal           1 
# 
loop_
_pdbx_validate_torsion.id 
_pdbx_validate_torsion.PDB_model_num 
_pdbx_validate_torsion.auth_comp_id 
_pdbx_validate_torsion.auth_asym_id 
_pdbx_validate_torsion.auth_seq_id 
_pdbx_validate_torsion.PDB_ins_code 
_pdbx_validate_torsion.label_alt_id 
_pdbx_validate_torsion.phi 
_pdbx_validate_torsion.psi 
1 1 PRO A 62  ? ? -71.47 49.95   
2 1 ASN A 93  ? ? -90.72 -63.84  
3 1 LEU A 95  ? ? -72.26 -70.40  
4 1 SER A 101 ? ? 46.55  -111.04 
5 1 PHE A 122 ? ? -79.49 -72.66  
6 1 ILE A 203 ? ? 177.53 168.18  
# 
loop_
_pdbx_distant_solvent_atoms.id 
_pdbx_distant_solvent_atoms.PDB_model_num 
_pdbx_distant_solvent_atoms.auth_atom_id 
_pdbx_distant_solvent_atoms.label_alt_id 
_pdbx_distant_solvent_atoms.auth_asym_id 
_pdbx_distant_solvent_atoms.auth_comp_id 
_pdbx_distant_solvent_atoms.auth_seq_id 
_pdbx_distant_solvent_atoms.PDB_ins_code 
_pdbx_distant_solvent_atoms.neighbor_macromolecule_distance 
_pdbx_distant_solvent_atoms.neighbor_ligand_distance 
1 1 O ? A HOH 414 ? 7.53 . 
2 1 O ? A HOH 415 ? 7.35 . 
3 1 O ? A HOH 420 ? 9.56 . 
# 
loop_
_pdbx_unobs_or_zero_occ_atoms.id 
_pdbx_unobs_or_zero_occ_atoms.PDB_model_num 
_pdbx_unobs_or_zero_occ_atoms.polymer_flag 
_pdbx_unobs_or_zero_occ_atoms.occupancy_flag 
_pdbx_unobs_or_zero_occ_atoms.auth_asym_id 
_pdbx_unobs_or_zero_occ_atoms.auth_comp_id 
_pdbx_unobs_or_zero_occ_atoms.auth_seq_id 
_pdbx_unobs_or_zero_occ_atoms.PDB_ins_code 
_pdbx_unobs_or_zero_occ_atoms.auth_atom_id 
_pdbx_unobs_or_zero_occ_atoms.label_alt_id 
_pdbx_unobs_or_zero_occ_atoms.label_asym_id 
_pdbx_unobs_or_zero_occ_atoms.label_comp_id 
_pdbx_unobs_or_zero_occ_atoms.label_seq_id 
_pdbx_unobs_or_zero_occ_atoms.label_atom_id 
1  1 Y 1 A ILE 31  ? CG1 ? A ILE 65  CG1 
2  1 Y 1 A ILE 31  ? CG2 ? A ILE 65  CG2 
3  1 Y 1 A ILE 31  ? CD1 ? A ILE 65  CD1 
4  1 Y 1 A LYS 46  ? CG  ? A LYS 80  CG  
5  1 Y 1 A LYS 46  ? CD  ? A LYS 80  CD  
6  1 Y 1 A LYS 46  ? CE  ? A LYS 80  CE  
7  1 Y 1 A LYS 46  ? NZ  ? A LYS 80  NZ  
8  1 Y 1 A LYS 55  ? CG  ? A LYS 89  CG  
9  1 Y 1 A LYS 55  ? CD  ? A LYS 89  CD  
10 1 Y 1 A LYS 55  ? CE  ? A LYS 89  CE  
11 1 Y 1 A LYS 55  ? NZ  ? A LYS 89  NZ  
12 1 Y 1 A ARG 100 ? CG  ? A ARG 134 CG  
13 1 Y 1 A ARG 100 ? CD  ? A ARG 134 CD  
14 1 Y 1 A ARG 100 ? NE  ? A ARG 134 NE  
15 1 Y 1 A ARG 100 ? CZ  ? A ARG 134 CZ  
16 1 Y 1 A ARG 100 ? NH1 ? A ARG 134 NH1 
17 1 Y 1 A ARG 100 ? NH2 ? A ARG 134 NH2 
18 1 Y 1 A LYS 104 ? CG  ? A LYS 138 CG  
19 1 Y 1 A LYS 104 ? CD  ? A LYS 138 CD  
20 1 Y 1 A LYS 104 ? CE  ? A LYS 138 CE  
21 1 Y 1 A LYS 104 ? NZ  ? A LYS 138 NZ  
22 1 Y 1 A MET 107 ? CG  ? A MET 141 CG  
23 1 Y 1 A MET 107 ? SD  ? A MET 141 SD  
24 1 Y 1 A MET 107 ? CE  ? A MET 141 CE  
25 1 Y 1 A GLU 108 ? CG  ? A GLU 142 CG  
26 1 Y 1 A GLU 108 ? CD  ? A GLU 142 CD  
27 1 Y 1 A GLU 108 ? OE1 ? A GLU 142 OE1 
28 1 Y 1 A GLU 108 ? OE2 ? A GLU 142 OE2 
29 1 Y 1 A LEU 110 ? CG  ? A LEU 144 CG  
30 1 Y 1 A LEU 110 ? CD1 ? A LEU 144 CD1 
31 1 Y 1 A LEU 110 ? CD2 ? A LEU 144 CD2 
32 1 Y 1 A GLN 121 ? CG  ? A GLN 155 CG  
33 1 Y 1 A GLN 121 ? CD  ? A GLN 155 CD  
34 1 Y 1 A GLN 121 ? OE1 ? A GLN 155 OE1 
35 1 Y 1 A GLN 121 ? NE2 ? A GLN 155 NE2 
36 1 Y 1 A LYS 197 ? CG  ? A LYS 231 CG  
37 1 Y 1 A LYS 197 ? CD  ? A LYS 231 CD  
38 1 Y 1 A LYS 197 ? CE  ? A LYS 231 CE  
39 1 Y 1 A LYS 197 ? NZ  ? A LYS 231 NZ  
40 1 Y 1 A LYS 198 ? CG  ? A LYS 232 CG  
41 1 Y 1 A LYS 198 ? CD  ? A LYS 232 CD  
42 1 Y 1 A LYS 198 ? CE  ? A LYS 232 CE  
43 1 Y 1 A LYS 198 ? NZ  ? A LYS 232 NZ  
44 1 Y 1 A HIS 199 ? CG  ? A HIS 233 CG  
45 1 Y 1 A HIS 199 ? ND1 ? A HIS 233 ND1 
46 1 Y 1 A HIS 199 ? CD2 ? A HIS 233 CD2 
47 1 Y 1 A HIS 199 ? CE1 ? A HIS 233 CE1 
48 1 Y 1 A HIS 199 ? NE2 ? A HIS 233 NE2 
49 1 Y 1 A LYS 213 ? CG  ? A LYS 247 CG  
50 1 Y 1 A LYS 213 ? CD  ? A LYS 247 CD  
51 1 Y 1 A LYS 213 ? CE  ? A LYS 247 CE  
52 1 Y 1 A LYS 213 ? NZ  ? A LYS 247 NZ  
# 
loop_
_pdbx_unobs_or_zero_occ_residues.id 
_pdbx_unobs_or_zero_occ_residues.PDB_model_num 
_pdbx_unobs_or_zero_occ_residues.polymer_flag 
_pdbx_unobs_or_zero_occ_residues.occupancy_flag 
_pdbx_unobs_or_zero_occ_residues.auth_asym_id 
_pdbx_unobs_or_zero_occ_residues.auth_comp_id 
_pdbx_unobs_or_zero_occ_residues.auth_seq_id 
_pdbx_unobs_or_zero_occ_residues.PDB_ins_code 
_pdbx_unobs_or_zero_occ_residues.label_asym_id 
_pdbx_unobs_or_zero_occ_residues.label_comp_id 
_pdbx_unobs_or_zero_occ_residues.label_seq_id 
1  1 Y 1 A MET -33 ? A MET 1   
2  1 Y 1 A GLY -32 ? A GLY 2   
3  1 Y 1 A SER -31 ? A SER 3   
4  1 Y 1 A SER -30 ? A SER 4   
5  1 Y 1 A HIS -29 ? A HIS 5   
6  1 Y 1 A HIS -28 ? A HIS 6   
7  1 Y 1 A HIS -27 ? A HIS 7   
8  1 Y 1 A HIS -26 ? A HIS 8   
9  1 Y 1 A HIS -25 ? A HIS 9   
10 1 Y 1 A HIS -24 ? A HIS 10  
11 1 Y 1 A SER -23 ? A SER 11  
12 1 Y 1 A SER -22 ? A SER 12  
13 1 Y 1 A GLY -21 ? A GLY 13  
14 1 Y 1 A LEU -20 ? A LEU 14  
15 1 Y 1 A VAL -19 ? A VAL 15  
16 1 Y 1 A PRO -18 ? A PRO 16  
17 1 Y 1 A ARG -17 ? A ARG 17  
18 1 Y 1 A GLY -16 ? A GLY 18  
19 1 Y 1 A SER -15 ? A SER 19  
20 1 Y 1 A HIS -14 ? A HIS 20  
21 1 Y 1 A MET -13 ? A MET 21  
22 1 Y 1 A ALA -12 ? A ALA 22  
23 1 Y 1 A SER -11 ? A SER 23  
24 1 Y 1 A MET -10 ? A MET 24  
25 1 Y 1 A THR -9  ? A THR 25  
26 1 Y 1 A GLY -8  ? A GLY 26  
27 1 Y 1 A GLY -7  ? A GLY 27  
28 1 Y 1 A GLN -6  ? A GLN 28  
29 1 Y 1 A GLN -5  ? A GLN 29  
30 1 Y 1 A MET -4  ? A MET 30  
31 1 Y 1 A GLY -3  ? A GLY 31  
32 1 Y 1 A ARG -2  ? A ARG 32  
33 1 Y 1 A GLY -1  ? A GLY 33  
34 1 Y 1 A SER 0   ? A SER 34  
35 1 Y 1 A MET 1   ? A MET 35  
36 1 Y 1 A GLY 113 ? A GLY 147 
37 1 Y 1 A ALA 114 ? A ALA 148 
38 1 Y 1 A ASP 115 ? A ASP 149 
39 1 Y 1 A VAL 116 ? A VAL 150 
40 1 Y 1 A SER 117 ? A SER 151 
41 1 Y 1 A MET 118 ? A MET 152 
42 1 Y 1 A ILE 119 ? A ILE 153 
43 1 Y 1 A GLY 120 ? A GLY 154 
44 1 Y 1 A THR 215 ? A THR 249 
45 1 Y 1 A GLU 216 ? A GLU 250 
# 
loop_
_chem_comp_atom.comp_id 
_chem_comp_atom.atom_id 
_chem_comp_atom.type_symbol 
_chem_comp_atom.pdbx_aromatic_flag 
_chem_comp_atom.pdbx_stereo_config 
_chem_comp_atom.pdbx_ordinal 
ACP PG     P N N 1   
ACP O1G    O N N 2   
ACP O2G    O N N 3   
ACP O3G    O N N 4   
ACP PB     P N S 5   
ACP O1B    O N N 6   
ACP O2B    O N N 7   
ACP C3B    C N N 8   
ACP PA     P N R 9   
ACP O1A    O N N 10  
ACP O2A    O N N 11  
ACP O3A    O N N 12  
ACP "O5'"  O N N 13  
ACP "C5'"  C N N 14  
ACP "C4'"  C N R 15  
ACP "O4'"  O N N 16  
ACP "C3'"  C N S 17  
ACP "O3'"  O N N 18  
ACP "C2'"  C N R 19  
ACP "O2'"  O N N 20  
ACP "C1'"  C N R 21  
ACP N9     N Y N 22  
ACP C8     C Y N 23  
ACP N7     N Y N 24  
ACP C5     C Y N 25  
ACP C6     C Y N 26  
ACP N6     N N N 27  
ACP N1     N Y N 28  
ACP C2     C Y N 29  
ACP N3     N Y N 30  
ACP C4     C Y N 31  
ACP HOG2   H N N 32  
ACP HOG3   H N N 33  
ACP HOB2   H N N 34  
ACP H3B1   H N N 35  
ACP H3B2   H N N 36  
ACP HOA2   H N N 37  
ACP "H5'1" H N N 38  
ACP "H5'2" H N N 39  
ACP "H4'"  H N N 40  
ACP "H3'"  H N N 41  
ACP "HO3'" H N N 42  
ACP "H2'"  H N N 43  
ACP "HO2'" H N N 44  
ACP "H1'"  H N N 45  
ACP H8     H N N 46  
ACP HN61   H N N 47  
ACP HN62   H N N 48  
ACP H2     H N N 49  
ALA N      N N N 50  
ALA CA     C N S 51  
ALA C      C N N 52  
ALA O      O N N 53  
ALA CB     C N N 54  
ALA OXT    O N N 55  
ALA H      H N N 56  
ALA H2     H N N 57  
ALA HA     H N N 58  
ALA HB1    H N N 59  
ALA HB2    H N N 60  
ALA HB3    H N N 61  
ALA HXT    H N N 62  
ARG N      N N N 63  
ARG CA     C N S 64  
ARG C      C N N 65  
ARG O      O N N 66  
ARG CB     C N N 67  
ARG CG     C N N 68  
ARG CD     C N N 69  
ARG NE     N N N 70  
ARG CZ     C N N 71  
ARG NH1    N N N 72  
ARG NH2    N N N 73  
ARG OXT    O N N 74  
ARG H      H N N 75  
ARG H2     H N N 76  
ARG HA     H N N 77  
ARG HB2    H N N 78  
ARG HB3    H N N 79  
ARG HG2    H N N 80  
ARG HG3    H N N 81  
ARG HD2    H N N 82  
ARG HD3    H N N 83  
ARG HE     H N N 84  
ARG HH11   H N N 85  
ARG HH12   H N N 86  
ARG HH21   H N N 87  
ARG HH22   H N N 88  
ARG HXT    H N N 89  
ASN N      N N N 90  
ASN CA     C N S 91  
ASN C      C N N 92  
ASN O      O N N 93  
ASN CB     C N N 94  
ASN CG     C N N 95  
ASN OD1    O N N 96  
ASN ND2    N N N 97  
ASN OXT    O N N 98  
ASN H      H N N 99  
ASN H2     H N N 100 
ASN HA     H N N 101 
ASN HB2    H N N 102 
ASN HB3    H N N 103 
ASN HD21   H N N 104 
ASN HD22   H N N 105 
ASN HXT    H N N 106 
ASP N      N N N 107 
ASP CA     C N S 108 
ASP C      C N N 109 
ASP O      O N N 110 
ASP CB     C N N 111 
ASP CG     C N N 112 
ASP OD1    O N N 113 
ASP OD2    O N N 114 
ASP OXT    O N N 115 
ASP H      H N N 116 
ASP H2     H N N 117 
ASP HA     H N N 118 
ASP HB2    H N N 119 
ASP HB3    H N N 120 
ASP HD2    H N N 121 
ASP HXT    H N N 122 
GLN N      N N N 123 
GLN CA     C N S 124 
GLN C      C N N 125 
GLN O      O N N 126 
GLN CB     C N N 127 
GLN CG     C N N 128 
GLN CD     C N N 129 
GLN OE1    O N N 130 
GLN NE2    N N N 131 
GLN OXT    O N N 132 
GLN H      H N N 133 
GLN H2     H N N 134 
GLN HA     H N N 135 
GLN HB2    H N N 136 
GLN HB3    H N N 137 
GLN HG2    H N N 138 
GLN HG3    H N N 139 
GLN HE21   H N N 140 
GLN HE22   H N N 141 
GLN HXT    H N N 142 
GLU N      N N N 143 
GLU CA     C N S 144 
GLU C      C N N 145 
GLU O      O N N 146 
GLU CB     C N N 147 
GLU CG     C N N 148 
GLU CD     C N N 149 
GLU OE1    O N N 150 
GLU OE2    O N N 151 
GLU OXT    O N N 152 
GLU H      H N N 153 
GLU H2     H N N 154 
GLU HA     H N N 155 
GLU HB2    H N N 156 
GLU HB3    H N N 157 
GLU HG2    H N N 158 
GLU HG3    H N N 159 
GLU HE2    H N N 160 
GLU HXT    H N N 161 
GLY N      N N N 162 
GLY CA     C N N 163 
GLY C      C N N 164 
GLY O      O N N 165 
GLY OXT    O N N 166 
GLY H      H N N 167 
GLY H2     H N N 168 
GLY HA2    H N N 169 
GLY HA3    H N N 170 
GLY HXT    H N N 171 
HIS N      N N N 172 
HIS CA     C N S 173 
HIS C      C N N 174 
HIS O      O N N 175 
HIS CB     C N N 176 
HIS CG     C Y N 177 
HIS ND1    N Y N 178 
HIS CD2    C Y N 179 
HIS CE1    C Y N 180 
HIS NE2    N Y N 181 
HIS OXT    O N N 182 
HIS H      H N N 183 
HIS H2     H N N 184 
HIS HA     H N N 185 
HIS HB2    H N N 186 
HIS HB3    H N N 187 
HIS HD1    H N N 188 
HIS HD2    H N N 189 
HIS HE1    H N N 190 
HIS HE2    H N N 191 
HIS HXT    H N N 192 
HOH O      O N N 193 
HOH H1     H N N 194 
HOH H2     H N N 195 
ILE N      N N N 196 
ILE CA     C N S 197 
ILE C      C N N 198 
ILE O      O N N 199 
ILE CB     C N S 200 
ILE CG1    C N N 201 
ILE CG2    C N N 202 
ILE CD1    C N N 203 
ILE OXT    O N N 204 
ILE H      H N N 205 
ILE H2     H N N 206 
ILE HA     H N N 207 
ILE HB     H N N 208 
ILE HG12   H N N 209 
ILE HG13   H N N 210 
ILE HG21   H N N 211 
ILE HG22   H N N 212 
ILE HG23   H N N 213 
ILE HD11   H N N 214 
ILE HD12   H N N 215 
ILE HD13   H N N 216 
ILE HXT    H N N 217 
LEU N      N N N 218 
LEU CA     C N S 219 
LEU C      C N N 220 
LEU O      O N N 221 
LEU CB     C N N 222 
LEU CG     C N N 223 
LEU CD1    C N N 224 
LEU CD2    C N N 225 
LEU OXT    O N N 226 
LEU H      H N N 227 
LEU H2     H N N 228 
LEU HA     H N N 229 
LEU HB2    H N N 230 
LEU HB3    H N N 231 
LEU HG     H N N 232 
LEU HD11   H N N 233 
LEU HD12   H N N 234 
LEU HD13   H N N 235 
LEU HD21   H N N 236 
LEU HD22   H N N 237 
LEU HD23   H N N 238 
LEU HXT    H N N 239 
LYS N      N N N 240 
LYS CA     C N S 241 
LYS C      C N N 242 
LYS O      O N N 243 
LYS CB     C N N 244 
LYS CG     C N N 245 
LYS CD     C N N 246 
LYS CE     C N N 247 
LYS NZ     N N N 248 
LYS OXT    O N N 249 
LYS H      H N N 250 
LYS H2     H N N 251 
LYS HA     H N N 252 
LYS HB2    H N N 253 
LYS HB3    H N N 254 
LYS HG2    H N N 255 
LYS HG3    H N N 256 
LYS HD2    H N N 257 
LYS HD3    H N N 258 
LYS HE2    H N N 259 
LYS HE3    H N N 260 
LYS HZ1    H N N 261 
LYS HZ2    H N N 262 
LYS HZ3    H N N 263 
LYS HXT    H N N 264 
MET N      N N N 265 
MET CA     C N S 266 
MET C      C N N 267 
MET O      O N N 268 
MET CB     C N N 269 
MET CG     C N N 270 
MET SD     S N N 271 
MET CE     C N N 272 
MET OXT    O N N 273 
MET H      H N N 274 
MET H2     H N N 275 
MET HA     H N N 276 
MET HB2    H N N 277 
MET HB3    H N N 278 
MET HG2    H N N 279 
MET HG3    H N N 280 
MET HE1    H N N 281 
MET HE2    H N N 282 
MET HE3    H N N 283 
MET HXT    H N N 284 
PG4 O1     O N N 285 
PG4 C1     C N N 286 
PG4 C2     C N N 287 
PG4 O2     O N N 288 
PG4 C3     C N N 289 
PG4 C4     C N N 290 
PG4 O3     O N N 291 
PG4 C5     C N N 292 
PG4 C6     C N N 293 
PG4 O4     O N N 294 
PG4 C7     C N N 295 
PG4 C8     C N N 296 
PG4 O5     O N N 297 
PG4 HO1    H N N 298 
PG4 H11    H N N 299 
PG4 H12    H N N 300 
PG4 H21    H N N 301 
PG4 H22    H N N 302 
PG4 H31    H N N 303 
PG4 H32    H N N 304 
PG4 H41    H N N 305 
PG4 H42    H N N 306 
PG4 H51    H N N 307 
PG4 H52    H N N 308 
PG4 H61    H N N 309 
PG4 H62    H N N 310 
PG4 H71    H N N 311 
PG4 H72    H N N 312 
PG4 H81    H N N 313 
PG4 H82    H N N 314 
PG4 HO5    H N N 315 
PHE N      N N N 316 
PHE CA     C N S 317 
PHE C      C N N 318 
PHE O      O N N 319 
PHE CB     C N N 320 
PHE CG     C Y N 321 
PHE CD1    C Y N 322 
PHE CD2    C Y N 323 
PHE CE1    C Y N 324 
PHE CE2    C Y N 325 
PHE CZ     C Y N 326 
PHE OXT    O N N 327 
PHE H      H N N 328 
PHE H2     H N N 329 
PHE HA     H N N 330 
PHE HB2    H N N 331 
PHE HB3    H N N 332 
PHE HD1    H N N 333 
PHE HD2    H N N 334 
PHE HE1    H N N 335 
PHE HE2    H N N 336 
PHE HZ     H N N 337 
PHE HXT    H N N 338 
PRO N      N N N 339 
PRO CA     C N S 340 
PRO C      C N N 341 
PRO O      O N N 342 
PRO CB     C N N 343 
PRO CG     C N N 344 
PRO CD     C N N 345 
PRO OXT    O N N 346 
PRO H      H N N 347 
PRO HA     H N N 348 
PRO HB2    H N N 349 
PRO HB3    H N N 350 
PRO HG2    H N N 351 
PRO HG3    H N N 352 
PRO HD2    H N N 353 
PRO HD3    H N N 354 
PRO HXT    H N N 355 
SER N      N N N 356 
SER CA     C N S 357 
SER C      C N N 358 
SER O      O N N 359 
SER CB     C N N 360 
SER OG     O N N 361 
SER OXT    O N N 362 
SER H      H N N 363 
SER H2     H N N 364 
SER HA     H N N 365 
SER HB2    H N N 366 
SER HB3    H N N 367 
SER HG     H N N 368 
SER HXT    H N N 369 
THR N      N N N 370 
THR CA     C N S 371 
THR C      C N N 372 
THR O      O N N 373 
THR CB     C N R 374 
THR OG1    O N N 375 
THR CG2    C N N 376 
THR OXT    O N N 377 
THR H      H N N 378 
THR H2     H N N 379 
THR HA     H N N 380 
THR HB     H N N 381 
THR HG1    H N N 382 
THR HG21   H N N 383 
THR HG22   H N N 384 
THR HG23   H N N 385 
THR HXT    H N N 386 
TRP N      N N N 387 
TRP CA     C N S 388 
TRP C      C N N 389 
TRP O      O N N 390 
TRP CB     C N N 391 
TRP CG     C Y N 392 
TRP CD1    C Y N 393 
TRP CD2    C Y N 394 
TRP NE1    N Y N 395 
TRP CE2    C Y N 396 
TRP CE3    C Y N 397 
TRP CZ2    C Y N 398 
TRP CZ3    C Y N 399 
TRP CH2    C Y N 400 
TRP OXT    O N N 401 
TRP H      H N N 402 
TRP H2     H N N 403 
TRP HA     H N N 404 
TRP HB2    H N N 405 
TRP HB3    H N N 406 
TRP HD1    H N N 407 
TRP HE1    H N N 408 
TRP HE3    H N N 409 
TRP HZ2    H N N 410 
TRP HZ3    H N N 411 
TRP HH2    H N N 412 
TRP HXT    H N N 413 
TYR N      N N N 414 
TYR CA     C N S 415 
TYR C      C N N 416 
TYR O      O N N 417 
TYR CB     C N N 418 
TYR CG     C Y N 419 
TYR CD1    C Y N 420 
TYR CD2    C Y N 421 
TYR CE1    C Y N 422 
TYR CE2    C Y N 423 
TYR CZ     C Y N 424 
TYR OH     O N N 425 
TYR OXT    O N N 426 
TYR H      H N N 427 
TYR H2     H N N 428 
TYR HA     H N N 429 
TYR HB2    H N N 430 
TYR HB3    H N N 431 
TYR HD1    H N N 432 
TYR HD2    H N N 433 
TYR HE1    H N N 434 
TYR HE2    H N N 435 
TYR HH     H N N 436 
TYR HXT    H N N 437 
VAL N      N N N 438 
VAL CA     C N S 439 
VAL C      C N N 440 
VAL O      O N N 441 
VAL CB     C N N 442 
VAL CG1    C N N 443 
VAL CG2    C N N 444 
VAL OXT    O N N 445 
VAL H      H N N 446 
VAL H2     H N N 447 
VAL HA     H N N 448 
VAL HB     H N N 449 
VAL HG11   H N N 450 
VAL HG12   H N N 451 
VAL HG13   H N N 452 
VAL HG21   H N N 453 
VAL HG22   H N N 454 
VAL HG23   H N N 455 
VAL HXT    H N N 456 
# 
loop_
_chem_comp_bond.comp_id 
_chem_comp_bond.atom_id_1 
_chem_comp_bond.atom_id_2 
_chem_comp_bond.value_order 
_chem_comp_bond.pdbx_aromatic_flag 
_chem_comp_bond.pdbx_stereo_config 
_chem_comp_bond.pdbx_ordinal 
ACP PG    O1G    doub N N 1   
ACP PG    O2G    sing N N 2   
ACP PG    O3G    sing N N 3   
ACP PG    C3B    sing N N 4   
ACP O2G   HOG2   sing N N 5   
ACP O3G   HOG3   sing N N 6   
ACP PB    O1B    doub N N 7   
ACP PB    O2B    sing N N 8   
ACP PB    C3B    sing N N 9   
ACP PB    O3A    sing N N 10  
ACP O2B   HOB2   sing N N 11  
ACP C3B   H3B1   sing N N 12  
ACP C3B   H3B2   sing N N 13  
ACP PA    O1A    doub N N 14  
ACP PA    O2A    sing N N 15  
ACP PA    O3A    sing N N 16  
ACP PA    "O5'"  sing N N 17  
ACP O2A   HOA2   sing N N 18  
ACP "O5'" "C5'"  sing N N 19  
ACP "C5'" "C4'"  sing N N 20  
ACP "C5'" "H5'1" sing N N 21  
ACP "C5'" "H5'2" sing N N 22  
ACP "C4'" "O4'"  sing N N 23  
ACP "C4'" "C3'"  sing N N 24  
ACP "C4'" "H4'"  sing N N 25  
ACP "O4'" "C1'"  sing N N 26  
ACP "C3'" "O3'"  sing N N 27  
ACP "C3'" "C2'"  sing N N 28  
ACP "C3'" "H3'"  sing N N 29  
ACP "O3'" "HO3'" sing N N 30  
ACP "C2'" "O2'"  sing N N 31  
ACP "C2'" "C1'"  sing N N 32  
ACP "C2'" "H2'"  sing N N 33  
ACP "O2'" "HO2'" sing N N 34  
ACP "C1'" N9     sing N N 35  
ACP "C1'" "H1'"  sing N N 36  
ACP N9    C8     sing Y N 37  
ACP N9    C4     sing Y N 38  
ACP C8    N7     doub Y N 39  
ACP C8    H8     sing N N 40  
ACP N7    C5     sing Y N 41  
ACP C5    C6     sing Y N 42  
ACP C5    C4     doub Y N 43  
ACP C6    N6     sing N N 44  
ACP C6    N1     doub Y N 45  
ACP N6    HN61   sing N N 46  
ACP N6    HN62   sing N N 47  
ACP N1    C2     sing Y N 48  
ACP C2    N3     doub Y N 49  
ACP C2    H2     sing N N 50  
ACP N3    C4     sing Y N 51  
ALA N     CA     sing N N 52  
ALA N     H      sing N N 53  
ALA N     H2     sing N N 54  
ALA CA    C      sing N N 55  
ALA CA    CB     sing N N 56  
ALA CA    HA     sing N N 57  
ALA C     O      doub N N 58  
ALA C     OXT    sing N N 59  
ALA CB    HB1    sing N N 60  
ALA CB    HB2    sing N N 61  
ALA CB    HB3    sing N N 62  
ALA OXT   HXT    sing N N 63  
ARG N     CA     sing N N 64  
ARG N     H      sing N N 65  
ARG N     H2     sing N N 66  
ARG CA    C      sing N N 67  
ARG CA    CB     sing N N 68  
ARG CA    HA     sing N N 69  
ARG C     O      doub N N 70  
ARG C     OXT    sing N N 71  
ARG CB    CG     sing N N 72  
ARG CB    HB2    sing N N 73  
ARG CB    HB3    sing N N 74  
ARG CG    CD     sing N N 75  
ARG CG    HG2    sing N N 76  
ARG CG    HG3    sing N N 77  
ARG CD    NE     sing N N 78  
ARG CD    HD2    sing N N 79  
ARG CD    HD3    sing N N 80  
ARG NE    CZ     sing N N 81  
ARG NE    HE     sing N N 82  
ARG CZ    NH1    sing N N 83  
ARG CZ    NH2    doub N N 84  
ARG NH1   HH11   sing N N 85  
ARG NH1   HH12   sing N N 86  
ARG NH2   HH21   sing N N 87  
ARG NH2   HH22   sing N N 88  
ARG OXT   HXT    sing N N 89  
ASN N     CA     sing N N 90  
ASN N     H      sing N N 91  
ASN N     H2     sing N N 92  
ASN CA    C      sing N N 93  
ASN CA    CB     sing N N 94  
ASN CA    HA     sing N N 95  
ASN C     O      doub N N 96  
ASN C     OXT    sing N N 97  
ASN CB    CG     sing N N 98  
ASN CB    HB2    sing N N 99  
ASN CB    HB3    sing N N 100 
ASN CG    OD1    doub N N 101 
ASN CG    ND2    sing N N 102 
ASN ND2   HD21   sing N N 103 
ASN ND2   HD22   sing N N 104 
ASN OXT   HXT    sing N N 105 
ASP N     CA     sing N N 106 
ASP N     H      sing N N 107 
ASP N     H2     sing N N 108 
ASP CA    C      sing N N 109 
ASP CA    CB     sing N N 110 
ASP CA    HA     sing N N 111 
ASP C     O      doub N N 112 
ASP C     OXT    sing N N 113 
ASP CB    CG     sing N N 114 
ASP CB    HB2    sing N N 115 
ASP CB    HB3    sing N N 116 
ASP CG    OD1    doub N N 117 
ASP CG    OD2    sing N N 118 
ASP OD2   HD2    sing N N 119 
ASP OXT   HXT    sing N N 120 
GLN N     CA     sing N N 121 
GLN N     H      sing N N 122 
GLN N     H2     sing N N 123 
GLN CA    C      sing N N 124 
GLN CA    CB     sing N N 125 
GLN CA    HA     sing N N 126 
GLN C     O      doub N N 127 
GLN C     OXT    sing N N 128 
GLN CB    CG     sing N N 129 
GLN CB    HB2    sing N N 130 
GLN CB    HB3    sing N N 131 
GLN CG    CD     sing N N 132 
GLN CG    HG2    sing N N 133 
GLN CG    HG3    sing N N 134 
GLN CD    OE1    doub N N 135 
GLN CD    NE2    sing N N 136 
GLN NE2   HE21   sing N N 137 
GLN NE2   HE22   sing N N 138 
GLN OXT   HXT    sing N N 139 
GLU N     CA     sing N N 140 
GLU N     H      sing N N 141 
GLU N     H2     sing N N 142 
GLU CA    C      sing N N 143 
GLU CA    CB     sing N N 144 
GLU CA    HA     sing N N 145 
GLU C     O      doub N N 146 
GLU C     OXT    sing N N 147 
GLU CB    CG     sing N N 148 
GLU CB    HB2    sing N N 149 
GLU CB    HB3    sing N N 150 
GLU CG    CD     sing N N 151 
GLU CG    HG2    sing N N 152 
GLU CG    HG3    sing N N 153 
GLU CD    OE1    doub N N 154 
GLU CD    OE2    sing N N 155 
GLU OE2   HE2    sing N N 156 
GLU OXT   HXT    sing N N 157 
GLY N     CA     sing N N 158 
GLY N     H      sing N N 159 
GLY N     H2     sing N N 160 
GLY CA    C      sing N N 161 
GLY CA    HA2    sing N N 162 
GLY CA    HA3    sing N N 163 
GLY C     O      doub N N 164 
GLY C     OXT    sing N N 165 
GLY OXT   HXT    sing N N 166 
HIS N     CA     sing N N 167 
HIS N     H      sing N N 168 
HIS N     H2     sing N N 169 
HIS CA    C      sing N N 170 
HIS CA    CB     sing N N 171 
HIS CA    HA     sing N N 172 
HIS C     O      doub N N 173 
HIS C     OXT    sing N N 174 
HIS CB    CG     sing N N 175 
HIS CB    HB2    sing N N 176 
HIS CB    HB3    sing N N 177 
HIS CG    ND1    sing Y N 178 
HIS CG    CD2    doub Y N 179 
HIS ND1   CE1    doub Y N 180 
HIS ND1   HD1    sing N N 181 
HIS CD2   NE2    sing Y N 182 
HIS CD2   HD2    sing N N 183 
HIS CE1   NE2    sing Y N 184 
HIS CE1   HE1    sing N N 185 
HIS NE2   HE2    sing N N 186 
HIS OXT   HXT    sing N N 187 
HOH O     H1     sing N N 188 
HOH O     H2     sing N N 189 
ILE N     CA     sing N N 190 
ILE N     H      sing N N 191 
ILE N     H2     sing N N 192 
ILE CA    C      sing N N 193 
ILE CA    CB     sing N N 194 
ILE CA    HA     sing N N 195 
ILE C     O      doub N N 196 
ILE C     OXT    sing N N 197 
ILE CB    CG1    sing N N 198 
ILE CB    CG2    sing N N 199 
ILE CB    HB     sing N N 200 
ILE CG1   CD1    sing N N 201 
ILE CG1   HG12   sing N N 202 
ILE CG1   HG13   sing N N 203 
ILE CG2   HG21   sing N N 204 
ILE CG2   HG22   sing N N 205 
ILE CG2   HG23   sing N N 206 
ILE CD1   HD11   sing N N 207 
ILE CD1   HD12   sing N N 208 
ILE CD1   HD13   sing N N 209 
ILE OXT   HXT    sing N N 210 
LEU N     CA     sing N N 211 
LEU N     H      sing N N 212 
LEU N     H2     sing N N 213 
LEU CA    C      sing N N 214 
LEU CA    CB     sing N N 215 
LEU CA    HA     sing N N 216 
LEU C     O      doub N N 217 
LEU C     OXT    sing N N 218 
LEU CB    CG     sing N N 219 
LEU CB    HB2    sing N N 220 
LEU CB    HB3    sing N N 221 
LEU CG    CD1    sing N N 222 
LEU CG    CD2    sing N N 223 
LEU CG    HG     sing N N 224 
LEU CD1   HD11   sing N N 225 
LEU CD1   HD12   sing N N 226 
LEU CD1   HD13   sing N N 227 
LEU CD2   HD21   sing N N 228 
LEU CD2   HD22   sing N N 229 
LEU CD2   HD23   sing N N 230 
LEU OXT   HXT    sing N N 231 
LYS N     CA     sing N N 232 
LYS N     H      sing N N 233 
LYS N     H2     sing N N 234 
LYS CA    C      sing N N 235 
LYS CA    CB     sing N N 236 
LYS CA    HA     sing N N 237 
LYS C     O      doub N N 238 
LYS C     OXT    sing N N 239 
LYS CB    CG     sing N N 240 
LYS CB    HB2    sing N N 241 
LYS CB    HB3    sing N N 242 
LYS CG    CD     sing N N 243 
LYS CG    HG2    sing N N 244 
LYS CG    HG3    sing N N 245 
LYS CD    CE     sing N N 246 
LYS CD    HD2    sing N N 247 
LYS CD    HD3    sing N N 248 
LYS CE    NZ     sing N N 249 
LYS CE    HE2    sing N N 250 
LYS CE    HE3    sing N N 251 
LYS NZ    HZ1    sing N N 252 
LYS NZ    HZ2    sing N N 253 
LYS NZ    HZ3    sing N N 254 
LYS OXT   HXT    sing N N 255 
MET N     CA     sing N N 256 
MET N     H      sing N N 257 
MET N     H2     sing N N 258 
MET CA    C      sing N N 259 
MET CA    CB     sing N N 260 
MET CA    HA     sing N N 261 
MET C     O      doub N N 262 
MET C     OXT    sing N N 263 
MET CB    CG     sing N N 264 
MET CB    HB2    sing N N 265 
MET CB    HB3    sing N N 266 
MET CG    SD     sing N N 267 
MET CG    HG2    sing N N 268 
MET CG    HG3    sing N N 269 
MET SD    CE     sing N N 270 
MET CE    HE1    sing N N 271 
MET CE    HE2    sing N N 272 
MET CE    HE3    sing N N 273 
MET OXT   HXT    sing N N 274 
PG4 O1    C1     sing N N 275 
PG4 O1    HO1    sing N N 276 
PG4 C1    C2     sing N N 277 
PG4 C1    H11    sing N N 278 
PG4 C1    H12    sing N N 279 
PG4 C2    O2     sing N N 280 
PG4 C2    H21    sing N N 281 
PG4 C2    H22    sing N N 282 
PG4 O2    C3     sing N N 283 
PG4 C3    C4     sing N N 284 
PG4 C3    H31    sing N N 285 
PG4 C3    H32    sing N N 286 
PG4 C4    O3     sing N N 287 
PG4 C4    H41    sing N N 288 
PG4 C4    H42    sing N N 289 
PG4 O3    C5     sing N N 290 
PG4 C5    C6     sing N N 291 
PG4 C5    H51    sing N N 292 
PG4 C5    H52    sing N N 293 
PG4 C6    O4     sing N N 294 
PG4 C6    H61    sing N N 295 
PG4 C6    H62    sing N N 296 
PG4 O4    C7     sing N N 297 
PG4 C7    C8     sing N N 298 
PG4 C7    H71    sing N N 299 
PG4 C7    H72    sing N N 300 
PG4 C8    O5     sing N N 301 
PG4 C8    H81    sing N N 302 
PG4 C8    H82    sing N N 303 
PG4 O5    HO5    sing N N 304 
PHE N     CA     sing N N 305 
PHE N     H      sing N N 306 
PHE N     H2     sing N N 307 
PHE CA    C      sing N N 308 
PHE CA    CB     sing N N 309 
PHE CA    HA     sing N N 310 
PHE C     O      doub N N 311 
PHE C     OXT    sing N N 312 
PHE CB    CG     sing N N 313 
PHE CB    HB2    sing N N 314 
PHE CB    HB3    sing N N 315 
PHE CG    CD1    doub Y N 316 
PHE CG    CD2    sing Y N 317 
PHE CD1   CE1    sing Y N 318 
PHE CD1   HD1    sing N N 319 
PHE CD2   CE2    doub Y N 320 
PHE CD2   HD2    sing N N 321 
PHE CE1   CZ     doub Y N 322 
PHE CE1   HE1    sing N N 323 
PHE CE2   CZ     sing Y N 324 
PHE CE2   HE2    sing N N 325 
PHE CZ    HZ     sing N N 326 
PHE OXT   HXT    sing N N 327 
PRO N     CA     sing N N 328 
PRO N     CD     sing N N 329 
PRO N     H      sing N N 330 
PRO CA    C      sing N N 331 
PRO CA    CB     sing N N 332 
PRO CA    HA     sing N N 333 
PRO C     O      doub N N 334 
PRO C     OXT    sing N N 335 
PRO CB    CG     sing N N 336 
PRO CB    HB2    sing N N 337 
PRO CB    HB3    sing N N 338 
PRO CG    CD     sing N N 339 
PRO CG    HG2    sing N N 340 
PRO CG    HG3    sing N N 341 
PRO CD    HD2    sing N N 342 
PRO CD    HD3    sing N N 343 
PRO OXT   HXT    sing N N 344 
SER N     CA     sing N N 345 
SER N     H      sing N N 346 
SER N     H2     sing N N 347 
SER CA    C      sing N N 348 
SER CA    CB     sing N N 349 
SER CA    HA     sing N N 350 
SER C     O      doub N N 351 
SER C     OXT    sing N N 352 
SER CB    OG     sing N N 353 
SER CB    HB2    sing N N 354 
SER CB    HB3    sing N N 355 
SER OG    HG     sing N N 356 
SER OXT   HXT    sing N N 357 
THR N     CA     sing N N 358 
THR N     H      sing N N 359 
THR N     H2     sing N N 360 
THR CA    C      sing N N 361 
THR CA    CB     sing N N 362 
THR CA    HA     sing N N 363 
THR C     O      doub N N 364 
THR C     OXT    sing N N 365 
THR CB    OG1    sing N N 366 
THR CB    CG2    sing N N 367 
THR CB    HB     sing N N 368 
THR OG1   HG1    sing N N 369 
THR CG2   HG21   sing N N 370 
THR CG2   HG22   sing N N 371 
THR CG2   HG23   sing N N 372 
THR OXT   HXT    sing N N 373 
TRP N     CA     sing N N 374 
TRP N     H      sing N N 375 
TRP N     H2     sing N N 376 
TRP CA    C      sing N N 377 
TRP CA    CB     sing N N 378 
TRP CA    HA     sing N N 379 
TRP C     O      doub N N 380 
TRP C     OXT    sing N N 381 
TRP CB    CG     sing N N 382 
TRP CB    HB2    sing N N 383 
TRP CB    HB3    sing N N 384 
TRP CG    CD1    doub Y N 385 
TRP CG    CD2    sing Y N 386 
TRP CD1   NE1    sing Y N 387 
TRP CD1   HD1    sing N N 388 
TRP CD2   CE2    doub Y N 389 
TRP CD2   CE3    sing Y N 390 
TRP NE1   CE2    sing Y N 391 
TRP NE1   HE1    sing N N 392 
TRP CE2   CZ2    sing Y N 393 
TRP CE3   CZ3    doub Y N 394 
TRP CE3   HE3    sing N N 395 
TRP CZ2   CH2    doub Y N 396 
TRP CZ2   HZ2    sing N N 397 
TRP CZ3   CH2    sing Y N 398 
TRP CZ3   HZ3    sing N N 399 
TRP CH2   HH2    sing N N 400 
TRP OXT   HXT    sing N N 401 
TYR N     CA     sing N N 402 
TYR N     H      sing N N 403 
TYR N     H2     sing N N 404 
TYR CA    C      sing N N 405 
TYR CA    CB     sing N N 406 
TYR CA    HA     sing N N 407 
TYR C     O      doub N N 408 
TYR C     OXT    sing N N 409 
TYR CB    CG     sing N N 410 
TYR CB    HB2    sing N N 411 
TYR CB    HB3    sing N N 412 
TYR CG    CD1    doub Y N 413 
TYR CG    CD2    sing Y N 414 
TYR CD1   CE1    sing Y N 415 
TYR CD1   HD1    sing N N 416 
TYR CD2   CE2    doub Y N 417 
TYR CD2   HD2    sing N N 418 
TYR CE1   CZ     doub Y N 419 
TYR CE1   HE1    sing N N 420 
TYR CE2   CZ     sing Y N 421 
TYR CE2   HE2    sing N N 422 
TYR CZ    OH     sing N N 423 
TYR OH    HH     sing N N 424 
TYR OXT   HXT    sing N N 425 
VAL N     CA     sing N N 426 
VAL N     H      sing N N 427 
VAL N     H2     sing N N 428 
VAL CA    C      sing N N 429 
VAL CA    CB     sing N N 430 
VAL CA    HA     sing N N 431 
VAL C     O      doub N N 432 
VAL C     OXT    sing N N 433 
VAL CB    CG1    sing N N 434 
VAL CB    CG2    sing N N 435 
VAL CB    HB     sing N N 436 
VAL CG1   HG11   sing N N 437 
VAL CG1   HG12   sing N N 438 
VAL CG1   HG13   sing N N 439 
VAL CG2   HG21   sing N N 440 
VAL CG2   HG22   sing N N 441 
VAL CG2   HG23   sing N N 442 
VAL OXT   HXT    sing N N 443 
# 
loop_
_pdbx_entity_nonpoly.entity_id 
_pdbx_entity_nonpoly.name 
_pdbx_entity_nonpoly.comp_id 
2 'PHOSPHOMETHYLPHOSPHONIC ACID ADENYLATE ESTER' ACP 
3 'TETRAETHYLENE GLYCOL'                         PG4 
4 water                                          HOH 
# 
_pdbx_initial_refinement_model.id               1 
_pdbx_initial_refinement_model.entity_id_list   ? 
_pdbx_initial_refinement_model.type             'experimental model' 
_pdbx_initial_refinement_model.source_name      PDB 
_pdbx_initial_refinement_model.accession_code   2JKI 
_pdbx_initial_refinement_model.details          ? 
# 
